data_2UUH
# 
_entry.id   2UUH 
# 
_audit_conform.dict_name       mmcif_pdbx.dic 
_audit_conform.dict_version    5.391 
_audit_conform.dict_location   http://mmcif.pdb.org/dictionaries/ascii/mmcif_pdbx.dic 
# 
loop_
_database_2.database_id 
_database_2.database_code 
_database_2.pdbx_database_accession 
_database_2.pdbx_DOI 
PDB   2UUH         pdb_00002uuh 10.2210/pdb2uuh/pdb 
PDBE  EBI-31691    ?            ?                   
WWPDB D_1290031691 ?            ?                   
# 
loop_
_pdbx_audit_revision_history.ordinal 
_pdbx_audit_revision_history.data_content_type 
_pdbx_audit_revision_history.major_revision 
_pdbx_audit_revision_history.minor_revision 
_pdbx_audit_revision_history.revision_date 
1 'Structure model' 1 0 2007-07-17 
2 'Structure model' 1 1 2011-07-13 
3 'Structure model' 1 2 2011-12-07 
4 'Structure model' 1 3 2024-05-08 
# 
_pdbx_audit_revision_details.ordinal             1 
_pdbx_audit_revision_details.revision_ordinal    1 
_pdbx_audit_revision_details.data_content_type   'Structure model' 
_pdbx_audit_revision_details.provider            repository 
_pdbx_audit_revision_details.type                'Initial release' 
_pdbx_audit_revision_details.description         ? 
_pdbx_audit_revision_details.details             ? 
# 
loop_
_pdbx_audit_revision_group.ordinal 
_pdbx_audit_revision_group.revision_ordinal 
_pdbx_audit_revision_group.data_content_type 
_pdbx_audit_revision_group.group 
1  2 'Structure model' Advisory                    
2  2 'Structure model' 'Version format compliance' 
3  3 'Structure model' Advisory                    
4  3 'Structure model' 'Atomic model'              
5  3 'Structure model' 'Derived calculations'      
6  3 'Structure model' 'Non-polymer description'   
7  3 'Structure model' Other                       
8  4 'Structure model' 'Data collection'           
9  4 'Structure model' 'Database references'       
10 4 'Structure model' 'Derived calculations'      
11 4 'Structure model' Other                       
# 
loop_
_pdbx_audit_revision_category.ordinal 
_pdbx_audit_revision_category.revision_ordinal 
_pdbx_audit_revision_category.data_content_type 
_pdbx_audit_revision_category.category 
1 4 'Structure model' chem_comp_atom         
2 4 'Structure model' chem_comp_bond         
3 4 'Structure model' database_2             
4 4 'Structure model' pdbx_database_status   
5 4 'Structure model' pdbx_struct_conn_angle 
6 4 'Structure model' struct_conn            
7 4 'Structure model' struct_site            
# 
loop_
_pdbx_audit_revision_item.ordinal 
_pdbx_audit_revision_item.revision_ordinal 
_pdbx_audit_revision_item.data_content_type 
_pdbx_audit_revision_item.item 
1  4 'Structure model' '_database_2.pdbx_DOI'                       
2  4 'Structure model' '_database_2.pdbx_database_accession'        
3  4 'Structure model' '_pdbx_database_status.status_code_sf'       
4  4 'Structure model' '_pdbx_struct_conn_angle.ptnr1_auth_seq_id'  
5  4 'Structure model' '_pdbx_struct_conn_angle.ptnr1_label_seq_id' 
6  4 'Structure model' '_pdbx_struct_conn_angle.ptnr1_symmetry'     
7  4 'Structure model' '_pdbx_struct_conn_angle.ptnr3_auth_seq_id'  
8  4 'Structure model' '_pdbx_struct_conn_angle.ptnr3_label_seq_id' 
9  4 'Structure model' '_pdbx_struct_conn_angle.ptnr3_symmetry'     
10 4 'Structure model' '_pdbx_struct_conn_angle.value'              
11 4 'Structure model' '_struct_conn.pdbx_dist_value'               
12 4 'Structure model' '_struct_conn.ptnr1_auth_comp_id'            
13 4 'Structure model' '_struct_conn.ptnr1_auth_seq_id'             
14 4 'Structure model' '_struct_conn.ptnr1_label_asym_id'           
15 4 'Structure model' '_struct_conn.ptnr1_label_atom_id'           
16 4 'Structure model' '_struct_conn.ptnr1_label_comp_id'           
17 4 'Structure model' '_struct_conn.ptnr1_label_seq_id'            
18 4 'Structure model' '_struct_conn.ptnr1_symmetry'                
19 4 'Structure model' '_struct_conn.ptnr2_auth_comp_id'            
20 4 'Structure model' '_struct_conn.ptnr2_auth_seq_id'             
21 4 'Structure model' '_struct_conn.ptnr2_label_asym_id'           
22 4 'Structure model' '_struct_conn.ptnr2_label_atom_id'           
23 4 'Structure model' '_struct_conn.ptnr2_label_comp_id'           
24 4 'Structure model' '_struct_conn.ptnr2_label_seq_id'            
25 4 'Structure model' '_struct_conn.ptnr2_symmetry'                
26 4 'Structure model' '_struct_site.pdbx_auth_asym_id'             
27 4 'Structure model' '_struct_site.pdbx_auth_comp_id'             
28 4 'Structure model' '_struct_site.pdbx_auth_seq_id'              
# 
_database_PDB_caveat.id     1 
_database_PDB_caveat.text   'GSH A1150 CA1 IS WRONG CHIRALITY LMU A1149 C2B IS WRONG CHIRALITY' 
# 
_pdbx_database_status.status_code                     REL 
_pdbx_database_status.entry_id                        2UUH 
_pdbx_database_status.deposit_site                    PDBE 
_pdbx_database_status.process_site                    PDBE 
_pdbx_database_status.SG_entry                        . 
_pdbx_database_status.recvd_initial_deposition_date   2007-03-02 
_pdbx_database_status.pdb_format_compatible           Y 
_pdbx_database_status.status_code_sf                  REL 
_pdbx_database_status.status_code_mr                  ? 
_pdbx_database_status.status_code_cs                  ? 
_pdbx_database_status.methods_development_category    ? 
_pdbx_database_status.status_code_nmr_data            ? 
# 
_pdbx_database_related.db_name        PDB 
_pdbx_database_related.db_id          2UUI 
_pdbx_database_related.content_type   unspecified 
_pdbx_database_related.details        'CRYSTAL STRUCTURE OF HUMAN LEOKOTRIENE C4 SYNTHASE' 
# 
loop_
_audit_author.name 
_audit_author.pdbx_ordinal 
'Martinez Molina, D.' 1  
'Wetterholm, A.'      2  
'Kohl, A.'            3  
'McCarthy, A.A.'      4  
'Niegowski, D.'       5  
'Ohlson, E.'          6  
'Hammarberg, T.'      7  
'Eshaghi, S.'         8  
'Haeggstrom, J.Z.'    9  
'Nordlund, P.'        10 
# 
_citation.id                        primary 
_citation.title                     'Structural Basis for Synthesis of Inflammatory Mediators by Human Leukotriene C4 Synthase.' 
_citation.journal_abbrev            Nature 
_citation.journal_volume            448 
_citation.page_first                613 
_citation.page_last                 ? 
_citation.year                      2007 
_citation.journal_id_ASTM           NATUAS 
_citation.country                   UK 
_citation.journal_id_ISSN           0028-0836 
_citation.journal_id_CSD            0006 
_citation.book_publisher            ? 
_citation.pdbx_database_id_PubMed   17632546 
_citation.pdbx_database_id_DOI      10.1038/NATURE06009 
# 
loop_
_citation_author.citation_id 
_citation_author.name 
_citation_author.ordinal 
_citation_author.identifier_ORCID 
primary 'Martinez Molina, D.' 1  ? 
primary 'Wetterholm, A.'      2  ? 
primary 'Kohl, A.'            3  ? 
primary 'Mccarthy, A.A.'      4  ? 
primary 'Niegowski, D.'       5  ? 
primary 'Ohlson, E.'          6  ? 
primary 'Hammarberg, T.'      7  ? 
primary 'Eshaghi, S.'         8  ? 
primary 'Haeggstrom, J.Z.'    9  ? 
primary 'Nordlund, P.'        10 ? 
# 
loop_
_entity.id 
_entity.type 
_entity.src_method 
_entity.pdbx_description 
_entity.formula_weight 
_entity.pdbx_number_of_molecules 
_entity.pdbx_ec 
_entity.pdbx_mutation 
_entity.pdbx_fragment 
_entity.details 
1 polymer     man 'LEUKOTRIENE C4 SYNTHASE' 17411.545 1   4.4.1.20 ? 'RESIDUES 2-150' ? 
2 non-polymer syn 'NICKEL (II) ION'         58.693    2   ?        ? ?                ? 
3 non-polymer syn DODECYL-ALPHA-D-MALTOSIDE 510.615   1   ?        ? ?                ? 
4 non-polymer syn GLUTATHIONE               307.323   1   ?        ? ?                ? 
5 non-polymer syn 'PALMITOLEIC ACID'        254.408   1   ?        ? ?                ? 
6 non-polymer syn 'PALMITIC ACID'           256.424   5   ?        ? ?                ? 
7 non-polymer syn 'SULFATE ION'             96.063    1   ?        ? ?                ? 
8 water       nat water                     18.015    122 ?        ? ?                ? 
# 
_entity_name_com.entity_id   1 
_entity_name_com.name        'LEUKOTRIENE-C(4) SYNTHASE, LTC4 SYNTHASE' 
# 
_entity_poly.entity_id                      1 
_entity_poly.type                           'polypeptide(L)' 
_entity_poly.nstd_linkage                   no 
_entity_poly.nstd_monomer                   no 
_entity_poly.pdbx_seq_one_letter_code       
;MHHHHHHKDEVALLAAVTLLGVLLQAYFSLQVISARRAFRVSPPLTTGPPEFERVYRAQVNCSEYFPLFLATLWVAGIFF
HEGAAALCGLVYLFARLRYFQGYARSAQLRLAPLYASARALWLLVALAALGLLAHFLPAALRAALLGRLRTLLPWA
;
_entity_poly.pdbx_seq_one_letter_code_can   
;MHHHHHHKDEVALLAAVTLLGVLLQAYFSLQVISARRAFRVSPPLTTGPPEFERVYRAQVNCSEYFPLFLATLWVAGIFF
HEGAAALCGLVYLFARLRYFQGYARSAQLRLAPLYASARALWLLVALAALGLLAHFLPAALRAALLGRLRTLLPWA
;
_entity_poly.pdbx_strand_id                 A 
_entity_poly.pdbx_target_identifier         ? 
# 
loop_
_pdbx_entity_nonpoly.entity_id 
_pdbx_entity_nonpoly.name 
_pdbx_entity_nonpoly.comp_id 
2 'NICKEL (II) ION'         NI  
3 DODECYL-ALPHA-D-MALTOSIDE LMU 
4 GLUTATHIONE               GSH 
5 'PALMITOLEIC ACID'        PAM 
6 'PALMITIC ACID'           PLM 
7 'SULFATE ION'             SO4 
8 water                     HOH 
# 
loop_
_entity_poly_seq.entity_id 
_entity_poly_seq.num 
_entity_poly_seq.mon_id 
_entity_poly_seq.hetero 
1 1   MET n 
1 2   HIS n 
1 3   HIS n 
1 4   HIS n 
1 5   HIS n 
1 6   HIS n 
1 7   HIS n 
1 8   LYS n 
1 9   ASP n 
1 10  GLU n 
1 11  VAL n 
1 12  ALA n 
1 13  LEU n 
1 14  LEU n 
1 15  ALA n 
1 16  ALA n 
1 17  VAL n 
1 18  THR n 
1 19  LEU n 
1 20  LEU n 
1 21  GLY n 
1 22  VAL n 
1 23  LEU n 
1 24  LEU n 
1 25  GLN n 
1 26  ALA n 
1 27  TYR n 
1 28  PHE n 
1 29  SER n 
1 30  LEU n 
1 31  GLN n 
1 32  VAL n 
1 33  ILE n 
1 34  SER n 
1 35  ALA n 
1 36  ARG n 
1 37  ARG n 
1 38  ALA n 
1 39  PHE n 
1 40  ARG n 
1 41  VAL n 
1 42  SER n 
1 43  PRO n 
1 44  PRO n 
1 45  LEU n 
1 46  THR n 
1 47  THR n 
1 48  GLY n 
1 49  PRO n 
1 50  PRO n 
1 51  GLU n 
1 52  PHE n 
1 53  GLU n 
1 54  ARG n 
1 55  VAL n 
1 56  TYR n 
1 57  ARG n 
1 58  ALA n 
1 59  GLN n 
1 60  VAL n 
1 61  ASN n 
1 62  CYS n 
1 63  SER n 
1 64  GLU n 
1 65  TYR n 
1 66  PHE n 
1 67  PRO n 
1 68  LEU n 
1 69  PHE n 
1 70  LEU n 
1 71  ALA n 
1 72  THR n 
1 73  LEU n 
1 74  TRP n 
1 75  VAL n 
1 76  ALA n 
1 77  GLY n 
1 78  ILE n 
1 79  PHE n 
1 80  PHE n 
1 81  HIS n 
1 82  GLU n 
1 83  GLY n 
1 84  ALA n 
1 85  ALA n 
1 86  ALA n 
1 87  LEU n 
1 88  CYS n 
1 89  GLY n 
1 90  LEU n 
1 91  VAL n 
1 92  TYR n 
1 93  LEU n 
1 94  PHE n 
1 95  ALA n 
1 96  ARG n 
1 97  LEU n 
1 98  ARG n 
1 99  TYR n 
1 100 PHE n 
1 101 GLN n 
1 102 GLY n 
1 103 TYR n 
1 104 ALA n 
1 105 ARG n 
1 106 SER n 
1 107 ALA n 
1 108 GLN n 
1 109 LEU n 
1 110 ARG n 
1 111 LEU n 
1 112 ALA n 
1 113 PRO n 
1 114 LEU n 
1 115 TYR n 
1 116 ALA n 
1 117 SER n 
1 118 ALA n 
1 119 ARG n 
1 120 ALA n 
1 121 LEU n 
1 122 TRP n 
1 123 LEU n 
1 124 LEU n 
1 125 VAL n 
1 126 ALA n 
1 127 LEU n 
1 128 ALA n 
1 129 ALA n 
1 130 LEU n 
1 131 GLY n 
1 132 LEU n 
1 133 LEU n 
1 134 ALA n 
1 135 HIS n 
1 136 PHE n 
1 137 LEU n 
1 138 PRO n 
1 139 ALA n 
1 140 ALA n 
1 141 LEU n 
1 142 ARG n 
1 143 ALA n 
1 144 ALA n 
1 145 LEU n 
1 146 LEU n 
1 147 GLY n 
1 148 ARG n 
1 149 LEU n 
1 150 ARG n 
1 151 THR n 
1 152 LEU n 
1 153 LEU n 
1 154 PRO n 
1 155 TRP n 
1 156 ALA n 
# 
_entity_src_gen.entity_id                          1 
_entity_src_gen.pdbx_src_id                        1 
_entity_src_gen.pdbx_alt_source_flag               sample 
_entity_src_gen.pdbx_seq_type                      ? 
_entity_src_gen.pdbx_beg_seq_num                   ? 
_entity_src_gen.pdbx_end_seq_num                   ? 
_entity_src_gen.gene_src_common_name               HUMAN 
_entity_src_gen.gene_src_genus                     ? 
_entity_src_gen.pdbx_gene_src_gene                 ? 
_entity_src_gen.gene_src_species                   ? 
_entity_src_gen.gene_src_strain                    ? 
_entity_src_gen.gene_src_tissue                    ? 
_entity_src_gen.gene_src_tissue_fraction           ? 
_entity_src_gen.gene_src_details                   ? 
_entity_src_gen.pdbx_gene_src_fragment             ? 
_entity_src_gen.pdbx_gene_src_scientific_name      'HOMO SAPIENS' 
_entity_src_gen.pdbx_gene_src_ncbi_taxonomy_id     9606 
_entity_src_gen.pdbx_gene_src_variant              ? 
_entity_src_gen.pdbx_gene_src_cell_line            ? 
_entity_src_gen.pdbx_gene_src_atcc                 ? 
_entity_src_gen.pdbx_gene_src_organ                ? 
_entity_src_gen.pdbx_gene_src_organelle            ? 
_entity_src_gen.pdbx_gene_src_cell                 ? 
_entity_src_gen.pdbx_gene_src_cellular_location    ? 
_entity_src_gen.host_org_common_name               ? 
_entity_src_gen.pdbx_host_org_scientific_name      'PICHIA PASTORIS' 
_entity_src_gen.pdbx_host_org_ncbi_taxonomy_id     4922 
_entity_src_gen.host_org_genus                     ? 
_entity_src_gen.pdbx_host_org_gene                 ? 
_entity_src_gen.pdbx_host_org_organ                ? 
_entity_src_gen.host_org_species                   ? 
_entity_src_gen.pdbx_host_org_tissue               ? 
_entity_src_gen.pdbx_host_org_tissue_fraction      ? 
_entity_src_gen.pdbx_host_org_strain               KM71H 
_entity_src_gen.pdbx_host_org_variant              ? 
_entity_src_gen.pdbx_host_org_cell_line            ? 
_entity_src_gen.pdbx_host_org_atcc                 ? 
_entity_src_gen.pdbx_host_org_culture_collection   ? 
_entity_src_gen.pdbx_host_org_cell                 ? 
_entity_src_gen.pdbx_host_org_organelle            ? 
_entity_src_gen.pdbx_host_org_cellular_location    ? 
_entity_src_gen.pdbx_host_org_vector_type          ? 
_entity_src_gen.pdbx_host_org_vector               ? 
_entity_src_gen.host_org_details                   ? 
_entity_src_gen.expression_system_id               ? 
_entity_src_gen.plasmid_name                       PPICZ 
_entity_src_gen.plasmid_details                    ? 
_entity_src_gen.pdbx_description                   ? 
# 
loop_
_chem_comp.id 
_chem_comp.type 
_chem_comp.mon_nstd_flag 
_chem_comp.name 
_chem_comp.pdbx_synonyms 
_chem_comp.formula 
_chem_comp.formula_weight 
ALA 'L-peptide linking' y ALANINE                   ? 'C3 H7 N O2'      89.093  
ARG 'L-peptide linking' y ARGININE                  ? 'C6 H15 N4 O2 1'  175.209 
ASN 'L-peptide linking' y ASPARAGINE                ? 'C4 H8 N2 O3'     132.118 
ASP 'L-peptide linking' y 'ASPARTIC ACID'           ? 'C4 H7 N O4'      133.103 
CYS 'L-peptide linking' y CYSTEINE                  ? 'C3 H7 N O2 S'    121.158 
GLN 'L-peptide linking' y GLUTAMINE                 ? 'C5 H10 N2 O3'    146.144 
GLU 'L-peptide linking' y 'GLUTAMIC ACID'           ? 'C5 H9 N O4'      147.129 
GLY 'peptide linking'   y GLYCINE                   ? 'C2 H5 N O2'      75.067  
GSH non-polymer         . GLUTATHIONE               ? 'C10 H17 N3 O6 S' 307.323 
HIS 'L-peptide linking' y HISTIDINE                 ? 'C6 H10 N3 O2 1'  156.162 
HOH non-polymer         . WATER                     ? 'H2 O'            18.015  
ILE 'L-peptide linking' y ISOLEUCINE                ? 'C6 H13 N O2'     131.173 
LEU 'L-peptide linking' y LEUCINE                   ? 'C6 H13 N O2'     131.173 
LMU D-saccharide        . DODECYL-ALPHA-D-MALTOSIDE ? 'C24 H46 O11'     510.615 
LYS 'L-peptide linking' y LYSINE                    ? 'C6 H15 N2 O2 1'  147.195 
MET 'L-peptide linking' y METHIONINE                ? 'C5 H11 N O2 S'   149.211 
NI  non-polymer         . 'NICKEL (II) ION'         ? 'Ni 2'            58.693  
PAM non-polymer         . 'PALMITOLEIC ACID'        ? 'C16 H30 O2'      254.408 
PHE 'L-peptide linking' y PHENYLALANINE             ? 'C9 H11 N O2'     165.189 
PLM non-polymer         . 'PALMITIC ACID'           ? 'C16 H32 O2'      256.424 
PRO 'L-peptide linking' y PROLINE                   ? 'C5 H9 N O2'      115.130 
SER 'L-peptide linking' y SERINE                    ? 'C3 H7 N O3'      105.093 
SO4 non-polymer         . 'SULFATE ION'             ? 'O4 S -2'         96.063  
THR 'L-peptide linking' y THREONINE                 ? 'C4 H9 N O3'      119.119 
TRP 'L-peptide linking' y TRYPTOPHAN                ? 'C11 H12 N2 O2'   204.225 
TYR 'L-peptide linking' y TYROSINE                  ? 'C9 H11 N O3'     181.189 
VAL 'L-peptide linking' y VALINE                    ? 'C5 H11 N O2'     117.146 
# 
loop_
_pdbx_poly_seq_scheme.asym_id 
_pdbx_poly_seq_scheme.entity_id 
_pdbx_poly_seq_scheme.seq_id 
_pdbx_poly_seq_scheme.mon_id 
_pdbx_poly_seq_scheme.ndb_seq_num 
_pdbx_poly_seq_scheme.pdb_seq_num 
_pdbx_poly_seq_scheme.auth_seq_num 
_pdbx_poly_seq_scheme.pdb_mon_id 
_pdbx_poly_seq_scheme.auth_mon_id 
_pdbx_poly_seq_scheme.pdb_strand_id 
_pdbx_poly_seq_scheme.pdb_ins_code 
_pdbx_poly_seq_scheme.hetero 
A 1 1   MET 1   -5  ?   ?   ?   A . n 
A 1 2   HIS 2   -4  -4  HIS HIS A . n 
A 1 3   HIS 3   -3  -3  HIS HIS A . n 
A 1 4   HIS 4   -2  -2  HIS HIS A . n 
A 1 5   HIS 5   -1  -1  HIS HIS A . n 
A 1 6   HIS 6   0   0   HIS HIS A . n 
A 1 7   HIS 7   1   1   HIS HIS A . n 
A 1 8   LYS 8   2   2   LYS LYS A . n 
A 1 9   ASP 9   3   3   ASP ASP A . n 
A 1 10  GLU 10  4   4   GLU GLU A . n 
A 1 11  VAL 11  5   5   VAL VAL A . n 
A 1 12  ALA 12  6   6   ALA ALA A . n 
A 1 13  LEU 13  7   7   LEU LEU A . n 
A 1 14  LEU 14  8   8   LEU LEU A . n 
A 1 15  ALA 15  9   9   ALA ALA A . n 
A 1 16  ALA 16  10  10  ALA ALA A . n 
A 1 17  VAL 17  11  11  VAL VAL A . n 
A 1 18  THR 18  12  12  THR THR A . n 
A 1 19  LEU 19  13  13  LEU LEU A . n 
A 1 20  LEU 20  14  14  LEU LEU A . n 
A 1 21  GLY 21  15  15  GLY GLY A . n 
A 1 22  VAL 22  16  16  VAL VAL A . n 
A 1 23  LEU 23  17  17  LEU LEU A . n 
A 1 24  LEU 24  18  18  LEU LEU A . n 
A 1 25  GLN 25  19  19  GLN GLN A . n 
A 1 26  ALA 26  20  20  ALA ALA A . n 
A 1 27  TYR 27  21  21  TYR TYR A . n 
A 1 28  PHE 28  22  22  PHE PHE A . n 
A 1 29  SER 29  23  23  SER SER A . n 
A 1 30  LEU 30  24  24  LEU LEU A . n 
A 1 31  GLN 31  25  25  GLN GLN A . n 
A 1 32  VAL 32  26  26  VAL VAL A . n 
A 1 33  ILE 33  27  27  ILE ILE A . n 
A 1 34  SER 34  28  28  SER SER A . n 
A 1 35  ALA 35  29  29  ALA ALA A . n 
A 1 36  ARG 36  30  30  ARG ARG A . n 
A 1 37  ARG 37  31  31  ARG ARG A . n 
A 1 38  ALA 38  32  32  ALA ALA A . n 
A 1 39  PHE 39  33  33  PHE PHE A . n 
A 1 40  ARG 40  34  34  ARG ARG A . n 
A 1 41  VAL 41  35  35  VAL VAL A . n 
A 1 42  SER 42  36  36  SER SER A . n 
A 1 43  PRO 43  37  37  PRO PRO A . n 
A 1 44  PRO 44  38  38  PRO PRO A . n 
A 1 45  LEU 45  39  39  LEU LEU A . n 
A 1 46  THR 46  40  40  THR THR A . n 
A 1 47  THR 47  41  41  THR THR A . n 
A 1 48  GLY 48  42  42  GLY GLY A . n 
A 1 49  PRO 49  43  43  PRO PRO A . n 
A 1 50  PRO 50  44  44  PRO PRO A . n 
A 1 51  GLU 51  45  45  GLU GLU A . n 
A 1 52  PHE 52  46  46  PHE PHE A . n 
A 1 53  GLU 53  47  47  GLU GLU A . n 
A 1 54  ARG 54  48  48  ARG ARG A . n 
A 1 55  VAL 55  49  49  VAL VAL A . n 
A 1 56  TYR 56  50  50  TYR TYR A . n 
A 1 57  ARG 57  51  51  ARG ARG A . n 
A 1 58  ALA 58  52  52  ALA ALA A . n 
A 1 59  GLN 59  53  53  GLN GLN A . n 
A 1 60  VAL 60  54  54  VAL VAL A . n 
A 1 61  ASN 61  55  55  ASN ASN A . n 
A 1 62  CYS 62  56  56  CYS CYS A . n 
A 1 63  SER 63  57  57  SER SER A . n 
A 1 64  GLU 64  58  58  GLU GLU A . n 
A 1 65  TYR 65  59  59  TYR TYR A . n 
A 1 66  PHE 66  60  60  PHE PHE A . n 
A 1 67  PRO 67  61  61  PRO PRO A . n 
A 1 68  LEU 68  62  62  LEU LEU A . n 
A 1 69  PHE 69  63  63  PHE PHE A . n 
A 1 70  LEU 70  64  64  LEU LEU A . n 
A 1 71  ALA 71  65  65  ALA ALA A . n 
A 1 72  THR 72  66  66  THR THR A . n 
A 1 73  LEU 73  67  67  LEU LEU A . n 
A 1 74  TRP 74  68  68  TRP TRP A . n 
A 1 75  VAL 75  69  69  VAL VAL A . n 
A 1 76  ALA 76  70  70  ALA ALA A . n 
A 1 77  GLY 77  71  71  GLY GLY A . n 
A 1 78  ILE 78  72  72  ILE ILE A . n 
A 1 79  PHE 79  73  73  PHE PHE A . n 
A 1 80  PHE 80  74  74  PHE PHE A . n 
A 1 81  HIS 81  75  75  HIS HIS A . n 
A 1 82  GLU 82  76  76  GLU GLU A . n 
A 1 83  GLY 83  77  77  GLY GLY A . n 
A 1 84  ALA 84  78  78  ALA ALA A . n 
A 1 85  ALA 85  79  79  ALA ALA A . n 
A 1 86  ALA 86  80  80  ALA ALA A . n 
A 1 87  LEU 87  81  81  LEU LEU A . n 
A 1 88  CYS 88  82  82  CYS CYS A . n 
A 1 89  GLY 89  83  83  GLY GLY A . n 
A 1 90  LEU 90  84  84  LEU LEU A . n 
A 1 91  VAL 91  85  85  VAL VAL A . n 
A 1 92  TYR 92  86  86  TYR TYR A . n 
A 1 93  LEU 93  87  87  LEU LEU A . n 
A 1 94  PHE 94  88  88  PHE PHE A . n 
A 1 95  ALA 95  89  89  ALA ALA A . n 
A 1 96  ARG 96  90  90  ARG ARG A . n 
A 1 97  LEU 97  91  91  LEU LEU A . n 
A 1 98  ARG 98  92  92  ARG ARG A . n 
A 1 99  TYR 99  93  93  TYR TYR A . n 
A 1 100 PHE 100 94  94  PHE PHE A . n 
A 1 101 GLN 101 95  95  GLN GLN A . n 
A 1 102 GLY 102 96  96  GLY GLY A . n 
A 1 103 TYR 103 97  97  TYR TYR A . n 
A 1 104 ALA 104 98  98  ALA ALA A . n 
A 1 105 ARG 105 99  99  ARG ARG A . n 
A 1 106 SER 106 100 100 SER SER A . n 
A 1 107 ALA 107 101 101 ALA ALA A . n 
A 1 108 GLN 108 102 102 GLN GLN A . n 
A 1 109 LEU 109 103 103 LEU LEU A . n 
A 1 110 ARG 110 104 104 ARG ARG A . n 
A 1 111 LEU 111 105 105 LEU LEU A . n 
A 1 112 ALA 112 106 106 ALA ALA A . n 
A 1 113 PRO 113 107 107 PRO PRO A . n 
A 1 114 LEU 114 108 108 LEU LEU A . n 
A 1 115 TYR 115 109 109 TYR TYR A . n 
A 1 116 ALA 116 110 110 ALA ALA A . n 
A 1 117 SER 117 111 111 SER SER A . n 
A 1 118 ALA 118 112 112 ALA ALA A . n 
A 1 119 ARG 119 113 113 ARG ARG A . n 
A 1 120 ALA 120 114 114 ALA ALA A . n 
A 1 121 LEU 121 115 115 LEU LEU A . n 
A 1 122 TRP 122 116 116 TRP TRP A . n 
A 1 123 LEU 123 117 117 LEU LEU A . n 
A 1 124 LEU 124 118 118 LEU LEU A . n 
A 1 125 VAL 125 119 119 VAL VAL A . n 
A 1 126 ALA 126 120 120 ALA ALA A . n 
A 1 127 LEU 127 121 121 LEU LEU A . n 
A 1 128 ALA 128 122 122 ALA ALA A . n 
A 1 129 ALA 129 123 123 ALA ALA A . n 
A 1 130 LEU 130 124 124 LEU LEU A . n 
A 1 131 GLY 131 125 125 GLY GLY A . n 
A 1 132 LEU 132 126 126 LEU LEU A . n 
A 1 133 LEU 133 127 127 LEU LEU A . n 
A 1 134 ALA 134 128 128 ALA ALA A . n 
A 1 135 HIS 135 129 129 HIS HIS A . n 
A 1 136 PHE 136 130 130 PHE PHE A . n 
A 1 137 LEU 137 131 131 LEU LEU A . n 
A 1 138 PRO 138 132 132 PRO PRO A . n 
A 1 139 ALA 139 133 133 ALA ALA A . n 
A 1 140 ALA 140 134 134 ALA ALA A . n 
A 1 141 LEU 141 135 135 LEU LEU A . n 
A 1 142 ARG 142 136 136 ARG ARG A . n 
A 1 143 ALA 143 137 137 ALA ALA A . n 
A 1 144 ALA 144 138 138 ALA ALA A . n 
A 1 145 LEU 145 139 139 LEU LEU A . n 
A 1 146 LEU 146 140 140 LEU LEU A . n 
A 1 147 GLY 147 141 141 GLY GLY A . n 
A 1 148 ARG 148 142 142 ARG ARG A . n 
A 1 149 LEU 149 143 143 LEU LEU A . n 
A 1 150 ARG 150 144 144 ARG ARG A . n 
A 1 151 THR 151 145 145 THR THR A . n 
A 1 152 LEU 152 146 146 LEU LEU A . n 
A 1 153 LEU 153 147 ?   ?   ?   A . n 
A 1 154 PRO 154 148 ?   ?   ?   A . n 
A 1 155 TRP 155 149 ?   ?   ?   A . n 
A 1 156 ALA 156 150 ?   ?   ?   A . n 
# 
loop_
_pdbx_nonpoly_scheme.asym_id 
_pdbx_nonpoly_scheme.entity_id 
_pdbx_nonpoly_scheme.mon_id 
_pdbx_nonpoly_scheme.ndb_seq_num 
_pdbx_nonpoly_scheme.pdb_seq_num 
_pdbx_nonpoly_scheme.auth_seq_num 
_pdbx_nonpoly_scheme.pdb_mon_id 
_pdbx_nonpoly_scheme.auth_mon_id 
_pdbx_nonpoly_scheme.pdb_strand_id 
_pdbx_nonpoly_scheme.pdb_ins_code 
B 2 NI  1   1147 1147 NI  NI  A . 
C 2 NI  1   1148 1148 NI  NI  A . 
D 3 LMU 1   1149 1149 LMU LMU A . 
E 4 GSH 1   1150 1150 GSH GSH A . 
F 5 PAM 1   1151 1151 PAM PAM A . 
G 6 PLM 1   1152 1152 PLM PLM A . 
H 6 PLM 1   1153 1153 PLM PLM A . 
I 6 PLM 1   1154 1154 PLM PLM A . 
J 7 SO4 1   1155 1155 SO4 SO4 A . 
K 6 PLM 1   1156 1156 PLM PLM A . 
L 6 PLM 1   1157 1157 PLM PLM A . 
M 8 HOH 1   2001 2001 HOH HOH A . 
M 8 HOH 2   2002 2002 HOH HOH A . 
M 8 HOH 3   2003 2003 HOH HOH A . 
M 8 HOH 4   2004 2004 HOH HOH A . 
M 8 HOH 5   2005 2005 HOH HOH A . 
M 8 HOH 6   2006 2006 HOH HOH A . 
M 8 HOH 7   2007 2007 HOH HOH A . 
M 8 HOH 8   2008 2008 HOH HOH A . 
M 8 HOH 9   2009 2009 HOH HOH A . 
M 8 HOH 10  2010 2010 HOH HOH A . 
M 8 HOH 11  2011 2011 HOH HOH A . 
M 8 HOH 12  2012 2012 HOH HOH A . 
M 8 HOH 13  2013 2013 HOH HOH A . 
M 8 HOH 14  2014 2014 HOH HOH A . 
M 8 HOH 15  2015 2015 HOH HOH A . 
M 8 HOH 16  2016 2016 HOH HOH A . 
M 8 HOH 17  2017 2017 HOH HOH A . 
M 8 HOH 18  2018 2018 HOH HOH A . 
M 8 HOH 19  2019 2019 HOH HOH A . 
M 8 HOH 20  2020 2020 HOH HOH A . 
M 8 HOH 21  2021 2021 HOH HOH A . 
M 8 HOH 22  2022 2022 HOH HOH A . 
M 8 HOH 23  2023 2023 HOH HOH A . 
M 8 HOH 24  2024 2024 HOH HOH A . 
M 8 HOH 25  2025 2025 HOH HOH A . 
M 8 HOH 26  2026 2026 HOH HOH A . 
M 8 HOH 27  2027 2027 HOH HOH A . 
M 8 HOH 28  2028 2028 HOH HOH A . 
M 8 HOH 29  2029 2029 HOH HOH A . 
M 8 HOH 30  2030 2030 HOH HOH A . 
M 8 HOH 31  2031 2031 HOH HOH A . 
M 8 HOH 32  2032 2032 HOH HOH A . 
M 8 HOH 33  2033 2033 HOH HOH A . 
M 8 HOH 34  2034 2034 HOH HOH A . 
M 8 HOH 35  2035 2035 HOH HOH A . 
M 8 HOH 36  2036 2036 HOH HOH A . 
M 8 HOH 37  2037 2037 HOH HOH A . 
M 8 HOH 38  2038 2038 HOH HOH A . 
M 8 HOH 39  2039 2039 HOH HOH A . 
M 8 HOH 40  2040 2040 HOH HOH A . 
M 8 HOH 41  2041 2041 HOH HOH A . 
M 8 HOH 42  2042 2042 HOH HOH A . 
M 8 HOH 43  2043 2043 HOH HOH A . 
M 8 HOH 44  2044 2044 HOH HOH A . 
M 8 HOH 45  2045 2045 HOH HOH A . 
M 8 HOH 46  2046 2046 HOH HOH A . 
M 8 HOH 47  2047 2047 HOH HOH A . 
M 8 HOH 48  2048 2048 HOH HOH A . 
M 8 HOH 49  2049 2049 HOH HOH A . 
M 8 HOH 50  2050 2050 HOH HOH A . 
M 8 HOH 51  2051 2051 HOH HOH A . 
M 8 HOH 52  2052 2052 HOH HOH A . 
M 8 HOH 53  2053 2053 HOH HOH A . 
M 8 HOH 54  2054 2054 HOH HOH A . 
M 8 HOH 55  2055 2055 HOH HOH A . 
M 8 HOH 56  2056 2056 HOH HOH A . 
M 8 HOH 57  2057 2057 HOH HOH A . 
M 8 HOH 58  2058 2058 HOH HOH A . 
M 8 HOH 59  2059 2059 HOH HOH A . 
M 8 HOH 60  2060 2060 HOH HOH A . 
M 8 HOH 61  2061 2061 HOH HOH A . 
M 8 HOH 62  2062 2062 HOH HOH A . 
M 8 HOH 63  2063 2063 HOH HOH A . 
M 8 HOH 64  2064 2064 HOH HOH A . 
M 8 HOH 65  2065 2065 HOH HOH A . 
M 8 HOH 66  2066 2066 HOH HOH A . 
M 8 HOH 67  2067 2067 HOH HOH A . 
M 8 HOH 68  2068 2068 HOH HOH A . 
M 8 HOH 69  2069 2069 HOH HOH A . 
M 8 HOH 70  2070 2070 HOH HOH A . 
M 8 HOH 71  2071 2071 HOH HOH A . 
M 8 HOH 72  2072 2072 HOH HOH A . 
M 8 HOH 73  2073 2073 HOH HOH A . 
M 8 HOH 74  2074 2074 HOH HOH A . 
M 8 HOH 75  2075 2075 HOH HOH A . 
M 8 HOH 76  2076 2076 HOH HOH A . 
M 8 HOH 77  2077 2077 HOH HOH A . 
M 8 HOH 78  2078 2078 HOH HOH A . 
M 8 HOH 79  2079 2079 HOH HOH A . 
M 8 HOH 80  2080 2080 HOH HOH A . 
M 8 HOH 81  2081 2081 HOH HOH A . 
M 8 HOH 82  2082 2082 HOH HOH A . 
M 8 HOH 83  2083 2083 HOH HOH A . 
M 8 HOH 84  2084 2084 HOH HOH A . 
M 8 HOH 85  2085 2085 HOH HOH A . 
M 8 HOH 86  2086 2086 HOH HOH A . 
M 8 HOH 87  2087 2087 HOH HOH A . 
M 8 HOH 88  2088 2088 HOH HOH A . 
M 8 HOH 89  2089 2089 HOH HOH A . 
M 8 HOH 90  2090 2090 HOH HOH A . 
M 8 HOH 91  2091 2091 HOH HOH A . 
M 8 HOH 92  2092 2092 HOH HOH A . 
M 8 HOH 93  2093 2093 HOH HOH A . 
M 8 HOH 94  2094 2094 HOH HOH A . 
M 8 HOH 95  2095 2095 HOH HOH A . 
M 8 HOH 96  2096 2096 HOH HOH A . 
M 8 HOH 97  2097 2097 HOH HOH A . 
M 8 HOH 98  2098 2098 HOH HOH A . 
M 8 HOH 99  2099 2099 HOH HOH A . 
M 8 HOH 100 2100 2100 HOH HOH A . 
M 8 HOH 101 2101 2101 HOH HOH A . 
M 8 HOH 102 2102 2102 HOH HOH A . 
M 8 HOH 103 2103 2103 HOH HOH A . 
M 8 HOH 104 2104 2104 HOH HOH A . 
M 8 HOH 105 2105 2105 HOH HOH A . 
M 8 HOH 106 2106 2106 HOH HOH A . 
M 8 HOH 107 2107 2107 HOH HOH A . 
M 8 HOH 108 2108 2108 HOH HOH A . 
M 8 HOH 109 2109 2109 HOH HOH A . 
M 8 HOH 110 2110 2110 HOH HOH A . 
M 8 HOH 111 2111 2111 HOH HOH A . 
M 8 HOH 112 2112 2112 HOH HOH A . 
M 8 HOH 113 2113 2113 HOH HOH A . 
M 8 HOH 114 2114 2114 HOH HOH A . 
M 8 HOH 115 2115 2115 HOH HOH A . 
M 8 HOH 116 2116 2116 HOH HOH A . 
M 8 HOH 117 2117 2117 HOH HOH A . 
M 8 HOH 118 2118 2118 HOH HOH A . 
M 8 HOH 119 2119 2119 HOH HOH A . 
M 8 HOH 120 2120 2120 HOH HOH A . 
M 8 HOH 121 2121 2121 HOH HOH A . 
M 8 HOH 122 2122 2122 HOH HOH A . 
# 
loop_
_pdbx_unobs_or_zero_occ_atoms.id 
_pdbx_unobs_or_zero_occ_atoms.PDB_model_num 
_pdbx_unobs_or_zero_occ_atoms.polymer_flag 
_pdbx_unobs_or_zero_occ_atoms.occupancy_flag 
_pdbx_unobs_or_zero_occ_atoms.auth_asym_id 
_pdbx_unobs_or_zero_occ_atoms.auth_comp_id 
_pdbx_unobs_or_zero_occ_atoms.auth_seq_id 
_pdbx_unobs_or_zero_occ_atoms.PDB_ins_code 
_pdbx_unobs_or_zero_occ_atoms.auth_atom_id 
_pdbx_unobs_or_zero_occ_atoms.label_alt_id 
_pdbx_unobs_or_zero_occ_atoms.label_asym_id 
_pdbx_unobs_or_zero_occ_atoms.label_comp_id 
_pdbx_unobs_or_zero_occ_atoms.label_seq_id 
_pdbx_unobs_or_zero_occ_atoms.label_atom_id 
1  1 Y 1 A LEU 146  ? CA  ? A LEU 152 CA  
2  1 Y 1 A LEU 146  ? C   ? A LEU 152 C   
3  1 Y 1 A LEU 146  ? O   ? A LEU 152 O   
4  1 Y 1 A LEU 146  ? CB  ? A LEU 152 CB  
5  1 Y 1 A LEU 146  ? CG  ? A LEU 152 CG  
6  1 Y 1 A LEU 146  ? CD1 ? A LEU 152 CD1 
7  1 Y 1 A LEU 146  ? CD2 ? A LEU 152 CD2 
8  1 N 1 A PLM 1152 ? O1  ? G PLM 1   O1  
9  1 N 1 A PLM 1152 ? O2  ? G PLM 1   O2  
10 1 N 1 A PLM 1152 ? CB  ? G PLM 1   CB  
11 1 N 1 A PLM 1152 ? CC  ? G PLM 1   CC  
12 1 N 1 A PLM 1152 ? CD  ? G PLM 1   CD  
13 1 N 1 A PLM 1152 ? CE  ? G PLM 1   CE  
14 1 N 1 A PLM 1152 ? CF  ? G PLM 1   CF  
15 1 N 1 A PLM 1152 ? CG  ? G PLM 1   CG  
16 1 N 1 A PLM 1153 ? O1  ? H PLM 1   O1  
17 1 N 1 A PLM 1153 ? O2  ? H PLM 1   O2  
18 1 N 1 A PLM 1153 ? CB  ? H PLM 1   CB  
19 1 N 1 A PLM 1153 ? CC  ? H PLM 1   CC  
20 1 N 1 A PLM 1153 ? CD  ? H PLM 1   CD  
21 1 N 1 A PLM 1153 ? CE  ? H PLM 1   CE  
22 1 N 1 A PLM 1153 ? CF  ? H PLM 1   CF  
23 1 N 1 A PLM 1153 ? CG  ? H PLM 1   CG  
24 1 N 1 A PLM 1154 ? O1  ? I PLM 1   O1  
25 1 N 1 A PLM 1154 ? O2  ? I PLM 1   O2  
26 1 N 1 A PLM 1154 ? C9  ? I PLM 1   C9  
27 1 N 1 A PLM 1154 ? CA  ? I PLM 1   CA  
28 1 N 1 A PLM 1154 ? CB  ? I PLM 1   CB  
29 1 N 1 A PLM 1154 ? CC  ? I PLM 1   CC  
30 1 N 1 A PLM 1154 ? CD  ? I PLM 1   CD  
31 1 N 1 A PLM 1154 ? CE  ? I PLM 1   CE  
32 1 N 1 A PLM 1154 ? CF  ? I PLM 1   CF  
33 1 N 1 A PLM 1154 ? CG  ? I PLM 1   CG  
34 1 N 1 A PLM 1156 ? O1  ? K PLM 1   O1  
35 1 N 1 A PLM 1156 ? O2  ? K PLM 1   O2  
36 1 N 1 A PLM 1156 ? CB  ? K PLM 1   CB  
37 1 N 1 A PLM 1156 ? CC  ? K PLM 1   CC  
38 1 N 1 A PLM 1156 ? CD  ? K PLM 1   CD  
39 1 N 1 A PLM 1156 ? CE  ? K PLM 1   CE  
40 1 N 1 A PLM 1156 ? CF  ? K PLM 1   CF  
41 1 N 1 A PLM 1156 ? CG  ? K PLM 1   CG  
42 1 N 1 A PLM 1157 ? O1  ? L PLM 1   O1  
43 1 N 1 A PLM 1157 ? O2  ? L PLM 1   O2  
44 1 N 1 A PLM 1157 ? C6  ? L PLM 1   C6  
45 1 N 1 A PLM 1157 ? C7  ? L PLM 1   C7  
46 1 N 1 A PLM 1157 ? C8  ? L PLM 1   C8  
47 1 N 1 A PLM 1157 ? C9  ? L PLM 1   C9  
48 1 N 1 A PLM 1157 ? CA  ? L PLM 1   CA  
49 1 N 1 A PLM 1157 ? CB  ? L PLM 1   CB  
50 1 N 1 A PLM 1157 ? CC  ? L PLM 1   CC  
51 1 N 1 A PLM 1157 ? CD  ? L PLM 1   CD  
52 1 N 1 A PLM 1157 ? CE  ? L PLM 1   CE  
53 1 N 1 A PLM 1157 ? CF  ? L PLM 1   CF  
54 1 N 1 A PLM 1157 ? CG  ? L PLM 1   CG  
# 
_software.name             REFMAC 
_software.classification   refinement 
_software.version          5.2.0019 
_software.citation_id      ? 
_software.pdbx_ordinal     1 
# 
_cell.entry_id           2UUH 
_cell.length_a           169.940 
_cell.length_b           169.940 
_cell.length_c           169.940 
_cell.angle_alpha        90.00 
_cell.angle_beta         90.00 
_cell.angle_gamma        90.00 
_cell.Z_PDB              48 
_cell.pdbx_unique_axis   ? 
# 
_symmetry.entry_id                         2UUH 
_symmetry.space_group_name_H-M             'F 2 3' 
_symmetry.pdbx_full_space_group_name_H-M   ? 
_symmetry.cell_setting                     ? 
_symmetry.Int_Tables_number                196 
# 
_exptl.entry_id          2UUH 
_exptl.method            'X-RAY DIFFRACTION' 
_exptl.crystals_number   1 
# 
_exptl_crystal.id                    1 
_exptl_crystal.density_meas          ? 
_exptl_crystal.density_Matthews      5.07 
_exptl_crystal.density_percent_sol   80 
_exptl_crystal.description           NONE 
# 
_diffrn.id                     1 
_diffrn.ambient_temp           100 
_diffrn.ambient_temp_details   ? 
_diffrn.crystal_id             1 
# 
_diffrn_detector.diffrn_id              1 
_diffrn_detector.detector               CCD 
_diffrn_detector.type                   MARRESEARCH 
_diffrn_detector.pdbx_collection_date   ? 
_diffrn_detector.details                ? 
# 
_diffrn_radiation.diffrn_id                        1 
_diffrn_radiation.wavelength_id                    1 
_diffrn_radiation.pdbx_monochromatic_or_laue_m_l   M 
_diffrn_radiation.monochromator                    ? 
_diffrn_radiation.pdbx_diffrn_protocol             'SINGLE WAVELENGTH' 
_diffrn_radiation.pdbx_scattering_type             x-ray 
# 
_diffrn_radiation_wavelength.id           1 
_diffrn_radiation_wavelength.wavelength   0.8733 
_diffrn_radiation_wavelength.wt           1.0 
# 
_diffrn_source.diffrn_id                   1 
_diffrn_source.source                      SYNCHROTRON 
_diffrn_source.type                        'ESRF BEAMLINE ID23-2' 
_diffrn_source.pdbx_synchrotron_site       ESRF 
_diffrn_source.pdbx_synchrotron_beamline   ID23-2 
_diffrn_source.pdbx_wavelength             0.8733 
_diffrn_source.pdbx_wavelength_list        ? 
# 
_reflns.pdbx_diffrn_id               1 
_reflns.pdbx_ordinal                 1 
_reflns.entry_id                     2UUH 
_reflns.observed_criterion_sigma_I   . 
_reflns.observed_criterion_sigma_F   ? 
_reflns.d_resolution_low             51.23 
_reflns.d_resolution_high            1.51 
_reflns.number_obs                   47317 
_reflns.number_all                   ? 
_reflns.percent_possible_obs         99.8 
_reflns.pdbx_Rmerge_I_obs            0.14 
_reflns.pdbx_Rsym_value              ? 
_reflns.pdbx_netI_over_sigmaI        8.80 
_reflns.B_iso_Wilson_estimate        ? 
_reflns.pdbx_redundancy              5.0 
# 
_reflns_shell.pdbx_diffrn_id         1 
_reflns_shell.pdbx_ordinal           1 
_reflns_shell.d_res_high             2.15 
_reflns_shell.d_res_low              ? 
_reflns_shell.percent_possible_all   100.0 
_reflns_shell.Rmerge_I_obs           ? 
_reflns_shell.pdbx_Rsym_value        ? 
_reflns_shell.meanI_over_sigI_obs    ? 
_reflns_shell.pdbx_redundancy        5.0 
# 
_refine.pdbx_refine_id                           'X-RAY DIFFRACTION' 
_refine.entry_id                                 2UUH 
_refine.pdbx_diffrn_id                           1 
_refine.pdbx_TLS_residual_ADP_flag               'LIKELY RESIDUAL' 
_refine.ls_number_reflns_obs                     20920 
_refine.ls_number_reflns_all                     ? 
_refine.pdbx_ls_sigma_I                          ? 
_refine.pdbx_ls_sigma_F                          ? 
_refine.pdbx_data_cutoff_high_absF               ? 
_refine.pdbx_data_cutoff_low_absF                ? 
_refine.pdbx_data_cutoff_high_rms_absF           ? 
_refine.ls_d_res_low                             49.03 
_refine.ls_d_res_high                            2.15 
_refine.ls_percent_reflns_obs                    99.7 
_refine.ls_R_factor_obs                          0.185 
_refine.ls_R_factor_all                          ? 
_refine.ls_R_factor_R_work                       0.183 
_refine.ls_R_factor_R_free                       0.220 
_refine.ls_R_factor_R_free_error                 ? 
_refine.ls_R_factor_R_free_error_details         ? 
_refine.ls_percent_reflns_R_free                 5.100 
_refine.ls_number_reflns_R_free                  1129 
_refine.ls_number_parameters                     ? 
_refine.ls_number_restraints                     ? 
_refine.occupancy_min                            ? 
_refine.occupancy_max                            ? 
_refine.correlation_coeff_Fo_to_Fc               0.942 
_refine.correlation_coeff_Fo_to_Fc_free          0.921 
_refine.B_iso_mean                               21.52 
_refine.aniso_B[1][1]                            ? 
_refine.aniso_B[2][2]                            ? 
_refine.aniso_B[3][3]                            ? 
_refine.aniso_B[1][2]                            ? 
_refine.aniso_B[1][3]                            ? 
_refine.aniso_B[2][3]                            ? 
_refine.solvent_model_details                    MASK 
_refine.solvent_model_param_ksol                 ? 
_refine.solvent_model_param_bsol                 ? 
_refine.pdbx_solvent_vdw_probe_radii             1.20 
_refine.pdbx_solvent_ion_probe_radii             0.80 
_refine.pdbx_solvent_shrinkage_radii             0.80 
_refine.pdbx_ls_cross_valid_method               THROUGHOUT 
_refine.details                                  'HYDROGENS HAVE BEEN ADDED IN THE RIDING POSITIONS' 
_refine.pdbx_starting_model                      ? 
_refine.pdbx_method_to_determine_struct          'MOLECULAR REPLACEMENT' 
_refine.pdbx_isotropic_thermal_model             ? 
_refine.pdbx_stereochemistry_target_values       'MAXIMUM LIKELIHOOD' 
_refine.pdbx_stereochem_target_val_spec_case     ? 
_refine.pdbx_R_Free_selection_details            RANDOM 
_refine.pdbx_overall_ESU_R                       0.124 
_refine.pdbx_overall_ESU_R_Free                  0.127 
_refine.overall_SU_ML                            0.099 
_refine.pdbx_overall_phase_error                 ? 
_refine.overall_SU_B                             7.431 
_refine.overall_SU_R_Cruickshank_DPI             ? 
_refine.pdbx_overall_SU_R_free_Cruickshank_DPI   ? 
_refine.pdbx_overall_SU_R_Blow_DPI               ? 
_refine.pdbx_overall_SU_R_free_Blow_DPI          ? 
# 
_refine_hist.pdbx_refine_id                   'X-RAY DIFFRACTION' 
_refine_hist.cycle_id                         LAST 
_refine_hist.pdbx_number_atoms_protein        1186 
_refine_hist.pdbx_number_atoms_nucleic_acid   0 
_refine_hist.pdbx_number_atoms_ligand         123 
_refine_hist.number_atoms_solvent             122 
_refine_hist.number_atoms_total               1431 
_refine_hist.d_res_high                       2.15 
_refine_hist.d_res_low                        49.03 
# 
loop_
_refine_ls_restr.type 
_refine_ls_restr.dev_ideal 
_refine_ls_restr.dev_ideal_target 
_refine_ls_restr.weight 
_refine_ls_restr.number 
_refine_ls_restr.pdbx_refine_id 
_refine_ls_restr.pdbx_restraint_function 
r_bond_refined_d             0.025  0.021  ? 1346 'X-RAY DIFFRACTION' ? 
r_bond_other_d               ?      ?      ? ?    'X-RAY DIFFRACTION' ? 
r_angle_refined_deg          2.485  2.033  ? 1811 'X-RAY DIFFRACTION' ? 
r_angle_other_deg            ?      ?      ? ?    'X-RAY DIFFRACTION' ? 
r_dihedral_angle_1_deg       6.375  5.000  ? 153  'X-RAY DIFFRACTION' ? 
r_dihedral_angle_2_deg       29.194 19.808 ? 52   'X-RAY DIFFRACTION' ? 
r_dihedral_angle_3_deg       17.505 15.000 ? 182  'X-RAY DIFFRACTION' ? 
r_dihedral_angle_4_deg       19.279 15.000 ? 13   'X-RAY DIFFRACTION' ? 
r_chiral_restr               0.216  0.200  ? 205  'X-RAY DIFFRACTION' ? 
r_gen_planes_refined         0.011  0.020  ? 963  'X-RAY DIFFRACTION' ? 
r_gen_planes_other           ?      ?      ? ?    'X-RAY DIFFRACTION' ? 
r_nbd_refined                0.238  0.200  ? 583  'X-RAY DIFFRACTION' ? 
r_nbd_other                  ?      ?      ? ?    'X-RAY DIFFRACTION' ? 
r_nbtor_refined              0.317  0.200  ? 892  'X-RAY DIFFRACTION' ? 
r_nbtor_other                ?      ?      ? ?    'X-RAY DIFFRACTION' ? 
r_xyhbond_nbd_refined        0.383  0.200  ? 75   'X-RAY DIFFRACTION' ? 
r_xyhbond_nbd_other          ?      ?      ? ?    'X-RAY DIFFRACTION' ? 
r_metal_ion_refined          ?      ?      ? ?    'X-RAY DIFFRACTION' ? 
r_metal_ion_other            ?      ?      ? ?    'X-RAY DIFFRACTION' ? 
r_symmetry_vdw_refined       0.227  0.200  ? 102  'X-RAY DIFFRACTION' ? 
r_symmetry_vdw_other         ?      ?      ? ?    'X-RAY DIFFRACTION' ? 
r_symmetry_hbond_refined     0.213  0.200  ? 33   'X-RAY DIFFRACTION' ? 
r_symmetry_hbond_other       ?      ?      ? ?    'X-RAY DIFFRACTION' ? 
r_symmetry_metal_ion_refined ?      ?      ? ?    'X-RAY DIFFRACTION' ? 
r_symmetry_metal_ion_other   ?      ?      ? ?    'X-RAY DIFFRACTION' ? 
r_mcbond_it                  1.310  1.500  ? 777  'X-RAY DIFFRACTION' ? 
r_mcbond_other               ?      ?      ? ?    'X-RAY DIFFRACTION' ? 
r_mcangle_it                 1.935  2.000  ? 1199 'X-RAY DIFFRACTION' ? 
r_mcangle_other              ?      ?      ? ?    'X-RAY DIFFRACTION' ? 
r_scbond_it                  3.354  3.000  ? 637  'X-RAY DIFFRACTION' ? 
r_scbond_other               ?      ?      ? ?    'X-RAY DIFFRACTION' ? 
r_scangle_it                 4.793  4.500  ? 610  'X-RAY DIFFRACTION' ? 
r_scangle_other              ?      ?      ? ?    'X-RAY DIFFRACTION' ? 
r_long_range_B_refined       ?      ?      ? ?    'X-RAY DIFFRACTION' ? 
r_long_range_B_other         ?      ?      ? ?    'X-RAY DIFFRACTION' ? 
r_rigid_bond_restr           ?      ?      ? ?    'X-RAY DIFFRACTION' ? 
r_sphericity_free            ?      ?      ? ?    'X-RAY DIFFRACTION' ? 
r_sphericity_bonded          ?      ?      ? ?    'X-RAY DIFFRACTION' ? 
# 
_refine_ls_shell.pdbx_refine_id                   'X-RAY DIFFRACTION' 
_refine_ls_shell.pdbx_total_number_of_bins_used   20 
_refine_ls_shell.d_res_high                       2.15 
_refine_ls_shell.d_res_low                        2.21 
_refine_ls_shell.number_reflns_R_work             1544 
_refine_ls_shell.R_factor_R_work                  0.2450 
_refine_ls_shell.percent_reflns_obs               100.00 
_refine_ls_shell.R_factor_R_free                  0.2640 
_refine_ls_shell.R_factor_R_free_error            ? 
_refine_ls_shell.percent_reflns_R_free            ? 
_refine_ls_shell.number_reflns_R_free             93 
_refine_ls_shell.number_reflns_all                ? 
_refine_ls_shell.R_factor_all                     ? 
# 
_struct.entry_id                  2UUH 
_struct.title                     'Crystal structure of Human Leukotriene C4 Synthase in complex with substrate glutathione' 
_struct.pdbx_model_details        ? 
_struct.pdbx_CASP_flag            ? 
_struct.pdbx_model_type_details   ? 
# 
_struct_keywords.entry_id        2UUH 
_struct_keywords.pdbx_keywords   LYASE 
_struct_keywords.text            
;MEMBRANE PROTEIN, LEUKOTRIENE SIGNALLING, LYASE, MAPEG, HUMAN, LTC4S, ENZYME, TRIMER, MEMBRANE, LEUKOTRIENE BIOSYNTHESIS, EICOSANOID, GLUTATHIONE, TRANSMEMBRANE
;
# 
loop_
_struct_asym.id 
_struct_asym.pdbx_blank_PDB_chainid_flag 
_struct_asym.pdbx_modified 
_struct_asym.entity_id 
_struct_asym.details 
A N N 1 ? 
B N N 2 ? 
C N N 2 ? 
D N N 3 ? 
E N N 4 ? 
F N N 5 ? 
G N N 6 ? 
H N N 6 ? 
I N N 6 ? 
J N N 7 ? 
K N N 6 ? 
L N N 6 ? 
M N N 8 ? 
# 
loop_
_struct_ref.id 
_struct_ref.db_name 
_struct_ref.db_code 
_struct_ref.entity_id 
_struct_ref.pdbx_seq_one_letter_code 
_struct_ref.pdbx_align_begin 
_struct_ref.pdbx_db_accession 
_struct_ref.pdbx_db_isoform 
1 PDB 2UUH        1 ? ? 2UUH   ? 
2 UNP LTC4S_HUMAN 1 ? ? Q16873 ? 
# 
loop_
_struct_ref_seq.align_id 
_struct_ref_seq.ref_id 
_struct_ref_seq.pdbx_PDB_id_code 
_struct_ref_seq.pdbx_strand_id 
_struct_ref_seq.seq_align_beg 
_struct_ref_seq.pdbx_seq_align_beg_ins_code 
_struct_ref_seq.seq_align_end 
_struct_ref_seq.pdbx_seq_align_end_ins_code 
_struct_ref_seq.pdbx_db_accession 
_struct_ref_seq.db_align_beg 
_struct_ref_seq.pdbx_db_align_beg_ins_code 
_struct_ref_seq.db_align_end 
_struct_ref_seq.pdbx_db_align_end_ins_code 
_struct_ref_seq.pdbx_auth_seq_align_beg 
_struct_ref_seq.pdbx_auth_seq_align_end 
1 1 2UUH A 1 ? 7   ? 2UUH   -5 ? 1   ? -5 1   
2 2 2UUH A 8 ? 156 ? Q16873 2  ? 150 ? 2  150 
# 
_pdbx_struct_assembly.id                   1 
_pdbx_struct_assembly.details              software_defined_assembly 
_pdbx_struct_assembly.method_details       PQS 
_pdbx_struct_assembly.oligomeric_details   trimeric 
_pdbx_struct_assembly.oligomeric_count     3 
# 
loop_
_pdbx_struct_assembly_prop.biol_id 
_pdbx_struct_assembly_prop.type 
_pdbx_struct_assembly_prop.value 
_pdbx_struct_assembly_prop.details 
1 'ABSA (A^2)' 12240 ? 
1 MORE         -99.7 ? 
1 'SSA (A^2)'  25240 ? 
# 
_pdbx_struct_assembly_gen.assembly_id       1 
_pdbx_struct_assembly_gen.oper_expression   1,2,3 
_pdbx_struct_assembly_gen.asym_id_list      A,B,C,D,E,F,G,H,I,J,K,L,M 
# 
loop_
_pdbx_struct_oper_list.id 
_pdbx_struct_oper_list.type 
_pdbx_struct_oper_list.name 
_pdbx_struct_oper_list.symmetry_operation 
_pdbx_struct_oper_list.matrix[1][1] 
_pdbx_struct_oper_list.matrix[1][2] 
_pdbx_struct_oper_list.matrix[1][3] 
_pdbx_struct_oper_list.vector[1] 
_pdbx_struct_oper_list.matrix[2][1] 
_pdbx_struct_oper_list.matrix[2][2] 
_pdbx_struct_oper_list.matrix[2][3] 
_pdbx_struct_oper_list.vector[2] 
_pdbx_struct_oper_list.matrix[3][1] 
_pdbx_struct_oper_list.matrix[3][2] 
_pdbx_struct_oper_list.matrix[3][3] 
_pdbx_struct_oper_list.vector[3] 
1 'identity operation'         1_555 x,y,z 1.0000000000  0.0000000000 0.0000000000  0.0000000000  0.0000000000 1.0000000000 0.0000000000  0.0000000000  0.0000000000  0.0000000000  1.0000000000  0.0000000000   
2 'crystal symmetry operation' 5_555 z,x,y -0.3854917290 0.4452885235 -0.8081548476 9.7379968737  0.3500244130 0.8809541036 0.3184380279  -2.0247901499 0.8537441286  -0.1601187002 -0.4954623746 -13.5957522462 
3 'crystal symmetry operation' 9_555 y,z,x -0.3854917290 0.3500244130 0.8537441286  16.0699368901 0.4452885235 0.8809541036 -0.1601187002 -4.7294052358 -0.8081548476 0.3184380279  -0.4954623746 1.7783958690 
# 
_struct_biol.id   1 
# 
loop_
_struct_conf.conf_type_id 
_struct_conf.id 
_struct_conf.pdbx_PDB_helix_id 
_struct_conf.beg_label_comp_id 
_struct_conf.beg_label_asym_id 
_struct_conf.beg_label_seq_id 
_struct_conf.pdbx_beg_PDB_ins_code 
_struct_conf.end_label_comp_id 
_struct_conf.end_label_asym_id 
_struct_conf.end_label_seq_id 
_struct_conf.pdbx_end_PDB_ins_code 
_struct_conf.beg_auth_comp_id 
_struct_conf.beg_auth_asym_id 
_struct_conf.beg_auth_seq_id 
_struct_conf.end_auth_comp_id 
_struct_conf.end_auth_asym_id 
_struct_conf.end_auth_seq_id 
_struct_conf.pdbx_PDB_helix_class 
_struct_conf.details 
_struct_conf.pdbx_PDB_helix_length 
HELX_P HELX_P1 1 HIS A 7   ? GLU A 10  ? HIS A 1   GLU A 4   5 ? 4  
HELX_P HELX_P2 2 VAL A 11  ? ARG A 40  ? VAL A 5   ARG A 34  1 ? 30 
HELX_P HELX_P3 3 PRO A 49  ? PHE A 80  ? PRO A 43  PHE A 74  1 ? 32 
HELX_P HELX_P4 4 HIS A 81  ? SER A 106 ? HIS A 75  SER A 100 1 ? 26 
HELX_P HELX_P5 5 ALA A 107 ? LEU A 109 ? ALA A 101 LEU A 103 5 ? 3  
HELX_P HELX_P6 6 ARG A 110 ? ARG A 150 ? ARG A 104 ARG A 144 1 ? 41 
# 
_struct_conf_type.id          HELX_P 
_struct_conf_type.criteria    ? 
_struct_conf_type.reference   ? 
# 
loop_
_struct_conn.id 
_struct_conn.conn_type_id 
_struct_conn.pdbx_leaving_atom_flag 
_struct_conn.pdbx_PDB_id 
_struct_conn.ptnr1_label_asym_id 
_struct_conn.ptnr1_label_comp_id 
_struct_conn.ptnr1_label_seq_id 
_struct_conn.ptnr1_label_atom_id 
_struct_conn.pdbx_ptnr1_label_alt_id 
_struct_conn.pdbx_ptnr1_PDB_ins_code 
_struct_conn.pdbx_ptnr1_standard_comp_id 
_struct_conn.ptnr1_symmetry 
_struct_conn.ptnr2_label_asym_id 
_struct_conn.ptnr2_label_comp_id 
_struct_conn.ptnr2_label_seq_id 
_struct_conn.ptnr2_label_atom_id 
_struct_conn.pdbx_ptnr2_label_alt_id 
_struct_conn.pdbx_ptnr2_PDB_ins_code 
_struct_conn.ptnr1_auth_asym_id 
_struct_conn.ptnr1_auth_comp_id 
_struct_conn.ptnr1_auth_seq_id 
_struct_conn.ptnr2_auth_asym_id 
_struct_conn.ptnr2_auth_comp_id 
_struct_conn.ptnr2_auth_seq_id 
_struct_conn.ptnr2_symmetry 
_struct_conn.pdbx_ptnr3_label_atom_id 
_struct_conn.pdbx_ptnr3_label_seq_id 
_struct_conn.pdbx_ptnr3_label_comp_id 
_struct_conn.pdbx_ptnr3_label_asym_id 
_struct_conn.pdbx_ptnr3_label_alt_id 
_struct_conn.pdbx_ptnr3_PDB_ins_code 
_struct_conn.details 
_struct_conn.pdbx_dist_value 
_struct_conn.pdbx_value_order 
_struct_conn.pdbx_role 
metalc1 metalc ? ? A HIS 4 NE2 ? ? ? 1_555  B NI . NI ? ? A HIS -2 A NI 1147 1_555 ? ? ? ? ? ? ? 2.295 ? ? 
metalc2 metalc ? ? A HIS 4 NE2 ? ? ? 34_555 B NI . NI ? ? A HIS -2 A NI 1147 1_555 ? ? ? ? ? ? ? 2.324 ? ? 
metalc3 metalc ? ? A HIS 4 NE2 ? ? ? 43_555 B NI . NI ? ? A HIS -2 A NI 1147 1_555 ? ? ? ? ? ? ? 2.293 ? ? 
metalc4 metalc ? ? A HIS 5 NE2 ? ? ? 1_555  C NI . NI ? ? A HIS -1 A NI 1148 1_555 ? ? ? ? ? ? ? 2.182 ? ? 
metalc5 metalc ? ? A HIS 5 NE2 ? ? ? 9_555  C NI . NI ? ? A HIS -1 A NI 1148 1_555 ? ? ? ? ? ? ? 2.180 ? ? 
metalc6 metalc ? ? A HIS 5 NE2 ? ? ? 5_555  C NI . NI ? ? A HIS -1 A NI 1148 1_555 ? ? ? ? ? ? ? 2.179 ? ? 
metalc7 metalc ? ? A HIS 7 NE2 ? ? ? 5_555  C NI . NI ? ? A HIS 1  A NI 1148 1_555 ? ? ? ? ? ? ? 2.244 ? ? 
metalc8 metalc ? ? A HIS 7 NE2 ? ? ? 1_555  C NI . NI ? ? A HIS 1  A NI 1148 1_555 ? ? ? ? ? ? ? 2.245 ? ? 
metalc9 metalc ? ? A HIS 7 NE2 ? ? ? 9_555  C NI . NI ? ? A HIS 1  A NI 1148 1_555 ? ? ? ? ? ? ? 2.243 ? ? 
# 
_struct_conn_type.id          metalc 
_struct_conn_type.criteria    ? 
_struct_conn_type.reference   ? 
# 
loop_
_pdbx_struct_conn_angle.id 
_pdbx_struct_conn_angle.ptnr1_label_atom_id 
_pdbx_struct_conn_angle.ptnr1_label_alt_id 
_pdbx_struct_conn_angle.ptnr1_label_asym_id 
_pdbx_struct_conn_angle.ptnr1_label_comp_id 
_pdbx_struct_conn_angle.ptnr1_label_seq_id 
_pdbx_struct_conn_angle.ptnr1_auth_atom_id 
_pdbx_struct_conn_angle.ptnr1_auth_asym_id 
_pdbx_struct_conn_angle.ptnr1_auth_comp_id 
_pdbx_struct_conn_angle.ptnr1_auth_seq_id 
_pdbx_struct_conn_angle.ptnr1_PDB_ins_code 
_pdbx_struct_conn_angle.ptnr1_symmetry 
_pdbx_struct_conn_angle.ptnr2_label_atom_id 
_pdbx_struct_conn_angle.ptnr2_label_alt_id 
_pdbx_struct_conn_angle.ptnr2_label_asym_id 
_pdbx_struct_conn_angle.ptnr2_label_comp_id 
_pdbx_struct_conn_angle.ptnr2_label_seq_id 
_pdbx_struct_conn_angle.ptnr2_auth_atom_id 
_pdbx_struct_conn_angle.ptnr2_auth_asym_id 
_pdbx_struct_conn_angle.ptnr2_auth_comp_id 
_pdbx_struct_conn_angle.ptnr2_auth_seq_id 
_pdbx_struct_conn_angle.ptnr2_PDB_ins_code 
_pdbx_struct_conn_angle.ptnr2_symmetry 
_pdbx_struct_conn_angle.ptnr3_label_atom_id 
_pdbx_struct_conn_angle.ptnr3_label_alt_id 
_pdbx_struct_conn_angle.ptnr3_label_asym_id 
_pdbx_struct_conn_angle.ptnr3_label_comp_id 
_pdbx_struct_conn_angle.ptnr3_label_seq_id 
_pdbx_struct_conn_angle.ptnr3_auth_atom_id 
_pdbx_struct_conn_angle.ptnr3_auth_asym_id 
_pdbx_struct_conn_angle.ptnr3_auth_comp_id 
_pdbx_struct_conn_angle.ptnr3_auth_seq_id 
_pdbx_struct_conn_angle.ptnr3_PDB_ins_code 
_pdbx_struct_conn_angle.ptnr3_symmetry 
_pdbx_struct_conn_angle.value 
_pdbx_struct_conn_angle.value_esd 
1  NE2 ? A HIS 4 ? A HIS -2 ? 1_555  NI ? B NI . ? A NI 1147 ? 1_555 NE2 ? A HIS 4 ? A HIS -2 ? 34_555 95.8  ? 
2  NE2 ? A HIS 4 ? A HIS -2 ? 1_555  NI ? B NI . ? A NI 1147 ? 1_555 NE2 ? A HIS 4 ? A HIS -2 ? 43_555 96.7  ? 
3  NE2 ? A HIS 4 ? A HIS -2 ? 34_555 NI ? B NI . ? A NI 1147 ? 1_555 NE2 ? A HIS 4 ? A HIS -2 ? 43_555 95.9  ? 
4  NE2 ? A HIS 5 ? A HIS -1 ? 1_555  NI ? C NI . ? A NI 1148 ? 1_555 NE2 ? A HIS 5 ? A HIS -1 ? 9_555  91.7  ? 
5  NE2 ? A HIS 5 ? A HIS -1 ? 1_555  NI ? C NI . ? A NI 1148 ? 1_555 NE2 ? A HIS 5 ? A HIS -1 ? 5_555  91.7  ? 
6  NE2 ? A HIS 5 ? A HIS -1 ? 9_555  NI ? C NI . ? A NI 1148 ? 1_555 NE2 ? A HIS 5 ? A HIS -1 ? 5_555  91.8  ? 
7  NE2 ? A HIS 5 ? A HIS -1 ? 1_555  NI ? C NI . ? A NI 1148 ? 1_555 NE2 ? A HIS 7 ? A HIS 1  ? 5_555  83.9  ? 
8  NE2 ? A HIS 5 ? A HIS -1 ? 9_555  NI ? C NI . ? A NI 1148 ? 1_555 NE2 ? A HIS 7 ? A HIS 1  ? 5_555  174.7 ? 
9  NE2 ? A HIS 5 ? A HIS -1 ? 5_555  NI ? C NI . ? A NI 1148 ? 1_555 NE2 ? A HIS 7 ? A HIS 1  ? 5_555  91.3  ? 
10 NE2 ? A HIS 5 ? A HIS -1 ? 1_555  NI ? C NI . ? A NI 1148 ? 1_555 NE2 ? A HIS 7 ? A HIS 1  ? 1_555  91.2  ? 
11 NE2 ? A HIS 5 ? A HIS -1 ? 9_555  NI ? C NI . ? A NI 1148 ? 1_555 NE2 ? A HIS 7 ? A HIS 1  ? 1_555  83.9  ? 
12 NE2 ? A HIS 5 ? A HIS -1 ? 5_555  NI ? C NI . ? A NI 1148 ? 1_555 NE2 ? A HIS 7 ? A HIS 1  ? 1_555  174.9 ? 
13 NE2 ? A HIS 7 ? A HIS 1  ? 5_555  NI ? C NI . ? A NI 1148 ? 1_555 NE2 ? A HIS 7 ? A HIS 1  ? 1_555  93.2  ? 
14 NE2 ? A HIS 5 ? A HIS -1 ? 1_555  NI ? C NI . ? A NI 1148 ? 1_555 NE2 ? A HIS 7 ? A HIS 1  ? 9_555  174.8 ? 
15 NE2 ? A HIS 5 ? A HIS -1 ? 9_555  NI ? C NI . ? A NI 1148 ? 1_555 NE2 ? A HIS 7 ? A HIS 1  ? 9_555  91.3  ? 
16 NE2 ? A HIS 5 ? A HIS -1 ? 5_555  NI ? C NI . ? A NI 1148 ? 1_555 NE2 ? A HIS 7 ? A HIS 1  ? 9_555  84.0  ? 
17 NE2 ? A HIS 7 ? A HIS 1  ? 5_555  NI ? C NI . ? A NI 1148 ? 1_555 NE2 ? A HIS 7 ? A HIS 1  ? 9_555  93.2  ? 
18 NE2 ? A HIS 7 ? A HIS 1  ? 1_555  NI ? C NI . ? A NI 1148 ? 1_555 NE2 ? A HIS 7 ? A HIS 1  ? 9_555  93.2  ? 
# 
loop_
_struct_mon_prot_cis.pdbx_id 
_struct_mon_prot_cis.label_comp_id 
_struct_mon_prot_cis.label_seq_id 
_struct_mon_prot_cis.label_asym_id 
_struct_mon_prot_cis.label_alt_id 
_struct_mon_prot_cis.pdbx_PDB_ins_code 
_struct_mon_prot_cis.auth_comp_id 
_struct_mon_prot_cis.auth_seq_id 
_struct_mon_prot_cis.auth_asym_id 
_struct_mon_prot_cis.pdbx_label_comp_id_2 
_struct_mon_prot_cis.pdbx_label_seq_id_2 
_struct_mon_prot_cis.pdbx_label_asym_id_2 
_struct_mon_prot_cis.pdbx_PDB_ins_code_2 
_struct_mon_prot_cis.pdbx_auth_comp_id_2 
_struct_mon_prot_cis.pdbx_auth_seq_id_2 
_struct_mon_prot_cis.pdbx_auth_asym_id_2 
_struct_mon_prot_cis.pdbx_PDB_model_num 
_struct_mon_prot_cis.pdbx_omega_angle 
1 HIS 2  A . ? HIS -4 A HIS 3  A ? HIS -3 A 1 0.98 
2 PRO 43 A . ? PRO 37 A PRO 44 A ? PRO 38 A 1 7.92 
# 
loop_
_struct_site.id 
_struct_site.pdbx_evidence_code 
_struct_site.pdbx_auth_asym_id 
_struct_site.pdbx_auth_comp_id 
_struct_site.pdbx_auth_seq_id 
_struct_site.pdbx_auth_ins_code 
_struct_site.pdbx_num_residues 
_struct_site.details 
AC1 Software A NI  1147 ? 6  'BINDING SITE FOR RESIDUE NI A 1147'  
AC2 Software A NI  1148 ? 6  'BINDING SITE FOR RESIDUE NI A 1148'  
AC3 Software A PLM 1152 ? 3  'BINDING SITE FOR RESIDUE PLM A 1152' 
AC4 Software A PLM 1153 ? 1  'BINDING SITE FOR RESIDUE PLM A 1153' 
AC5 Software A PLM 1154 ? 2  'BINDING SITE FOR RESIDUE PLM A 1154' 
AC6 Software A PLM 1156 ? 1  'BINDING SITE FOR RESIDUE PLM A 1156' 
AC7 Software A LMU 1149 ? 17 'BINDING SITE FOR RESIDUE LMU A 1149' 
AC8 Software A GSH 1150 ? 16 'BINDING SITE FOR RESIDUE GSH A 1150' 
AC9 Software A PAM 1151 ? 4  'BINDING SITE FOR RESIDUE PAM A 1151' 
BC1 Software A SO4 1155 ? 10 'BINDING SITE FOR RESIDUE SO4 A 1155' 
# 
loop_
_struct_site_gen.id 
_struct_site_gen.site_id 
_struct_site_gen.pdbx_num_res 
_struct_site_gen.label_comp_id 
_struct_site_gen.label_asym_id 
_struct_site_gen.label_seq_id 
_struct_site_gen.pdbx_auth_ins_code 
_struct_site_gen.auth_comp_id 
_struct_site_gen.auth_asym_id 
_struct_site_gen.auth_seq_id 
_struct_site_gen.label_atom_id 
_struct_site_gen.label_alt_id 
_struct_site_gen.symmetry 
_struct_site_gen.details 
1  AC1 6  HIS A 2   ? HIS A -4   . ? 1_555  ? 
2  AC1 6  HIS A 2   ? HIS A -4   . ? 34_555 ? 
3  AC1 6  HIS A 2   ? HIS A -4   . ? 43_555 ? 
4  AC1 6  HIS A 4   ? HIS A -2   . ? 1_555  ? 
5  AC1 6  HIS A 4   ? HIS A -2   . ? 43_555 ? 
6  AC1 6  HIS A 4   ? HIS A -2   . ? 34_555 ? 
7  AC2 6  HIS A 5   ? HIS A -1   . ? 9_555  ? 
8  AC2 6  HIS A 5   ? HIS A -1   . ? 5_555  ? 
9  AC2 6  HIS A 5   ? HIS A -1   . ? 1_555  ? 
10 AC2 6  HIS A 7   ? HIS A 1    . ? 5_555  ? 
11 AC2 6  HIS A 7   ? HIS A 1    . ? 1_555  ? 
12 AC2 6  HIS A 7   ? HIS A 1    . ? 9_555  ? 
13 AC3 3  ALA A 134 ? ALA A 128  . ? 16_555 ? 
14 AC3 3  LEU A 141 ? LEU A 135  . ? 1_555  ? 
15 AC3 3  HOH M .   ? HOH A 2013 . ? 23_555 ? 
16 AC4 1  PHE A 136 ? PHE A 130  . ? 1_555  ? 
17 AC5 2  GLN A 101 ? GLN A 95   . ? 1_555  ? 
18 AC5 2  HOH M .   ? HOH A 2086 . ? 1_555  ? 
19 AC6 1  HOH M .   ? HOH A 2077 . ? 9_555  ? 
20 AC7 17 ILE A 33  ? ILE A 27   . ? 9_555  ? 
21 AC7 17 ARG A 36  ? ARG A 30   . ? 9_555  ? 
22 AC7 17 ARG A 37  ? ARG A 31   . ? 9_555  ? 
23 AC7 17 SER A 42  ? SER A 36   . ? 9_555  ? 
24 AC7 17 PRO A 43  ? PRO A 37   . ? 9_555  ? 
25 AC7 17 TYR A 65  ? TYR A 59   . ? 1_555  ? 
26 AC7 17 GLN A 108 ? GLN A 102  . ? 1_555  ? 
27 AC7 17 ARG A 110 ? ARG A 104  . ? 1_555  ? 
28 AC7 17 LEU A 111 ? LEU A 105  . ? 1_555  ? 
29 AC7 17 TYR A 115 ? TYR A 109  . ? 1_555  ? 
30 AC7 17 ALA A 118 ? ALA A 112  . ? 1_555  ? 
31 AC7 17 TRP A 122 ? TRP A 116  . ? 1_555  ? 
32 AC7 17 GSH E .   ? GSH A 1150 . ? 1_555  ? 
33 AC7 17 HOH M .   ? HOH A 2036 . ? 9_555  ? 
34 AC7 17 HOH M .   ? HOH A 2063 . ? 2_555  ? 
35 AC7 17 HOH M .   ? HOH A 2119 . ? 1_555  ? 
36 AC7 17 HOH M .   ? HOH A 2121 . ? 1_555  ? 
37 AC8 16 SER A 29  ? SER A 23   . ? 9_555  ? 
38 AC8 16 ILE A 33  ? ILE A 27   . ? 9_555  ? 
39 AC8 16 ARG A 36  ? ARG A 30   . ? 9_555  ? 
40 AC8 16 PRO A 43  ? PRO A 37   . ? 9_555  ? 
41 AC8 16 TYR A 56  ? TYR A 50   . ? 9_555  ? 
42 AC8 16 ARG A 57  ? ARG A 51   . ? 1_555  ? 
43 AC8 16 GLN A 59  ? GLN A 53   . ? 9_555  ? 
44 AC8 16 ASN A 61  ? ASN A 55   . ? 1_555  ? 
45 AC8 16 GLU A 64  ? GLU A 58   . ? 1_555  ? 
46 AC8 16 TYR A 65  ? TYR A 59   . ? 1_555  ? 
47 AC8 16 TYR A 99  ? TYR A 93   . ? 1_555  ? 
48 AC8 16 TYR A 103 ? TYR A 97   . ? 1_555  ? 
49 AC8 16 ARG A 110 ? ARG A 104  . ? 1_555  ? 
50 AC8 16 LEU A 114 ? LEU A 108  . ? 1_555  ? 
51 AC8 16 LMU D .   ? LMU A 1149 . ? 1_555  ? 
52 AC8 16 HOH M .   ? HOH A 2069 . ? 1_555  ? 
53 AC9 4  GLU A 10  ? GLU A 4    . ? 1_555  ? 
54 AC9 4  TRP A 74  ? TRP A 68   . ? 9_555  ? 
55 AC9 4  ILE A 78  ? ILE A 72   . ? 1_555  ? 
56 AC9 4  HOH M .   ? HOH A 2120 . ? 1_555  ? 
57 BC1 10 ARG A 54  ? ARG A 48   . ? 2_555  ? 
58 BC1 10 SER A 106 ? SER A 100  . ? 2_555  ? 
59 BC1 10 SER A 106 ? SER A 100  . ? 1_555  ? 
60 BC1 10 ALA A 107 ? ALA A 101  . ? 2_555  ? 
61 BC1 10 ALA A 107 ? ALA A 101  . ? 1_555  ? 
62 BC1 10 GLN A 108 ? GLN A 102  . ? 1_555  ? 
63 BC1 10 GLN A 108 ? GLN A 102  . ? 2_555  ? 
64 BC1 10 HOH M .   ? HOH A 2121 . ? 1_555  ? 
65 BC1 10 HOH M .   ? HOH A 2122 . ? 1_555  ? 
66 BC1 10 HOH M .   ? HOH A 2122 . ? 2_555  ? 
# 
loop_
_pdbx_validate_close_contact.id 
_pdbx_validate_close_contact.PDB_model_num 
_pdbx_validate_close_contact.auth_atom_id_1 
_pdbx_validate_close_contact.auth_asym_id_1 
_pdbx_validate_close_contact.auth_comp_id_1 
_pdbx_validate_close_contact.auth_seq_id_1 
_pdbx_validate_close_contact.PDB_ins_code_1 
_pdbx_validate_close_contact.label_alt_id_1 
_pdbx_validate_close_contact.auth_atom_id_2 
_pdbx_validate_close_contact.auth_asym_id_2 
_pdbx_validate_close_contact.auth_comp_id_2 
_pdbx_validate_close_contact.auth_seq_id_2 
_pdbx_validate_close_contact.PDB_ins_code_2 
_pdbx_validate_close_contact.label_alt_id_2 
_pdbx_validate_close_contact.dist 
1 1 N A ARG 144  ? ? O A HOH 2116 ? ? 2.01 
2 1 O A HOH 2110 ? ? O A HOH 2112 ? ? 2.09 
3 1 O A THR 145  ? ? O A HOH 2117 ? ? 2.12 
# 
_pdbx_validate_rmsd_bond.id                        1 
_pdbx_validate_rmsd_bond.PDB_model_num             1 
_pdbx_validate_rmsd_bond.auth_atom_id_1            N 
_pdbx_validate_rmsd_bond.auth_asym_id_1            A 
_pdbx_validate_rmsd_bond.auth_comp_id_1            LEU 
_pdbx_validate_rmsd_bond.auth_seq_id_1             39 
_pdbx_validate_rmsd_bond.PDB_ins_code_1            ? 
_pdbx_validate_rmsd_bond.label_alt_id_1            ? 
_pdbx_validate_rmsd_bond.auth_atom_id_2            CA 
_pdbx_validate_rmsd_bond.auth_asym_id_2            A 
_pdbx_validate_rmsd_bond.auth_comp_id_2            LEU 
_pdbx_validate_rmsd_bond.auth_seq_id_2             39 
_pdbx_validate_rmsd_bond.PDB_ins_code_2            ? 
_pdbx_validate_rmsd_bond.label_alt_id_2            ? 
_pdbx_validate_rmsd_bond.bond_value                1.642 
_pdbx_validate_rmsd_bond.bond_target_value         1.459 
_pdbx_validate_rmsd_bond.bond_deviation            0.183 
_pdbx_validate_rmsd_bond.bond_standard_deviation   0.020 
_pdbx_validate_rmsd_bond.linker_flag               N 
# 
loop_
_pdbx_validate_rmsd_angle.id 
_pdbx_validate_rmsd_angle.PDB_model_num 
_pdbx_validate_rmsd_angle.auth_atom_id_1 
_pdbx_validate_rmsd_angle.auth_asym_id_1 
_pdbx_validate_rmsd_angle.auth_comp_id_1 
_pdbx_validate_rmsd_angle.auth_seq_id_1 
_pdbx_validate_rmsd_angle.PDB_ins_code_1 
_pdbx_validate_rmsd_angle.label_alt_id_1 
_pdbx_validate_rmsd_angle.auth_atom_id_2 
_pdbx_validate_rmsd_angle.auth_asym_id_2 
_pdbx_validate_rmsd_angle.auth_comp_id_2 
_pdbx_validate_rmsd_angle.auth_seq_id_2 
_pdbx_validate_rmsd_angle.PDB_ins_code_2 
_pdbx_validate_rmsd_angle.label_alt_id_2 
_pdbx_validate_rmsd_angle.auth_atom_id_3 
_pdbx_validate_rmsd_angle.auth_asym_id_3 
_pdbx_validate_rmsd_angle.auth_comp_id_3 
_pdbx_validate_rmsd_angle.auth_seq_id_3 
_pdbx_validate_rmsd_angle.PDB_ins_code_3 
_pdbx_validate_rmsd_angle.label_alt_id_3 
_pdbx_validate_rmsd_angle.angle_value 
_pdbx_validate_rmsd_angle.angle_target_value 
_pdbx_validate_rmsd_angle.angle_deviation 
_pdbx_validate_rmsd_angle.angle_standard_deviation 
_pdbx_validate_rmsd_angle.linker_flag 
1 1 O  A PRO 38  ? ? C  A PRO 38  ? ? N   A LEU 39  ? ? 111.82 122.70 -10.88 1.60 Y 
2 1 C  A PRO 38  ? ? N  A LEU 39  ? ? CA  A LEU 39  ? ? 101.51 121.70 -20.19 2.50 Y 
3 1 NE A ARG 51  ? ? CZ A ARG 51  ? ? NH1 A ARG 51  ? ? 127.83 120.30 7.53   0.50 N 
4 1 NE A ARG 51  ? ? CZ A ARG 51  ? ? NH2 A ARG 51  ? ? 110.21 120.30 -10.09 0.50 N 
5 1 O  A THR 145 ? ? C  A THR 145 ? ? N   A LEU 146 ? ? 112.69 122.70 -10.01 1.60 Y 
# 
loop_
_pdbx_validate_torsion.id 
_pdbx_validate_torsion.PDB_model_num 
_pdbx_validate_torsion.auth_comp_id 
_pdbx_validate_torsion.auth_asym_id 
_pdbx_validate_torsion.auth_seq_id 
_pdbx_validate_torsion.PDB_ins_code 
_pdbx_validate_torsion.label_alt_id 
_pdbx_validate_torsion.phi 
_pdbx_validate_torsion.psi 
1 1 HIS A -3  ? ? 77.09   108.28 
2 1 LEU A 39  ? ? 100.93  112.83 
3 1 THR A 40  ? ? -140.38 15.60  
4 1 HIS A 75  ? ? -174.76 126.17 
5 1 ARG A 144 ? ? -43.07  89.80  
6 1 THR A 145 ? ? 32.62   -80.85 
# 
loop_
_pdbx_validate_chiral.id 
_pdbx_validate_chiral.PDB_model_num 
_pdbx_validate_chiral.auth_atom_id 
_pdbx_validate_chiral.label_alt_id 
_pdbx_validate_chiral.auth_asym_id 
_pdbx_validate_chiral.auth_comp_id 
_pdbx_validate_chiral.auth_seq_id 
_pdbx_validate_chiral.PDB_ins_code 
_pdbx_validate_chiral.details 
_pdbx_validate_chiral.omega 
1 1 C2B ? A LMU 1149 ? 'WRONG HAND' . 
2 1 C5B ? A LMU 1149 ? 'WRONG HAND' . 
3 1 CA1 ? A GSH 1150 ? 'WRONG HAND' . 
# 
loop_
_pdbx_struct_special_symmetry.id 
_pdbx_struct_special_symmetry.PDB_model_num 
_pdbx_struct_special_symmetry.auth_asym_id 
_pdbx_struct_special_symmetry.auth_comp_id 
_pdbx_struct_special_symmetry.auth_seq_id 
_pdbx_struct_special_symmetry.PDB_ins_code 
_pdbx_struct_special_symmetry.label_asym_id 
_pdbx_struct_special_symmetry.label_comp_id 
_pdbx_struct_special_symmetry.label_seq_id 
1 1 A NI  1147 ? B NI  . 
2 1 A NI  1148 ? C NI  . 
3 1 A HOH 2021 ? M HOH . 
4 1 A HOH 2022 ? M HOH . 
5 1 A HOH 2042 ? M HOH . 
# 
loop_
_pdbx_refine_tls.pdbx_refine_id 
_pdbx_refine_tls.id 
_pdbx_refine_tls.details 
_pdbx_refine_tls.method 
_pdbx_refine_tls.origin_x 
_pdbx_refine_tls.origin_y 
_pdbx_refine_tls.origin_z 
_pdbx_refine_tls.T[1][1] 
_pdbx_refine_tls.T[2][2] 
_pdbx_refine_tls.T[3][3] 
_pdbx_refine_tls.T[1][2] 
_pdbx_refine_tls.T[1][3] 
_pdbx_refine_tls.T[2][3] 
_pdbx_refine_tls.L[1][1] 
_pdbx_refine_tls.L[2][2] 
_pdbx_refine_tls.L[3][3] 
_pdbx_refine_tls.L[1][2] 
_pdbx_refine_tls.L[1][3] 
_pdbx_refine_tls.L[2][3] 
_pdbx_refine_tls.S[1][1] 
_pdbx_refine_tls.S[1][2] 
_pdbx_refine_tls.S[1][3] 
_pdbx_refine_tls.S[2][1] 
_pdbx_refine_tls.S[2][2] 
_pdbx_refine_tls.S[2][3] 
_pdbx_refine_tls.S[3][1] 
_pdbx_refine_tls.S[3][2] 
_pdbx_refine_tls.S[3][3] 
'X-RAY DIFFRACTION' 1 ? refined -0.6624 -23.8935 -10.4348 0.0237 -0.0892 0.1023 -0.0711 -0.1304 -0.0455 14.0978 40.2599 12.3564 -14.3382 -8.9533 19.0513 -0.2166 0.7583  -0.3337 -0.3444 0.3838 0.6745  0.2010  0.1849  -0.1673 
'X-RAY DIFFRACTION' 2 ? refined 3.1317  12.4257  -11.5773 0.0807 0.0145  0.0817 0.0158  0.0147  0.0260  2.2113  5.2281  0.5874  1.8272   -0.1893 -0.3919 0.0385  0.2227  0.4580  -0.1720 0.0579 0.3461  -0.1657 -0.0835 -0.0964 
'X-RAY DIFFRACTION' 3 ? refined -2.2184 5.6217   -1.0374  0.0397 -0.0051 0.0798 0.0046  0.0056  -0.0083 0.5166  3.9141  0.6662  0.5273   -0.0308 -0.4220 -0.0138 -0.0539 0.0787  0.0628  0.0243 0.2249  -0.0430 -0.1202 -0.0103 
'X-RAY DIFFRACTION' 4 ? refined 0.2687  -13.6888 15.9650  0.1702 0.0863  0.0622 -0.0547 0.0003  0.0160  1.9755  16.0011 4.0907  -3.5084  1.9118  -8.0741 -0.1787 -0.3412 -0.1023 1.0205  0.2294 -0.1515 -0.4734 -0.2586 -0.0507  
# 
loop_
_pdbx_refine_tls_group.pdbx_refine_id 
_pdbx_refine_tls_group.id 
_pdbx_refine_tls_group.refine_tls_id 
_pdbx_refine_tls_group.beg_auth_asym_id 
_pdbx_refine_tls_group.beg_auth_seq_id 
_pdbx_refine_tls_group.beg_label_asym_id 
_pdbx_refine_tls_group.beg_label_seq_id 
_pdbx_refine_tls_group.end_auth_asym_id 
_pdbx_refine_tls_group.end_auth_seq_id 
_pdbx_refine_tls_group.end_label_asym_id 
_pdbx_refine_tls_group.end_label_seq_id 
_pdbx_refine_tls_group.selection 
_pdbx_refine_tls_group.selection_details 
'X-RAY DIFFRACTION' 1 1 A -4  ? ? A 4   ? ? ? ? 
'X-RAY DIFFRACTION' 2 2 A 5   ? ? A 47  ? ? ? ? 
'X-RAY DIFFRACTION' 3 3 A 48  ? ? A 108 ? ? ? ? 
'X-RAY DIFFRACTION' 4 4 A 109 ? ? A 145 ? ? ? ? 
# 
loop_
_pdbx_distant_solvent_atoms.id 
_pdbx_distant_solvent_atoms.PDB_model_num 
_pdbx_distant_solvent_atoms.auth_atom_id 
_pdbx_distant_solvent_atoms.label_alt_id 
_pdbx_distant_solvent_atoms.auth_asym_id 
_pdbx_distant_solvent_atoms.auth_comp_id 
_pdbx_distant_solvent_atoms.auth_seq_id 
_pdbx_distant_solvent_atoms.PDB_ins_code 
_pdbx_distant_solvent_atoms.neighbor_macromolecule_distance 
_pdbx_distant_solvent_atoms.neighbor_ligand_distance 
1 1 O ? A HOH 2002 ? 6.55 . 
2 1 O ? A HOH 2003 ? 6.94 . 
3 1 O ? A HOH 2007 ? 5.87 . 
4 1 O ? A HOH 2008 ? 7.94 . 
5 1 O ? A HOH 2009 ? 9.38 . 
6 1 O ? A HOH 2010 ? 8.43 . 
7 1 O ? A HOH 2012 ? 5.89 . 
8 1 O ? A HOH 2017 ? 6.93 . 
# 
loop_
_pdbx_unobs_or_zero_occ_residues.id 
_pdbx_unobs_or_zero_occ_residues.PDB_model_num 
_pdbx_unobs_or_zero_occ_residues.polymer_flag 
_pdbx_unobs_or_zero_occ_residues.occupancy_flag 
_pdbx_unobs_or_zero_occ_residues.auth_asym_id 
_pdbx_unobs_or_zero_occ_residues.auth_comp_id 
_pdbx_unobs_or_zero_occ_residues.auth_seq_id 
_pdbx_unobs_or_zero_occ_residues.PDB_ins_code 
_pdbx_unobs_or_zero_occ_residues.label_asym_id 
_pdbx_unobs_or_zero_occ_residues.label_comp_id 
_pdbx_unobs_or_zero_occ_residues.label_seq_id 
1 1 Y 1 A MET -5  ? A MET 1   
2 1 Y 1 A LEU 147 ? A LEU 153 
3 1 Y 1 A PRO 148 ? A PRO 154 
4 1 Y 1 A TRP 149 ? A TRP 155 
5 1 Y 1 A ALA 150 ? A ALA 156 
# 
loop_
_chem_comp_atom.comp_id 
_chem_comp_atom.atom_id 
_chem_comp_atom.type_symbol 
_chem_comp_atom.pdbx_aromatic_flag 
_chem_comp_atom.pdbx_stereo_config 
_chem_comp_atom.pdbx_ordinal 
ALA N      N  N N 1   
ALA CA     C  N S 2   
ALA C      C  N N 3   
ALA O      O  N N 4   
ALA CB     C  N N 5   
ALA OXT    O  N N 6   
ALA H      H  N N 7   
ALA H2     H  N N 8   
ALA HA     H  N N 9   
ALA HB1    H  N N 10  
ALA HB2    H  N N 11  
ALA HB3    H  N N 12  
ALA HXT    H  N N 13  
ARG N      N  N N 14  
ARG CA     C  N S 15  
ARG C      C  N N 16  
ARG O      O  N N 17  
ARG CB     C  N N 18  
ARG CG     C  N N 19  
ARG CD     C  N N 20  
ARG NE     N  N N 21  
ARG CZ     C  N N 22  
ARG NH1    N  N N 23  
ARG NH2    N  N N 24  
ARG OXT    O  N N 25  
ARG H      H  N N 26  
ARG H2     H  N N 27  
ARG HA     H  N N 28  
ARG HB2    H  N N 29  
ARG HB3    H  N N 30  
ARG HG2    H  N N 31  
ARG HG3    H  N N 32  
ARG HD2    H  N N 33  
ARG HD3    H  N N 34  
ARG HE     H  N N 35  
ARG HH11   H  N N 36  
ARG HH12   H  N N 37  
ARG HH21   H  N N 38  
ARG HH22   H  N N 39  
ARG HXT    H  N N 40  
ASN N      N  N N 41  
ASN CA     C  N S 42  
ASN C      C  N N 43  
ASN O      O  N N 44  
ASN CB     C  N N 45  
ASN CG     C  N N 46  
ASN OD1    O  N N 47  
ASN ND2    N  N N 48  
ASN OXT    O  N N 49  
ASN H      H  N N 50  
ASN H2     H  N N 51  
ASN HA     H  N N 52  
ASN HB2    H  N N 53  
ASN HB3    H  N N 54  
ASN HD21   H  N N 55  
ASN HD22   H  N N 56  
ASN HXT    H  N N 57  
ASP N      N  N N 58  
ASP CA     C  N S 59  
ASP C      C  N N 60  
ASP O      O  N N 61  
ASP CB     C  N N 62  
ASP CG     C  N N 63  
ASP OD1    O  N N 64  
ASP OD2    O  N N 65  
ASP OXT    O  N N 66  
ASP H      H  N N 67  
ASP H2     H  N N 68  
ASP HA     H  N N 69  
ASP HB2    H  N N 70  
ASP HB3    H  N N 71  
ASP HD2    H  N N 72  
ASP HXT    H  N N 73  
CYS N      N  N N 74  
CYS CA     C  N R 75  
CYS C      C  N N 76  
CYS O      O  N N 77  
CYS CB     C  N N 78  
CYS SG     S  N N 79  
CYS OXT    O  N N 80  
CYS H      H  N N 81  
CYS H2     H  N N 82  
CYS HA     H  N N 83  
CYS HB2    H  N N 84  
CYS HB3    H  N N 85  
CYS HG     H  N N 86  
CYS HXT    H  N N 87  
GLN N      N  N N 88  
GLN CA     C  N S 89  
GLN C      C  N N 90  
GLN O      O  N N 91  
GLN CB     C  N N 92  
GLN CG     C  N N 93  
GLN CD     C  N N 94  
GLN OE1    O  N N 95  
GLN NE2    N  N N 96  
GLN OXT    O  N N 97  
GLN H      H  N N 98  
GLN H2     H  N N 99  
GLN HA     H  N N 100 
GLN HB2    H  N N 101 
GLN HB3    H  N N 102 
GLN HG2    H  N N 103 
GLN HG3    H  N N 104 
GLN HE21   H  N N 105 
GLN HE22   H  N N 106 
GLN HXT    H  N N 107 
GLU N      N  N N 108 
GLU CA     C  N S 109 
GLU C      C  N N 110 
GLU O      O  N N 111 
GLU CB     C  N N 112 
GLU CG     C  N N 113 
GLU CD     C  N N 114 
GLU OE1    O  N N 115 
GLU OE2    O  N N 116 
GLU OXT    O  N N 117 
GLU H      H  N N 118 
GLU H2     H  N N 119 
GLU HA     H  N N 120 
GLU HB2    H  N N 121 
GLU HB3    H  N N 122 
GLU HG2    H  N N 123 
GLU HG3    H  N N 124 
GLU HE2    H  N N 125 
GLU HXT    H  N N 126 
GLY N      N  N N 127 
GLY CA     C  N N 128 
GLY C      C  N N 129 
GLY O      O  N N 130 
GLY OXT    O  N N 131 
GLY H      H  N N 132 
GLY H2     H  N N 133 
GLY HA2    H  N N 134 
GLY HA3    H  N N 135 
GLY HXT    H  N N 136 
GSH N1     N  N N 137 
GSH CA1    C  N S 138 
GSH C1     C  N N 139 
GSH O11    O  N N 140 
GSH O12    O  N N 141 
GSH CB1    C  N N 142 
GSH CG1    C  N N 143 
GSH CD1    C  N N 144 
GSH OE1    O  N N 145 
GSH N2     N  N N 146 
GSH CA2    C  N R 147 
GSH C2     C  N N 148 
GSH O2     O  N N 149 
GSH CB2    C  N N 150 
GSH SG2    S  N N 151 
GSH N3     N  N N 152 
GSH CA3    C  N N 153 
GSH C3     C  N N 154 
GSH O31    O  N N 155 
GSH O32    O  N N 156 
GSH HN11   H  N N 157 
GSH HN12   H  N N 158 
GSH HA1    H  N N 159 
GSH H12    H  N N 160 
GSH HB12   H  N N 161 
GSH HB13   H  N N 162 
GSH HG12   H  N N 163 
GSH HG13   H  N N 164 
GSH HN2    H  N N 165 
GSH HA2    H  N N 166 
GSH HB22   H  N N 167 
GSH HB23   H  N N 168 
GSH HSG    H  N N 169 
GSH HN3    H  N N 170 
GSH HA31   H  N N 171 
GSH HA32   H  N N 172 
GSH H32    H  N N 173 
HIS N      N  N N 174 
HIS CA     C  N S 175 
HIS C      C  N N 176 
HIS O      O  N N 177 
HIS CB     C  N N 178 
HIS CG     C  Y N 179 
HIS ND1    N  Y N 180 
HIS CD2    C  Y N 181 
HIS CE1    C  Y N 182 
HIS NE2    N  Y N 183 
HIS OXT    O  N N 184 
HIS H      H  N N 185 
HIS H2     H  N N 186 
HIS HA     H  N N 187 
HIS HB2    H  N N 188 
HIS HB3    H  N N 189 
HIS HD1    H  N N 190 
HIS HD2    H  N N 191 
HIS HE1    H  N N 192 
HIS HE2    H  N N 193 
HIS HXT    H  N N 194 
HOH O      O  N N 195 
HOH H1     H  N N 196 
HOH H2     H  N N 197 
ILE N      N  N N 198 
ILE CA     C  N S 199 
ILE C      C  N N 200 
ILE O      O  N N 201 
ILE CB     C  N S 202 
ILE CG1    C  N N 203 
ILE CG2    C  N N 204 
ILE CD1    C  N N 205 
ILE OXT    O  N N 206 
ILE H      H  N N 207 
ILE H2     H  N N 208 
ILE HA     H  N N 209 
ILE HB     H  N N 210 
ILE HG12   H  N N 211 
ILE HG13   H  N N 212 
ILE HG21   H  N N 213 
ILE HG22   H  N N 214 
ILE HG23   H  N N 215 
ILE HD11   H  N N 216 
ILE HD12   H  N N 217 
ILE HD13   H  N N 218 
ILE HXT    H  N N 219 
LEU N      N  N N 220 
LEU CA     C  N S 221 
LEU C      C  N N 222 
LEU O      O  N N 223 
LEU CB     C  N N 224 
LEU CG     C  N N 225 
LEU CD1    C  N N 226 
LEU CD2    C  N N 227 
LEU OXT    O  N N 228 
LEU H      H  N N 229 
LEU H2     H  N N 230 
LEU HA     H  N N 231 
LEU HB2    H  N N 232 
LEU HB3    H  N N 233 
LEU HG     H  N N 234 
LEU HD11   H  N N 235 
LEU HD12   H  N N 236 
LEU HD13   H  N N 237 
LEU HD21   H  N N 238 
LEU HD22   H  N N 239 
LEU HD23   H  N N 240 
LEU HXT    H  N N 241 
LMU C1B    C  N R 242 
LMU C2B    C  N R 243 
LMU C3B    C  N S 244 
LMU C4B    C  N S 245 
LMU C5B    C  N R 246 
LMU C6B    C  N N 247 
LMU O1B    O  N N 248 
LMU O2B    O  N N 249 
LMU O3B    O  N N 250 
LMU "O4'"  O  N N 251 
LMU O5B    O  N N 252 
LMU O6B    O  N N 253 
LMU "C1'"  C  N S 254 
LMU "C2'"  C  N R 255 
LMU "C3'"  C  N R 256 
LMU "C4'"  C  N S 257 
LMU "C5'"  C  N R 258 
LMU "C6'"  C  N N 259 
LMU "O1'"  O  N N 260 
LMU "O2'"  O  N N 261 
LMU "O3'"  O  N N 262 
LMU "O5'"  O  N N 263 
LMU "O6'"  O  N N 264 
LMU C1     C  N N 265 
LMU C2     C  N N 266 
LMU C3     C  N N 267 
LMU C4     C  N N 268 
LMU C5     C  N N 269 
LMU C6     C  N N 270 
LMU C7     C  N N 271 
LMU C8     C  N N 272 
LMU C9     C  N N 273 
LMU C10    C  N N 274 
LMU C11    C  N N 275 
LMU C12    C  N N 276 
LMU H1B    H  N N 277 
LMU H2B    H  N N 278 
LMU H3B    H  N N 279 
LMU H4B    H  N N 280 
LMU H5B    H  N N 281 
LMU "H6'2" H  N N 282 
LMU "H6'1" H  N N 283 
LMU H2O1   H  N N 284 
LMU H3O1   H  N N 285 
LMU H4O1   H  N N 286 
LMU H6B    H  N N 287 
LMU "H1'"  H  N N 288 
LMU "H2'"  H  N N 289 
LMU "H3'"  H  N N 290 
LMU "H4'"  H  N N 291 
LMU "H5'"  H  N N 292 
LMU H6D    H  N N 293 
LMU H6E    H  N N 294 
LMU H2O2   H  N N 295 
LMU H3O2   H  N N 296 
LMU "H6'"  H  N N 297 
LMU H12    H  N N 298 
LMU H11    H  N N 299 
LMU H22    H  N N 300 
LMU H21    H  N N 301 
LMU H32    H  N N 302 
LMU H31    H  N N 303 
LMU H42    H  N N 304 
LMU H41    H  N N 305 
LMU H52    H  N N 306 
LMU H51    H  N N 307 
LMU H62    H  N N 308 
LMU H61    H  N N 309 
LMU H72    H  N N 310 
LMU H71    H  N N 311 
LMU H82    H  N N 312 
LMU H81    H  N N 313 
LMU H92    H  N N 314 
LMU H91    H  N N 315 
LMU H102   H  N N 316 
LMU H101   H  N N 317 
LMU H112   H  N N 318 
LMU H111   H  N N 319 
LMU H123   H  N N 320 
LMU H122   H  N N 321 
LMU H121   H  N N 322 
LYS N      N  N N 323 
LYS CA     C  N S 324 
LYS C      C  N N 325 
LYS O      O  N N 326 
LYS CB     C  N N 327 
LYS CG     C  N N 328 
LYS CD     C  N N 329 
LYS CE     C  N N 330 
LYS NZ     N  N N 331 
LYS OXT    O  N N 332 
LYS H      H  N N 333 
LYS H2     H  N N 334 
LYS HA     H  N N 335 
LYS HB2    H  N N 336 
LYS HB3    H  N N 337 
LYS HG2    H  N N 338 
LYS HG3    H  N N 339 
LYS HD2    H  N N 340 
LYS HD3    H  N N 341 
LYS HE2    H  N N 342 
LYS HE3    H  N N 343 
LYS HZ1    H  N N 344 
LYS HZ2    H  N N 345 
LYS HZ3    H  N N 346 
LYS HXT    H  N N 347 
MET N      N  N N 348 
MET CA     C  N S 349 
MET C      C  N N 350 
MET O      O  N N 351 
MET CB     C  N N 352 
MET CG     C  N N 353 
MET SD     S  N N 354 
MET CE     C  N N 355 
MET OXT    O  N N 356 
MET H      H  N N 357 
MET H2     H  N N 358 
MET HA     H  N N 359 
MET HB2    H  N N 360 
MET HB3    H  N N 361 
MET HG2    H  N N 362 
MET HG3    H  N N 363 
MET HE1    H  N N 364 
MET HE2    H  N N 365 
MET HE3    H  N N 366 
MET HXT    H  N N 367 
NI  NI     NI N N 368 
PAM C1     C  N N 369 
PAM O1     O  N N 370 
PAM O2     O  N N 371 
PAM C2     C  N N 372 
PAM C3     C  N N 373 
PAM C4     C  N N 374 
PAM C5     C  N N 375 
PAM C6     C  N N 376 
PAM C7     C  N N 377 
PAM C8     C  N N 378 
PAM C9     C  N N 379 
PAM C10    C  N N 380 
PAM C11    C  N N 381 
PAM C12    C  N N 382 
PAM C13    C  N N 383 
PAM C14    C  N N 384 
PAM C15    C  N N 385 
PAM C16    C  N N 386 
PAM HO1    H  N N 387 
PAM H21    H  N N 388 
PAM H22    H  N N 389 
PAM H31    H  N N 390 
PAM H32    H  N N 391 
PAM H41    H  N N 392 
PAM H42    H  N N 393 
PAM H51    H  N N 394 
PAM H52    H  N N 395 
PAM H61    H  N N 396 
PAM H62    H  N N 397 
PAM H71    H  N N 398 
PAM H72    H  N N 399 
PAM H81    H  N N 400 
PAM H82    H  N N 401 
PAM H9     H  N N 402 
PAM H10    H  N N 403 
PAM H111   H  N N 404 
PAM H112   H  N N 405 
PAM H121   H  N N 406 
PAM H122   H  N N 407 
PAM H131   H  N N 408 
PAM H132   H  N N 409 
PAM H141   H  N N 410 
PAM H142   H  N N 411 
PAM H151   H  N N 412 
PAM H152   H  N N 413 
PAM H161   H  N N 414 
PAM H162   H  N N 415 
PAM H163   H  N N 416 
PHE N      N  N N 417 
PHE CA     C  N S 418 
PHE C      C  N N 419 
PHE O      O  N N 420 
PHE CB     C  N N 421 
PHE CG     C  Y N 422 
PHE CD1    C  Y N 423 
PHE CD2    C  Y N 424 
PHE CE1    C  Y N 425 
PHE CE2    C  Y N 426 
PHE CZ     C  Y N 427 
PHE OXT    O  N N 428 
PHE H      H  N N 429 
PHE H2     H  N N 430 
PHE HA     H  N N 431 
PHE HB2    H  N N 432 
PHE HB3    H  N N 433 
PHE HD1    H  N N 434 
PHE HD2    H  N N 435 
PHE HE1    H  N N 436 
PHE HE2    H  N N 437 
PHE HZ     H  N N 438 
PHE HXT    H  N N 439 
PLM C1     C  N N 440 
PLM O1     O  N N 441 
PLM O2     O  N N 442 
PLM C2     C  N N 443 
PLM C3     C  N N 444 
PLM C4     C  N N 445 
PLM C5     C  N N 446 
PLM C6     C  N N 447 
PLM C7     C  N N 448 
PLM C8     C  N N 449 
PLM C9     C  N N 450 
PLM CA     C  N N 451 
PLM CB     C  N N 452 
PLM CC     C  N N 453 
PLM CD     C  N N 454 
PLM CE     C  N N 455 
PLM CF     C  N N 456 
PLM CG     C  N N 457 
PLM H      H  N N 458 
PLM H21    H  N N 459 
PLM H22    H  N N 460 
PLM H31    H  N N 461 
PLM H32    H  N N 462 
PLM H41    H  N N 463 
PLM H42    H  N N 464 
PLM H51    H  N N 465 
PLM H52    H  N N 466 
PLM H61    H  N N 467 
PLM H62    H  N N 468 
PLM H71    H  N N 469 
PLM H72    H  N N 470 
PLM H81    H  N N 471 
PLM H82    H  N N 472 
PLM H91    H  N N 473 
PLM H92    H  N N 474 
PLM HA1    H  N N 475 
PLM HA2    H  N N 476 
PLM HB1    H  N N 477 
PLM HB2    H  N N 478 
PLM HC1    H  N N 479 
PLM HC2    H  N N 480 
PLM HD1    H  N N 481 
PLM HD2    H  N N 482 
PLM HE1    H  N N 483 
PLM HE2    H  N N 484 
PLM HF1    H  N N 485 
PLM HF2    H  N N 486 
PLM HG1    H  N N 487 
PLM HG2    H  N N 488 
PLM HG3    H  N N 489 
PRO N      N  N N 490 
PRO CA     C  N S 491 
PRO C      C  N N 492 
PRO O      O  N N 493 
PRO CB     C  N N 494 
PRO CG     C  N N 495 
PRO CD     C  N N 496 
PRO OXT    O  N N 497 
PRO H      H  N N 498 
PRO HA     H  N N 499 
PRO HB2    H  N N 500 
PRO HB3    H  N N 501 
PRO HG2    H  N N 502 
PRO HG3    H  N N 503 
PRO HD2    H  N N 504 
PRO HD3    H  N N 505 
PRO HXT    H  N N 506 
SER N      N  N N 507 
SER CA     C  N S 508 
SER C      C  N N 509 
SER O      O  N N 510 
SER CB     C  N N 511 
SER OG     O  N N 512 
SER OXT    O  N N 513 
SER H      H  N N 514 
SER H2     H  N N 515 
SER HA     H  N N 516 
SER HB2    H  N N 517 
SER HB3    H  N N 518 
SER HG     H  N N 519 
SER HXT    H  N N 520 
SO4 S      S  N N 521 
SO4 O1     O  N N 522 
SO4 O2     O  N N 523 
SO4 O3     O  N N 524 
SO4 O4     O  N N 525 
THR N      N  N N 526 
THR CA     C  N S 527 
THR C      C  N N 528 
THR O      O  N N 529 
THR CB     C  N R 530 
THR OG1    O  N N 531 
THR CG2    C  N N 532 
THR OXT    O  N N 533 
THR H      H  N N 534 
THR H2     H  N N 535 
THR HA     H  N N 536 
THR HB     H  N N 537 
THR HG1    H  N N 538 
THR HG21   H  N N 539 
THR HG22   H  N N 540 
THR HG23   H  N N 541 
THR HXT    H  N N 542 
TRP N      N  N N 543 
TRP CA     C  N S 544 
TRP C      C  N N 545 
TRP O      O  N N 546 
TRP CB     C  N N 547 
TRP CG     C  Y N 548 
TRP CD1    C  Y N 549 
TRP CD2    C  Y N 550 
TRP NE1    N  Y N 551 
TRP CE2    C  Y N 552 
TRP CE3    C  Y N 553 
TRP CZ2    C  Y N 554 
TRP CZ3    C  Y N 555 
TRP CH2    C  Y N 556 
TRP OXT    O  N N 557 
TRP H      H  N N 558 
TRP H2     H  N N 559 
TRP HA     H  N N 560 
TRP HB2    H  N N 561 
TRP HB3    H  N N 562 
TRP HD1    H  N N 563 
TRP HE1    H  N N 564 
TRP HE3    H  N N 565 
TRP HZ2    H  N N 566 
TRP HZ3    H  N N 567 
TRP HH2    H  N N 568 
TRP HXT    H  N N 569 
TYR N      N  N N 570 
TYR CA     C  N S 571 
TYR C      C  N N 572 
TYR O      O  N N 573 
TYR CB     C  N N 574 
TYR CG     C  Y N 575 
TYR CD1    C  Y N 576 
TYR CD2    C  Y N 577 
TYR CE1    C  Y N 578 
TYR CE2    C  Y N 579 
TYR CZ     C  Y N 580 
TYR OH     O  N N 581 
TYR OXT    O  N N 582 
TYR H      H  N N 583 
TYR H2     H  N N 584 
TYR HA     H  N N 585 
TYR HB2    H  N N 586 
TYR HB3    H  N N 587 
TYR HD1    H  N N 588 
TYR HD2    H  N N 589 
TYR HE1    H  N N 590 
TYR HE2    H  N N 591 
TYR HH     H  N N 592 
TYR HXT    H  N N 593 
VAL N      N  N N 594 
VAL CA     C  N S 595 
VAL C      C  N N 596 
VAL O      O  N N 597 
VAL CB     C  N N 598 
VAL CG1    C  N N 599 
VAL CG2    C  N N 600 
VAL OXT    O  N N 601 
VAL H      H  N N 602 
VAL H2     H  N N 603 
VAL HA     H  N N 604 
VAL HB     H  N N 605 
VAL HG11   H  N N 606 
VAL HG12   H  N N 607 
VAL HG13   H  N N 608 
VAL HG21   H  N N 609 
VAL HG22   H  N N 610 
VAL HG23   H  N N 611 
VAL HXT    H  N N 612 
# 
loop_
_chem_comp_bond.comp_id 
_chem_comp_bond.atom_id_1 
_chem_comp_bond.atom_id_2 
_chem_comp_bond.value_order 
_chem_comp_bond.pdbx_aromatic_flag 
_chem_comp_bond.pdbx_stereo_config 
_chem_comp_bond.pdbx_ordinal 
ALA N     CA     sing N N 1   
ALA N     H      sing N N 2   
ALA N     H2     sing N N 3   
ALA CA    C      sing N N 4   
ALA CA    CB     sing N N 5   
ALA CA    HA     sing N N 6   
ALA C     O      doub N N 7   
ALA C     OXT    sing N N 8   
ALA CB    HB1    sing N N 9   
ALA CB    HB2    sing N N 10  
ALA CB    HB3    sing N N 11  
ALA OXT   HXT    sing N N 12  
ARG N     CA     sing N N 13  
ARG N     H      sing N N 14  
ARG N     H2     sing N N 15  
ARG CA    C      sing N N 16  
ARG CA    CB     sing N N 17  
ARG CA    HA     sing N N 18  
ARG C     O      doub N N 19  
ARG C     OXT    sing N N 20  
ARG CB    CG     sing N N 21  
ARG CB    HB2    sing N N 22  
ARG CB    HB3    sing N N 23  
ARG CG    CD     sing N N 24  
ARG CG    HG2    sing N N 25  
ARG CG    HG3    sing N N 26  
ARG CD    NE     sing N N 27  
ARG CD    HD2    sing N N 28  
ARG CD    HD3    sing N N 29  
ARG NE    CZ     sing N N 30  
ARG NE    HE     sing N N 31  
ARG CZ    NH1    sing N N 32  
ARG CZ    NH2    doub N N 33  
ARG NH1   HH11   sing N N 34  
ARG NH1   HH12   sing N N 35  
ARG NH2   HH21   sing N N 36  
ARG NH2   HH22   sing N N 37  
ARG OXT   HXT    sing N N 38  
ASN N     CA     sing N N 39  
ASN N     H      sing N N 40  
ASN N     H2     sing N N 41  
ASN CA    C      sing N N 42  
ASN CA    CB     sing N N 43  
ASN CA    HA     sing N N 44  
ASN C     O      doub N N 45  
ASN C     OXT    sing N N 46  
ASN CB    CG     sing N N 47  
ASN CB    HB2    sing N N 48  
ASN CB    HB3    sing N N 49  
ASN CG    OD1    doub N N 50  
ASN CG    ND2    sing N N 51  
ASN ND2   HD21   sing N N 52  
ASN ND2   HD22   sing N N 53  
ASN OXT   HXT    sing N N 54  
ASP N     CA     sing N N 55  
ASP N     H      sing N N 56  
ASP N     H2     sing N N 57  
ASP CA    C      sing N N 58  
ASP CA    CB     sing N N 59  
ASP CA    HA     sing N N 60  
ASP C     O      doub N N 61  
ASP C     OXT    sing N N 62  
ASP CB    CG     sing N N 63  
ASP CB    HB2    sing N N 64  
ASP CB    HB3    sing N N 65  
ASP CG    OD1    doub N N 66  
ASP CG    OD2    sing N N 67  
ASP OD2   HD2    sing N N 68  
ASP OXT   HXT    sing N N 69  
CYS N     CA     sing N N 70  
CYS N     H      sing N N 71  
CYS N     H2     sing N N 72  
CYS CA    C      sing N N 73  
CYS CA    CB     sing N N 74  
CYS CA    HA     sing N N 75  
CYS C     O      doub N N 76  
CYS C     OXT    sing N N 77  
CYS CB    SG     sing N N 78  
CYS CB    HB2    sing N N 79  
CYS CB    HB3    sing N N 80  
CYS SG    HG     sing N N 81  
CYS OXT   HXT    sing N N 82  
GLN N     CA     sing N N 83  
GLN N     H      sing N N 84  
GLN N     H2     sing N N 85  
GLN CA    C      sing N N 86  
GLN CA    CB     sing N N 87  
GLN CA    HA     sing N N 88  
GLN C     O      doub N N 89  
GLN C     OXT    sing N N 90  
GLN CB    CG     sing N N 91  
GLN CB    HB2    sing N N 92  
GLN CB    HB3    sing N N 93  
GLN CG    CD     sing N N 94  
GLN CG    HG2    sing N N 95  
GLN CG    HG3    sing N N 96  
GLN CD    OE1    doub N N 97  
GLN CD    NE2    sing N N 98  
GLN NE2   HE21   sing N N 99  
GLN NE2   HE22   sing N N 100 
GLN OXT   HXT    sing N N 101 
GLU N     CA     sing N N 102 
GLU N     H      sing N N 103 
GLU N     H2     sing N N 104 
GLU CA    C      sing N N 105 
GLU CA    CB     sing N N 106 
GLU CA    HA     sing N N 107 
GLU C     O      doub N N 108 
GLU C     OXT    sing N N 109 
GLU CB    CG     sing N N 110 
GLU CB    HB2    sing N N 111 
GLU CB    HB3    sing N N 112 
GLU CG    CD     sing N N 113 
GLU CG    HG2    sing N N 114 
GLU CG    HG3    sing N N 115 
GLU CD    OE1    doub N N 116 
GLU CD    OE2    sing N N 117 
GLU OE2   HE2    sing N N 118 
GLU OXT   HXT    sing N N 119 
GLY N     CA     sing N N 120 
GLY N     H      sing N N 121 
GLY N     H2     sing N N 122 
GLY CA    C      sing N N 123 
GLY CA    HA2    sing N N 124 
GLY CA    HA3    sing N N 125 
GLY C     O      doub N N 126 
GLY C     OXT    sing N N 127 
GLY OXT   HXT    sing N N 128 
GSH N1    CA1    sing N N 129 
GSH N1    HN11   sing N N 130 
GSH N1    HN12   sing N N 131 
GSH CA1   C1     sing N N 132 
GSH CA1   CB1    sing N N 133 
GSH CA1   HA1    sing N N 134 
GSH C1    O11    doub N N 135 
GSH C1    O12    sing N N 136 
GSH O12   H12    sing N N 137 
GSH CB1   CG1    sing N N 138 
GSH CB1   HB12   sing N N 139 
GSH CB1   HB13   sing N N 140 
GSH CG1   CD1    sing N N 141 
GSH CG1   HG12   sing N N 142 
GSH CG1   HG13   sing N N 143 
GSH CD1   OE1    doub N N 144 
GSH CD1   N2     sing N N 145 
GSH N2    CA2    sing N N 146 
GSH N2    HN2    sing N N 147 
GSH CA2   C2     sing N N 148 
GSH CA2   CB2    sing N N 149 
GSH CA2   HA2    sing N N 150 
GSH C2    O2     doub N N 151 
GSH C2    N3     sing N N 152 
GSH CB2   SG2    sing N N 153 
GSH CB2   HB22   sing N N 154 
GSH CB2   HB23   sing N N 155 
GSH SG2   HSG    sing N N 156 
GSH N3    CA3    sing N N 157 
GSH N3    HN3    sing N N 158 
GSH CA3   C3     sing N N 159 
GSH CA3   HA31   sing N N 160 
GSH CA3   HA32   sing N N 161 
GSH C3    O31    doub N N 162 
GSH C3    O32    sing N N 163 
GSH O32   H32    sing N N 164 
HIS N     CA     sing N N 165 
HIS N     H      sing N N 166 
HIS N     H2     sing N N 167 
HIS CA    C      sing N N 168 
HIS CA    CB     sing N N 169 
HIS CA    HA     sing N N 170 
HIS C     O      doub N N 171 
HIS C     OXT    sing N N 172 
HIS CB    CG     sing N N 173 
HIS CB    HB2    sing N N 174 
HIS CB    HB3    sing N N 175 
HIS CG    ND1    sing Y N 176 
HIS CG    CD2    doub Y N 177 
HIS ND1   CE1    doub Y N 178 
HIS ND1   HD1    sing N N 179 
HIS CD2   NE2    sing Y N 180 
HIS CD2   HD2    sing N N 181 
HIS CE1   NE2    sing Y N 182 
HIS CE1   HE1    sing N N 183 
HIS NE2   HE2    sing N N 184 
HIS OXT   HXT    sing N N 185 
HOH O     H1     sing N N 186 
HOH O     H2     sing N N 187 
ILE N     CA     sing N N 188 
ILE N     H      sing N N 189 
ILE N     H2     sing N N 190 
ILE CA    C      sing N N 191 
ILE CA    CB     sing N N 192 
ILE CA    HA     sing N N 193 
ILE C     O      doub N N 194 
ILE C     OXT    sing N N 195 
ILE CB    CG1    sing N N 196 
ILE CB    CG2    sing N N 197 
ILE CB    HB     sing N N 198 
ILE CG1   CD1    sing N N 199 
ILE CG1   HG12   sing N N 200 
ILE CG1   HG13   sing N N 201 
ILE CG2   HG21   sing N N 202 
ILE CG2   HG22   sing N N 203 
ILE CG2   HG23   sing N N 204 
ILE CD1   HD11   sing N N 205 
ILE CD1   HD12   sing N N 206 
ILE CD1   HD13   sing N N 207 
ILE OXT   HXT    sing N N 208 
LEU N     CA     sing N N 209 
LEU N     H      sing N N 210 
LEU N     H2     sing N N 211 
LEU CA    C      sing N N 212 
LEU CA    CB     sing N N 213 
LEU CA    HA     sing N N 214 
LEU C     O      doub N N 215 
LEU C     OXT    sing N N 216 
LEU CB    CG     sing N N 217 
LEU CB    HB2    sing N N 218 
LEU CB    HB3    sing N N 219 
LEU CG    CD1    sing N N 220 
LEU CG    CD2    sing N N 221 
LEU CG    HG     sing N N 222 
LEU CD1   HD11   sing N N 223 
LEU CD1   HD12   sing N N 224 
LEU CD1   HD13   sing N N 225 
LEU CD2   HD21   sing N N 226 
LEU CD2   HD22   sing N N 227 
LEU CD2   HD23   sing N N 228 
LEU OXT   HXT    sing N N 229 
LMU C1B   C2B    sing N N 230 
LMU C1B   O1B    sing N N 231 
LMU C1B   O5B    sing N N 232 
LMU C1B   H1B    sing N N 233 
LMU C2B   C3B    sing N N 234 
LMU C2B   O2B    sing N N 235 
LMU C2B   H2B    sing N N 236 
LMU C3B   C4B    sing N N 237 
LMU C3B   O3B    sing N N 238 
LMU C3B   H3B    sing N N 239 
LMU C4B   C5B    sing N N 240 
LMU C4B   "O4'"  sing N N 241 
LMU C4B   H4B    sing N N 242 
LMU C5B   C6B    sing N N 243 
LMU C5B   O5B    sing N N 244 
LMU C5B   H5B    sing N N 245 
LMU C6B   O6B    sing N N 246 
LMU C6B   "H6'2" sing N N 247 
LMU C6B   "H6'1" sing N N 248 
LMU O1B   "C4'"  sing N N 249 
LMU O2B   H2O1   sing N N 250 
LMU O3B   H3O1   sing N N 251 
LMU "O4'" H4O1   sing N N 252 
LMU O6B   H6B    sing N N 253 
LMU "C1'" "C2'"  sing N N 254 
LMU "C1'" "O1'"  sing N N 255 
LMU "C1'" "O5'"  sing N N 256 
LMU "C1'" "H1'"  sing N N 257 
LMU "C2'" "C3'"  sing N N 258 
LMU "C2'" "O2'"  sing N N 259 
LMU "C2'" "H2'"  sing N N 260 
LMU "C3'" "C4'"  sing N N 261 
LMU "C3'" "O3'"  sing N N 262 
LMU "C3'" "H3'"  sing N N 263 
LMU "C4'" "C5'"  sing N N 264 
LMU "C4'" "H4'"  sing N N 265 
LMU "C5'" "C6'"  sing N N 266 
LMU "C5'" "O5'"  sing N N 267 
LMU "C5'" "H5'"  sing N N 268 
LMU "C6'" "O6'"  sing N N 269 
LMU "C6'" H6D    sing N N 270 
LMU "C6'" H6E    sing N N 271 
LMU "O1'" C1     sing N N 272 
LMU "O2'" H2O2   sing N N 273 
LMU "O3'" H3O2   sing N N 274 
LMU "O6'" "H6'"  sing N N 275 
LMU C1    C2     sing N N 276 
LMU C1    H12    sing N N 277 
LMU C1    H11    sing N N 278 
LMU C2    C3     sing N N 279 
LMU C2    H22    sing N N 280 
LMU C2    H21    sing N N 281 
LMU C3    C4     sing N N 282 
LMU C3    H32    sing N N 283 
LMU C3    H31    sing N N 284 
LMU C4    C5     sing N N 285 
LMU C4    H42    sing N N 286 
LMU C4    H41    sing N N 287 
LMU C5    C6     sing N N 288 
LMU C5    H52    sing N N 289 
LMU C5    H51    sing N N 290 
LMU C6    C7     sing N N 291 
LMU C6    H62    sing N N 292 
LMU C6    H61    sing N N 293 
LMU C7    C8     sing N N 294 
LMU C7    H72    sing N N 295 
LMU C7    H71    sing N N 296 
LMU C8    C9     sing N N 297 
LMU C8    H82    sing N N 298 
LMU C8    H81    sing N N 299 
LMU C9    C10    sing N N 300 
LMU C9    H92    sing N N 301 
LMU C9    H91    sing N N 302 
LMU C10   C11    sing N N 303 
LMU C10   H102   sing N N 304 
LMU C10   H101   sing N N 305 
LMU C11   C12    sing N N 306 
LMU C11   H112   sing N N 307 
LMU C11   H111   sing N N 308 
LMU C12   H123   sing N N 309 
LMU C12   H122   sing N N 310 
LMU C12   H121   sing N N 311 
LYS N     CA     sing N N 312 
LYS N     H      sing N N 313 
LYS N     H2     sing N N 314 
LYS CA    C      sing N N 315 
LYS CA    CB     sing N N 316 
LYS CA    HA     sing N N 317 
LYS C     O      doub N N 318 
LYS C     OXT    sing N N 319 
LYS CB    CG     sing N N 320 
LYS CB    HB2    sing N N 321 
LYS CB    HB3    sing N N 322 
LYS CG    CD     sing N N 323 
LYS CG    HG2    sing N N 324 
LYS CG    HG3    sing N N 325 
LYS CD    CE     sing N N 326 
LYS CD    HD2    sing N N 327 
LYS CD    HD3    sing N N 328 
LYS CE    NZ     sing N N 329 
LYS CE    HE2    sing N N 330 
LYS CE    HE3    sing N N 331 
LYS NZ    HZ1    sing N N 332 
LYS NZ    HZ2    sing N N 333 
LYS NZ    HZ3    sing N N 334 
LYS OXT   HXT    sing N N 335 
MET N     CA     sing N N 336 
MET N     H      sing N N 337 
MET N     H2     sing N N 338 
MET CA    C      sing N N 339 
MET CA    CB     sing N N 340 
MET CA    HA     sing N N 341 
MET C     O      doub N N 342 
MET C     OXT    sing N N 343 
MET CB    CG     sing N N 344 
MET CB    HB2    sing N N 345 
MET CB    HB3    sing N N 346 
MET CG    SD     sing N N 347 
MET CG    HG2    sing N N 348 
MET CG    HG3    sing N N 349 
MET SD    CE     sing N N 350 
MET CE    HE1    sing N N 351 
MET CE    HE2    sing N N 352 
MET CE    HE3    sing N N 353 
MET OXT   HXT    sing N N 354 
PAM C1    O1     sing N N 355 
PAM C1    O2     doub N N 356 
PAM C1    C2     sing N N 357 
PAM O1    HO1    sing N N 358 
PAM C2    C3     sing N N 359 
PAM C2    H21    sing N N 360 
PAM C2    H22    sing N N 361 
PAM C3    C4     sing N N 362 
PAM C3    H31    sing N N 363 
PAM C3    H32    sing N N 364 
PAM C4    C5     sing N N 365 
PAM C4    H41    sing N N 366 
PAM C4    H42    sing N N 367 
PAM C5    C6     sing N N 368 
PAM C5    H51    sing N N 369 
PAM C5    H52    sing N N 370 
PAM C6    C7     sing N N 371 
PAM C6    H61    sing N N 372 
PAM C6    H62    sing N N 373 
PAM C7    C8     sing N N 374 
PAM C7    H71    sing N N 375 
PAM C7    H72    sing N N 376 
PAM C8    C9     sing N N 377 
PAM C8    H81    sing N N 378 
PAM C8    H82    sing N N 379 
PAM C9    C10    doub N Z 380 
PAM C9    H9     sing N N 381 
PAM C10   C11    sing N N 382 
PAM C10   H10    sing N N 383 
PAM C11   C12    sing N N 384 
PAM C11   H111   sing N N 385 
PAM C11   H112   sing N N 386 
PAM C12   C13    sing N N 387 
PAM C12   H121   sing N N 388 
PAM C12   H122   sing N N 389 
PAM C13   C14    sing N N 390 
PAM C13   H131   sing N N 391 
PAM C13   H132   sing N N 392 
PAM C14   C15    sing N N 393 
PAM C14   H141   sing N N 394 
PAM C14   H142   sing N N 395 
PAM C15   C16    sing N N 396 
PAM C15   H151   sing N N 397 
PAM C15   H152   sing N N 398 
PAM C16   H161   sing N N 399 
PAM C16   H162   sing N N 400 
PAM C16   H163   sing N N 401 
PHE N     CA     sing N N 402 
PHE N     H      sing N N 403 
PHE N     H2     sing N N 404 
PHE CA    C      sing N N 405 
PHE CA    CB     sing N N 406 
PHE CA    HA     sing N N 407 
PHE C     O      doub N N 408 
PHE C     OXT    sing N N 409 
PHE CB    CG     sing N N 410 
PHE CB    HB2    sing N N 411 
PHE CB    HB3    sing N N 412 
PHE CG    CD1    doub Y N 413 
PHE CG    CD2    sing Y N 414 
PHE CD1   CE1    sing Y N 415 
PHE CD1   HD1    sing N N 416 
PHE CD2   CE2    doub Y N 417 
PHE CD2   HD2    sing N N 418 
PHE CE1   CZ     doub Y N 419 
PHE CE1   HE1    sing N N 420 
PHE CE2   CZ     sing Y N 421 
PHE CE2   HE2    sing N N 422 
PHE CZ    HZ     sing N N 423 
PHE OXT   HXT    sing N N 424 
PLM C1    O1     sing N N 425 
PLM C1    O2     doub N N 426 
PLM C1    C2     sing N N 427 
PLM O1    H      sing N N 428 
PLM C2    C3     sing N N 429 
PLM C2    H21    sing N N 430 
PLM C2    H22    sing N N 431 
PLM C3    C4     sing N N 432 
PLM C3    H31    sing N N 433 
PLM C3    H32    sing N N 434 
PLM C4    C5     sing N N 435 
PLM C4    H41    sing N N 436 
PLM C4    H42    sing N N 437 
PLM C5    C6     sing N N 438 
PLM C5    H51    sing N N 439 
PLM C5    H52    sing N N 440 
PLM C6    C7     sing N N 441 
PLM C6    H61    sing N N 442 
PLM C6    H62    sing N N 443 
PLM C7    C8     sing N N 444 
PLM C7    H71    sing N N 445 
PLM C7    H72    sing N N 446 
PLM C8    C9     sing N N 447 
PLM C8    H81    sing N N 448 
PLM C8    H82    sing N N 449 
PLM C9    CA     sing N N 450 
PLM C9    H91    sing N N 451 
PLM C9    H92    sing N N 452 
PLM CA    CB     sing N N 453 
PLM CA    HA1    sing N N 454 
PLM CA    HA2    sing N N 455 
PLM CB    CC     sing N N 456 
PLM CB    HB1    sing N N 457 
PLM CB    HB2    sing N N 458 
PLM CC    CD     sing N N 459 
PLM CC    HC1    sing N N 460 
PLM CC    HC2    sing N N 461 
PLM CD    CE     sing N N 462 
PLM CD    HD1    sing N N 463 
PLM CD    HD2    sing N N 464 
PLM CE    CF     sing N N 465 
PLM CE    HE1    sing N N 466 
PLM CE    HE2    sing N N 467 
PLM CF    CG     sing N N 468 
PLM CF    HF1    sing N N 469 
PLM CF    HF2    sing N N 470 
PLM CG    HG1    sing N N 471 
PLM CG    HG2    sing N N 472 
PLM CG    HG3    sing N N 473 
PRO N     CA     sing N N 474 
PRO N     CD     sing N N 475 
PRO N     H      sing N N 476 
PRO CA    C      sing N N 477 
PRO CA    CB     sing N N 478 
PRO CA    HA     sing N N 479 
PRO C     O      doub N N 480 
PRO C     OXT    sing N N 481 
PRO CB    CG     sing N N 482 
PRO CB    HB2    sing N N 483 
PRO CB    HB3    sing N N 484 
PRO CG    CD     sing N N 485 
PRO CG    HG2    sing N N 486 
PRO CG    HG3    sing N N 487 
PRO CD    HD2    sing N N 488 
PRO CD    HD3    sing N N 489 
PRO OXT   HXT    sing N N 490 
SER N     CA     sing N N 491 
SER N     H      sing N N 492 
SER N     H2     sing N N 493 
SER CA    C      sing N N 494 
SER CA    CB     sing N N 495 
SER CA    HA     sing N N 496 
SER C     O      doub N N 497 
SER C     OXT    sing N N 498 
SER CB    OG     sing N N 499 
SER CB    HB2    sing N N 500 
SER CB    HB3    sing N N 501 
SER OG    HG     sing N N 502 
SER OXT   HXT    sing N N 503 
SO4 S     O1     doub N N 504 
SO4 S     O2     doub N N 505 
SO4 S     O3     sing N N 506 
SO4 S     O4     sing N N 507 
THR N     CA     sing N N 508 
THR N     H      sing N N 509 
THR N     H2     sing N N 510 
THR CA    C      sing N N 511 
THR CA    CB     sing N N 512 
THR CA    HA     sing N N 513 
THR C     O      doub N N 514 
THR C     OXT    sing N N 515 
THR CB    OG1    sing N N 516 
THR CB    CG2    sing N N 517 
THR CB    HB     sing N N 518 
THR OG1   HG1    sing N N 519 
THR CG2   HG21   sing N N 520 
THR CG2   HG22   sing N N 521 
THR CG2   HG23   sing N N 522 
THR OXT   HXT    sing N N 523 
TRP N     CA     sing N N 524 
TRP N     H      sing N N 525 
TRP N     H2     sing N N 526 
TRP CA    C      sing N N 527 
TRP CA    CB     sing N N 528 
TRP CA    HA     sing N N 529 
TRP C     O      doub N N 530 
TRP C     OXT    sing N N 531 
TRP CB    CG     sing N N 532 
TRP CB    HB2    sing N N 533 
TRP CB    HB3    sing N N 534 
TRP CG    CD1    doub Y N 535 
TRP CG    CD2    sing Y N 536 
TRP CD1   NE1    sing Y N 537 
TRP CD1   HD1    sing N N 538 
TRP CD2   CE2    doub Y N 539 
TRP CD2   CE3    sing Y N 540 
TRP NE1   CE2    sing Y N 541 
TRP NE1   HE1    sing N N 542 
TRP CE2   CZ2    sing Y N 543 
TRP CE3   CZ3    doub Y N 544 
TRP CE3   HE3    sing N N 545 
TRP CZ2   CH2    doub Y N 546 
TRP CZ2   HZ2    sing N N 547 
TRP CZ3   CH2    sing Y N 548 
TRP CZ3   HZ3    sing N N 549 
TRP CH2   HH2    sing N N 550 
TRP OXT   HXT    sing N N 551 
TYR N     CA     sing N N 552 
TYR N     H      sing N N 553 
TYR N     H2     sing N N 554 
TYR CA    C      sing N N 555 
TYR CA    CB     sing N N 556 
TYR CA    HA     sing N N 557 
TYR C     O      doub N N 558 
TYR C     OXT    sing N N 559 
TYR CB    CG     sing N N 560 
TYR CB    HB2    sing N N 561 
TYR CB    HB3    sing N N 562 
TYR CG    CD1    doub Y N 563 
TYR CG    CD2    sing Y N 564 
TYR CD1   CE1    sing Y N 565 
TYR CD1   HD1    sing N N 566 
TYR CD2   CE2    doub Y N 567 
TYR CD2   HD2    sing N N 568 
TYR CE1   CZ     doub Y N 569 
TYR CE1   HE1    sing N N 570 
TYR CE2   CZ     sing Y N 571 
TYR CE2   HE2    sing N N 572 
TYR CZ    OH     sing N N 573 
TYR OH    HH     sing N N 574 
TYR OXT   HXT    sing N N 575 
VAL N     CA     sing N N 576 
VAL N     H      sing N N 577 
VAL N     H2     sing N N 578 
VAL CA    C      sing N N 579 
VAL CA    CB     sing N N 580 
VAL CA    HA     sing N N 581 
VAL C     O      doub N N 582 
VAL C     OXT    sing N N 583 
VAL CB    CG1    sing N N 584 
VAL CB    CG2    sing N N 585 
VAL CB    HB     sing N N 586 
VAL CG1   HG11   sing N N 587 
VAL CG1   HG12   sing N N 588 
VAL CG1   HG13   sing N N 589 
VAL CG2   HG21   sing N N 590 
VAL CG2   HG22   sing N N 591 
VAL CG2   HG23   sing N N 592 
VAL OXT   HXT    sing N N 593 
# 
_atom_sites.entry_id                    2UUH 
_atom_sites.fract_transf_matrix[1][1]   0.00069764 
_atom_sites.fract_transf_matrix[1][2]   -0.00347207 
_atom_sites.fract_transf_matrix[1][3]   -0.00469888 
_atom_sites.fract_transf_matrix[2][1]   0.00198242 
_atom_sites.fract_transf_matrix[2][2]   -0.00431084 
_atom_sites.fract_transf_matrix[2][3]   0.00347967 
_atom_sites.fract_transf_matrix[3][1]   -0.00549589 
_atom_sites.fract_transf_matrix[3][2]   -0.00199570 
_atom_sites.fract_transf_matrix[3][3]   0.00065868 
_atom_sites.fract_transf_vector[1]      0.096540 
_atom_sites.fract_transf_vector[2]      0.115815 
_atom_sites.fract_transf_vector[3]      0.174249 
# 
loop_
_atom_type.symbol 
C  
N  
NI 
O  
S  
# 
loop_
_atom_site.group_PDB 
_atom_site.id 
_atom_site.type_symbol 
_atom_site.label_atom_id 
_atom_site.label_alt_id 
_atom_site.label_comp_id 
_atom_site.label_asym_id 
_atom_site.label_entity_id 
_atom_site.label_seq_id 
_atom_site.pdbx_PDB_ins_code 
_atom_site.Cartn_x 
_atom_site.Cartn_y 
_atom_site.Cartn_z 
_atom_site.occupancy 
_atom_site.B_iso_or_equiv 
_atom_site.pdbx_formal_charge 
_atom_site.auth_seq_id 
_atom_site.auth_comp_id 
_atom_site.auth_asym_id 
_atom_site.auth_atom_id 
_atom_site.pdbx_PDB_model_num 
ATOM   1    N  N     . HIS A 1 2   ? 6.410   -26.148 -15.659 1.00 43.85 ? -4   HIS A N     1 
ATOM   2    C  CA    . HIS A 1 2   ? 5.105   -26.754 -15.167 1.00 44.81 ? -4   HIS A CA    1 
ATOM   3    C  C     . HIS A 1 2   ? 5.447   -27.966 -14.271 1.00 45.14 ? -4   HIS A C     1 
ATOM   4    O  O     . HIS A 1 2   ? 6.504   -28.569 -14.486 1.00 46.36 ? -4   HIS A O     1 
ATOM   5    C  CB    . HIS A 1 2   ? 4.257   -27.224 -16.367 1.00 43.72 ? -4   HIS A CB    1 
ATOM   6    C  CG    . HIS A 1 2   ? 4.714   -28.526 -16.949 1.00 42.63 ? -4   HIS A CG    1 
ATOM   7    N  ND1   . HIS A 1 2   ? 5.862   -28.642 -17.700 1.00 41.37 ? -4   HIS A ND1   1 
ATOM   8    C  CD2   . HIS A 1 2   ? 4.190   -29.774 -16.865 1.00 39.51 ? -4   HIS A CD2   1 
ATOM   9    C  CE1   . HIS A 1 2   ? 6.024   -29.902 -18.065 1.00 39.60 ? -4   HIS A CE1   1 
ATOM   10   N  NE2   . HIS A 1 2   ? 5.026   -30.608 -17.566 1.00 39.25 ? -4   HIS A NE2   1 
ATOM   11   N  N     . HIS A 1 3   ? 4.631   -28.408 -13.303 1.00 45.00 ? -3   HIS A N     1 
ATOM   12   C  CA    . HIS A 1 3   ? 3.294   -27.987 -12.813 1.00 44.05 ? -3   HIS A CA    1 
ATOM   13   C  C     . HIS A 1 3   ? 1.953   -28.301 -13.523 1.00 44.08 ? -3   HIS A C     1 
ATOM   14   O  O     . HIS A 1 3   ? 1.587   -27.786 -14.622 1.00 44.84 ? -3   HIS A O     1 
ATOM   15   C  CB    . HIS A 1 3   ? 3.357   -26.852 -11.802 1.00 43.76 ? -3   HIS A CB    1 
ATOM   16   C  CG    . HIS A 1 3   ? 4.674   -26.828 -11.059 1.00 45.31 ? -3   HIS A CG    1 
ATOM   17   N  ND1   . HIS A 1 3   ? 5.065   -27.844 -10.202 1.00 44.37 ? -3   HIS A ND1   1 
ATOM   18   C  CD2   . HIS A 1 3   ? 5.743   -25.986 -11.154 1.00 42.23 ? -3   HIS A CD2   1 
ATOM   19   C  CE1   . HIS A 1 3   ? 6.290   -27.596 -9.764  1.00 44.90 ? -3   HIS A CE1   1 
ATOM   20   N  NE2   . HIS A 1 3   ? 6.710   -26.463 -10.306 1.00 41.90 ? -3   HIS A NE2   1 
ATOM   21   N  N     . HIS A 1 4   ? 1.231   -29.206 -12.875 1.00 41.86 ? -2   HIS A N     1 
ATOM   22   C  CA    . HIS A 1 4   ? -0.140  -29.437 -13.214 1.00 40.21 ? -2   HIS A CA    1 
ATOM   23   C  C     . HIS A 1 4   ? -1.085  -28.791 -12.222 1.00 39.93 ? -2   HIS A C     1 
ATOM   24   O  O     . HIS A 1 4   ? -2.231  -29.237 -12.100 1.00 40.14 ? -2   HIS A O     1 
ATOM   25   C  CB    . HIS A 1 4   ? -0.362  -30.914 -13.351 1.00 39.35 ? -2   HIS A CB    1 
ATOM   26   C  CG    . HIS A 1 4   ? 0.374   -31.463 -14.507 1.00 38.72 ? -2   HIS A CG    1 
ATOM   27   N  ND1   . HIS A 1 4   ? -0.239  -31.747 -15.711 1.00 40.91 ? -2   HIS A ND1   1 
ATOM   28   C  CD2   . HIS A 1 4   ? 1.693   -31.695 -14.682 1.00 36.98 ? -2   HIS A CD2   1 
ATOM   29   C  CE1   . HIS A 1 4   ? 0.667   -32.187 -16.562 1.00 39.34 ? -2   HIS A CE1   1 
ATOM   30   N  NE2   . HIS A 1 4   ? 1.848   -32.144 -15.968 1.00 40.80 ? -2   HIS A NE2   1 
ATOM   31   N  N     . HIS A 1 5   ? -0.590  -27.769 -11.507 1.00 38.27 ? -1   HIS A N     1 
ATOM   32   C  CA    . HIS A 1 5   ? -1.464  -26.799 -10.819 1.00 38.31 ? -1   HIS A CA    1 
ATOM   33   C  C     . HIS A 1 5   ? -0.794  -25.431 -10.766 1.00 37.15 ? -1   HIS A C     1 
ATOM   34   O  O     . HIS A 1 5   ? 0.434   -25.298 -10.905 1.00 38.15 ? -1   HIS A O     1 
ATOM   35   C  CB    . HIS A 1 5   ? -1.807  -27.260 -9.413  1.00 37.44 ? -1   HIS A CB    1 
ATOM   36   C  CG    . HIS A 1 5   ? -0.640  -27.182 -8.486  1.00 37.49 ? -1   HIS A CG    1 
ATOM   37   N  ND1   . HIS A 1 5   ? 0.355   -28.144 -8.469  1.00 32.64 ? -1   HIS A ND1   1 
ATOM   38   C  CD2   . HIS A 1 5   ? -0.263  -26.219 -7.612  1.00 31.68 ? -1   HIS A CD2   1 
ATOM   39   C  CE1   . HIS A 1 5   ? 1.267   -27.800 -7.580  1.00 31.75 ? -1   HIS A CE1   1 
ATOM   40   N  NE2   . HIS A 1 5   ? 0.914   -26.641 -7.040  1.00 34.18 ? -1   HIS A NE2   1 
ATOM   41   N  N     . HIS A 1 6   ? -1.590  -24.402 -10.548 1.00 37.14 ? 0    HIS A N     1 
ATOM   42   C  CA    . HIS A 1 6   ? -1.005  -23.058 -10.382 1.00 36.62 ? 0    HIS A CA    1 
ATOM   43   C  C     . HIS A 1 6   ? -1.691  -22.360 -9.215  1.00 35.43 ? 0    HIS A C     1 
ATOM   44   O  O     . HIS A 1 6   ? -2.808  -22.753 -8.832  1.00 36.72 ? 0    HIS A O     1 
ATOM   45   C  CB    . HIS A 1 6   ? -1.217  -22.228 -11.645 1.00 37.80 ? 0    HIS A CB    1 
ATOM   46   C  CG    . HIS A 1 6   ? -2.664  -21.902 -11.897 1.00 42.93 ? 0    HIS A CG    1 
ATOM   47   N  ND1   . HIS A 1 6   ? -3.423  -22.545 -12.860 1.00 48.02 ? 0    HIS A ND1   1 
ATOM   48   C  CD2   . HIS A 1 6   ? -3.510  -21.044 -11.264 1.00 45.61 ? 0    HIS A CD2   1 
ATOM   49   C  CE1   . HIS A 1 6   ? -4.659  -22.064 -12.840 1.00 50.57 ? 0    HIS A CE1   1 
ATOM   50   N  NE2   . HIS A 1 6   ? -4.738  -21.148 -11.880 1.00 49.00 ? 0    HIS A NE2   1 
ATOM   51   N  N     . HIS A 1 7   ? -1.071  -21.333 -8.648  1.00 32.02 ? 1    HIS A N     1 
ATOM   52   C  CA    . HIS A 1 7   ? -1.678  -20.692 -7.518  1.00 30.71 ? 1    HIS A CA    1 
ATOM   53   C  C     . HIS A 1 7   ? -2.123  -19.263 -7.869  1.00 30.57 ? 1    HIS A C     1 
ATOM   54   O  O     . HIS A 1 7   ? -2.315  -18.459 -6.966  1.00 29.93 ? 1    HIS A O     1 
ATOM   55   C  CB    . HIS A 1 7   ? -0.736  -20.676 -6.325  1.00 30.18 ? 1    HIS A CB    1 
ATOM   56   C  CG    . HIS A 1 7   ? -0.416  -22.044 -5.787  1.00 30.69 ? 1    HIS A CG    1 
ATOM   57   N  ND1   . HIS A 1 7   ? -1.119  -22.625 -4.757  1.00 30.91 ? 1    HIS A ND1   1 
ATOM   58   C  CD2   . HIS A 1 7   ? 0.545   -22.931 -6.122  1.00 25.86 ? 1    HIS A CD2   1 
ATOM   59   C  CE1   . HIS A 1 7   ? -0.641  -23.827 -4.507  1.00 25.35 ? 1    HIS A CE1   1 
ATOM   60   N  NE2   . HIS A 1 7   ? 0.372   -24.039 -5.322  1.00 30.30 ? 1    HIS A NE2   1 
ATOM   61   N  N     . LYS A 1 8   ? -2.233  -18.954 -9.165  1.00 30.64 ? 2    LYS A N     1 
ATOM   62   C  CA    . LYS A 1 8   ? -2.703  -17.675 -9.667  1.00 31.42 ? 2    LYS A CA    1 
ATOM   63   C  C     . LYS A 1 8   ? -4.080  -17.342 -9.154  1.00 31.29 ? 2    LYS A C     1 
ATOM   64   O  O     . LYS A 1 8   ? -4.371  -16.152 -8.932  1.00 30.92 ? 2    LYS A O     1 
ATOM   65   C  CB    . LYS A 1 8   ? -2.837  -17.684 -11.180 1.00 30.60 ? 2    LYS A CB    1 
ATOM   66   C  CG    . LYS A 1 8   ? -1.593  -17.628 -11.952 1.00 29.46 ? 2    LYS A CG    1 
ATOM   67   C  CD    . LYS A 1 8   ? -1.981  -17.529 -13.412 1.00 26.47 ? 2    LYS A CD    1 
ATOM   68   C  CE    . LYS A 1 8   ? -2.234  -18.928 -13.935 1.00 26.15 ? 2    LYS A CE    1 
ATOM   69   N  NZ    . LYS A 1 8   ? -2.726  -18.799 -15.323 1.00 28.93 ? 2    LYS A NZ    1 
ATOM   70   N  N     . ASP A 1 9   ? -4.939  -18.363 -9.014  1.00 30.40 ? 3    ASP A N     1 
ATOM   71   C  CA    . ASP A 1 9   ? -6.292  -18.110 -8.540  1.00 31.15 ? 3    ASP A CA    1 
ATOM   72   C  C     . ASP A 1 9   ? -6.311  -17.766 -7.039  1.00 29.46 ? 3    ASP A C     1 
ATOM   73   O  O     . ASP A 1 9   ? -7.323  -17.393 -6.499  1.00 28.62 ? 3    ASP A O     1 
ATOM   74   C  CB    . ASP A 1 9   ? -7.303  -19.217 -8.937  1.00 32.15 ? 3    ASP A CB    1 
ATOM   75   C  CG    . ASP A 1 9   ? -6.807  -20.658 -8.590  1.00 39.24 ? 3    ASP A CG    1 
ATOM   76   O  OD1   . ASP A 1 9   ? -5.664  -20.835 -8.044  1.00 38.35 ? 3    ASP A OD1   1 
ATOM   77   O  OD2   . ASP A 1 9   ? -7.584  -21.624 -8.918  1.00 45.40 ? 3    ASP A OD2   1 
ATOM   78   N  N     . GLU A 1 10  ? -5.177  -17.844 -6.369  1.00 28.05 ? 4    GLU A N     1 
ATOM   79   C  CA    . GLU A 1 10  ? -5.144  -17.390 -4.973  1.00 27.71 ? 4    GLU A CA    1 
ATOM   80   C  C     . GLU A 1 10  ? -4.747  -15.928 -4.796  1.00 25.13 ? 4    GLU A C     1 
ATOM   81   O  O     . GLU A 1 10  ? -4.828  -15.417 -3.678  1.00 25.62 ? 4    GLU A O     1 
ATOM   82   C  CB    . GLU A 1 10  ? -4.190  -18.273 -4.175  1.00 29.09 ? 4    GLU A CB    1 
ATOM   83   C  CG    . GLU A 1 10  ? -4.434  -19.759 -4.472  1.00 34.58 ? 4    GLU A CG    1 
ATOM   84   C  CD    . GLU A 1 10  ? -3.886  -20.618 -3.385  1.00 41.79 ? 4    GLU A CD    1 
ATOM   85   O  OE1   . GLU A 1 10  ? -4.478  -20.502 -2.309  1.00 47.49 ? 4    GLU A OE1   1 
ATOM   86   O  OE2   . GLU A 1 10  ? -2.903  -21.390 -3.584  1.00 41.63 ? 4    GLU A OE2   1 
ATOM   87   N  N     . VAL A 1 11  ? -4.263  -15.281 -5.868  1.00 21.53 ? 5    VAL A N     1 
ATOM   88   C  CA    . VAL A 1 11  ? -3.647  -13.942 -5.766  1.00 18.86 ? 5    VAL A CA    1 
ATOM   89   C  C     . VAL A 1 11  ? -4.055  -12.976 -6.907  1.00 16.85 ? 5    VAL A C     1 
ATOM   90   O  O     . VAL A 1 11  ? -3.423  -11.943 -7.092  1.00 16.80 ? 5    VAL A O     1 
ATOM   91   C  CB    . VAL A 1 11  ? -2.093  -14.024 -5.703  1.00 18.68 ? 5    VAL A CB    1 
ATOM   92   C  CG1   . VAL A 1 11  ? -1.642  -14.886 -4.557  1.00 18.92 ? 5    VAL A CG1   1 
ATOM   93   C  CG2   . VAL A 1 11  ? -1.522  -14.623 -7.042  1.00 15.79 ? 5    VAL A CG2   1 
ATOM   94   N  N     . ALA A 1 12  ? -5.078  -13.323 -7.689  1.00 15.69 ? 6    ALA A N     1 
ATOM   95   C  CA    . ALA A 1 12  ? -5.384  -12.575 -8.907  1.00 14.08 ? 6    ALA A CA    1 
ATOM   96   C  C     . ALA A 1 12  ? -6.041  -11.254 -8.545  1.00 13.46 ? 6    ALA A C     1 
ATOM   97   O  O     . ALA A 1 12  ? -5.815  -10.291 -9.260  1.00 14.39 ? 6    ALA A O     1 
ATOM   98   C  CB    . ALA A 1 12  ? -6.311  -13.408 -9.884  1.00 11.02 ? 6    ALA A CB    1 
ATOM   99   N  N     . LEU A 1 13  ? -6.843  -11.200 -7.473  1.00 13.42 ? 7    LEU A N     1 
ATOM   100  C  CA    . LEU A 1 13  ? -7.355  -9.911  -6.944  1.00 13.82 ? 7    LEU A CA    1 
ATOM   101  C  C     . LEU A 1 13  ? -6.236  -9.019  -6.471  1.00 14.03 ? 7    LEU A C     1 
ATOM   102  O  O     . LEU A 1 13  ? -6.254  -7.802  -6.699  1.00 13.31 ? 7    LEU A O     1 
ATOM   103  C  CB    . LEU A 1 13  ? -8.351  -10.052 -5.787  1.00 13.27 ? 7    LEU A CB    1 
ATOM   104  C  CG    . LEU A 1 13  ? -9.574  -10.930 -6.032  1.00 13.97 ? 7    LEU A CG    1 
ATOM   105  C  CD1   . LEU A 1 13  ? -10.395 -11.100 -4.740  1.00 11.74 ? 7    LEU A CD1   1 
ATOM   106  C  CD2   . LEU A 1 13  ? -10.464 -10.321 -7.118  1.00 14.06 ? 7    LEU A CD2   1 
ATOM   107  N  N     . LEU A 1 14  ? -5.267  -9.599  -5.756  1.00 14.06 ? 8    LEU A N     1 
ATOM   108  C  CA    . LEU A 1 14  ? -4.119  -8.827  -5.285  1.00 13.18 ? 8    LEU A CA    1 
ATOM   109  C  C     . LEU A 1 14  ? -3.297  -8.273  -6.482  1.00 13.11 ? 8    LEU A C     1 
ATOM   110  O  O     . LEU A 1 14  ? -2.762  -7.165  -6.466  1.00 13.24 ? 8    LEU A O     1 
ATOM   111  C  CB    . LEU A 1 14  ? -3.203  -9.750  -4.451  1.00 13.77 ? 8    LEU A CB    1 
ATOM   112  C  CG    . LEU A 1 14  ? -3.793  -10.469 -3.231  1.00 14.55 ? 8    LEU A CG    1 
ATOM   113  C  CD1   . LEU A 1 14  ? -2.740  -11.390 -2.539  1.00 8.94  ? 8    LEU A CD1   1 
ATOM   114  C  CD2   . LEU A 1 14  ? -4.513  -9.482  -2.212  1.00 7.45  ? 8    LEU A CD2   1 
ATOM   115  N  N     . ALA A 1 15  ? -3.205  -9.091  -7.529  1.00 14.33 ? 9    ALA A N     1 
ATOM   116  C  CA    . ALA A 1 15  ? -2.454  -8.758  -8.694  1.00 14.51 ? 9    ALA A CA    1 
ATOM   117  C  C     . ALA A 1 15  ? -3.197  -7.626  -9.464  1.00 14.24 ? 9    ALA A C     1 
ATOM   118  O  O     . ALA A 1 15  ? -2.520  -6.698  -9.970  1.00 12.19 ? 9    ALA A O     1 
ATOM   119  C  CB    . ALA A 1 15  ? -2.218  -9.978  -9.546  1.00 12.38 ? 9    ALA A CB    1 
ATOM   120  N  N     . ALA A 1 16  ? -4.536  -7.718  -9.558  1.00 14.37 ? 10   ALA A N     1 
ATOM   121  C  CA    . ALA A 1 16  ? -5.370  -6.694  -10.183 1.00 14.67 ? 10   ALA A CA    1 
ATOM   122  C  C     . ALA A 1 16  ? -5.261  -5.341  -9.439  1.00 15.35 ? 10   ALA A C     1 
ATOM   123  O  O     . ALA A 1 16  ? -5.230  -4.277  -10.064 1.00 15.31 ? 10   ALA A O     1 
ATOM   124  C  CB    . ALA A 1 16  ? -6.808  -7.130  -10.268 1.00 13.11 ? 10   ALA A CB    1 
ATOM   125  N  N     . VAL A 1 17  ? -5.304  -5.377  -8.116  1.00 15.32 ? 11   VAL A N     1 
ATOM   126  C  CA    . VAL A 1 17  ? -5.204  -4.128  -7.300  1.00 14.33 ? 11   VAL A CA    1 
ATOM   127  C  C     . VAL A 1 17  ? -3.791  -3.553  -7.432  1.00 17.02 ? 11   VAL A C     1 
ATOM   128  O  O     . VAL A 1 17  ? -3.604  -2.320  -7.462  1.00 16.98 ? 11   VAL A O     1 
ATOM   129  C  CB    . VAL A 1 17  ? -5.588  -4.372  -5.806  1.00 12.15 ? 11   VAL A CB    1 
ATOM   130  C  CG1   . VAL A 1 17  ? -5.242  -3.163  -4.880  1.00 10.49 ? 11   VAL A CG1   1 
ATOM   131  C  CG2   . VAL A 1 17  ? -7.136  -4.683  -5.727  1.00 12.81 ? 11   VAL A CG2   1 
ATOM   132  N  N     . THR A 1 18  ? -2.794  -4.457  -7.516  1.00 15.77 ? 12   THR A N     1 
ATOM   133  C  CA    . THR A 1 18  ? -1.398  -4.042  -7.728  1.00 16.21 ? 12   THR A CA    1 
ATOM   134  C  C     . THR A 1 18  ? -1.235  -3.306  -9.067  1.00 16.28 ? 12   THR A C     1 
ATOM   135  O  O     . THR A 1 18  ? -0.608  -2.238  -9.105  1.00 16.08 ? 12   THR A O     1 
ATOM   136  C  CB    . THR A 1 18  ? -0.456  -5.294  -7.740  1.00 16.10 ? 12   THR A CB    1 
ATOM   137  O  OG1   . THR A 1 18  ? -0.529  -5.912  -6.453  1.00 13.83 ? 12   THR A OG1   1 
ATOM   138  C  CG2   . THR A 1 18  ? 0.996   -4.909  -8.067  1.00 15.32 ? 12   THR A CG2   1 
ATOM   139  N  N     . LEU A 1 19  ? -1.805  -3.867  -10.128 1.00 13.10 ? 13   LEU A N     1 
ATOM   140  C  CA    . LEU A 1 19  ? -1.804  -3.263  -11.434 1.00 14.57 ? 13   LEU A CA    1 
ATOM   141  C  C     . LEU A 1 19  ? -2.540  -1.898  -11.487 1.00 15.67 ? 13   LEU A C     1 
ATOM   142  O  O     . LEU A 1 19  ? -2.052  -0.926  -12.051 1.00 16.15 ? 13   LEU A O     1 
ATOM   143  C  CB    . LEU A 1 19  ? -2.322  -4.262  -12.501 1.00 12.99 ? 13   LEU A CB    1 
ATOM   144  C  CG    . LEU A 1 19  ? -2.201  -3.631  -13.897 1.00 18.22 ? 13   LEU A CG    1 
ATOM   145  C  CD1   . LEU A 1 19  ? -0.690  -3.360  -14.196 1.00 15.91 ? 13   LEU A CD1   1 
ATOM   146  C  CD2   . LEU A 1 19  ? -2.852  -4.422  -15.001 1.00 18.98 ? 13   LEU A CD2   1 
ATOM   147  N  N     . LEU A 1 20  ? -3.695  -1.829  -10.889 1.00 16.66 ? 14   LEU A N     1 
ATOM   148  C  CA    . LEU A 1 20  ? -4.360  -0.566  -10.701 1.00 18.79 ? 14   LEU A CA    1 
ATOM   149  C  C     . LEU A 1 20  ? -3.492  0.467   -9.981  1.00 19.00 ? 14   LEU A C     1 
ATOM   150  O  O     . LEU A 1 20  ? -3.530  1.635   -10.361 1.00 19.10 ? 14   LEU A O     1 
ATOM   151  C  CB    . LEU A 1 20  ? -5.687  -0.772  -9.973  1.00 18.03 ? 14   LEU A CB    1 
ATOM   152  C  CG    . LEU A 1 20  ? -6.536  0.471   -9.731  1.00 24.54 ? 14   LEU A CG    1 
ATOM   153  C  CD1   . LEU A 1 20  ? -7.047  1.102   -11.054 1.00 25.47 ? 14   LEU A CD1   1 
ATOM   154  C  CD2   . LEU A 1 20  ? -7.739  0.107   -8.853  1.00 22.08 ? 14   LEU A CD2   1 
ATOM   155  N  N     . GLY A 1 21  ? -2.785  0.053   -8.917  1.00 19.54 ? 15   GLY A N     1 
ATOM   156  C  CA    . GLY A 1 21  ? -1.799  0.873   -8.220  1.00 18.51 ? 15   GLY A CA    1 
ATOM   157  C  C     . GLY A 1 21  ? -0.699  1.463   -9.119  1.00 18.18 ? 15   GLY A C     1 
ATOM   158  O  O     . GLY A 1 21  ? -0.398  2.657   -9.002  1.00 18.00 ? 15   GLY A O     1 
ATOM   159  N  N     . VAL A 1 22  ? -0.124  0.642   -10.012 1.00 14.62 ? 16   VAL A N     1 
ATOM   160  C  CA    . VAL A 1 22  ? 0.883   1.044   -10.910 1.00 14.16 ? 16   VAL A CA    1 
ATOM   161  C  C     . VAL A 1 22  ? 0.355   2.065   -11.901 1.00 13.94 ? 16   VAL A C     1 
ATOM   162  O  O     . VAL A 1 22  ? 1.055   3.054   -12.215 1.00 13.45 ? 16   VAL A O     1 
ATOM   163  C  CB    . VAL A 1 22  ? 1.519   -0.223  -11.711 1.00 15.20 ? 16   VAL A CB    1 
ATOM   164  C  CG1   . VAL A 1 22  ? 2.322   0.245   -12.879 1.00 12.26 ? 16   VAL A CG1   1 
ATOM   165  C  CG2   . VAL A 1 22  ? 2.359   -1.100  -10.733 1.00 12.65 ? 16   VAL A CG2   1 
ATOM   166  N  N     . LEU A 1 23  ? -0.863  1.817   -12.425 1.00 12.68 ? 17   LEU A N     1 
ATOM   167  C  CA    . LEU A 1 23  ? -1.503  2.757   -13.319 1.00 13.23 ? 17   LEU A CA    1 
ATOM   168  C  C     . LEU A 1 23  ? -1.766  4.095   -12.677 1.00 12.70 ? 17   LEU A C     1 
ATOM   169  O  O     . LEU A 1 23  ? -1.689  5.126   -13.350 1.00 11.56 ? 17   LEU A O     1 
ATOM   170  C  CB    . LEU A 1 23  ? -2.845  2.229   -13.828 1.00 11.56 ? 17   LEU A CB    1 
ATOM   171  C  CG    . LEU A 1 23  ? -2.692  1.098   -14.841 1.00 16.23 ? 17   LEU A CG    1 
ATOM   172  C  CD1   . LEU A 1 23  ? -4.041  0.312   -14.959 1.00 14.52 ? 17   LEU A CD1   1 
ATOM   173  C  CD2   . LEU A 1 23  ? -2.241  1.617   -16.196 1.00 14.49 ? 17   LEU A CD2   1 
ATOM   174  N  N     . LEU A 1 24  ? -2.207  4.082   -11.405 1.00 12.69 ? 18   LEU A N     1 
ATOM   175  C  CA    . LEU A 1 24  ? -2.379  5.328   -10.677 1.00 14.20 ? 18   LEU A CA    1 
ATOM   176  C  C     . LEU A 1 24  ? -1.027  6.108   -10.527 1.00 12.86 ? 18   LEU A C     1 
ATOM   177  O  O     . LEU A 1 24  ? -1.005  7.323   -10.647 1.00 14.91 ? 18   LEU A O     1 
ATOM   178  C  CB    . LEU A 1 24  ? -2.963  5.026   -9.306  1.00 13.39 ? 18   LEU A CB    1 
ATOM   179  C  CG    . LEU A 1 24  ? -3.513  6.242   -8.533  1.00 19.24 ? 18   LEU A CG    1 
ATOM   180  C  CD1   . LEU A 1 24  ? -4.662  7.046   -9.258  1.00 18.85 ? 18   LEU A CD1   1 
ATOM   181  C  CD2   . LEU A 1 24  ? -3.872  5.838   -7.023  1.00 16.88 ? 18   LEU A CD2   1 
ATOM   182  N  N     . GLN A 1 25  ? 0.072   5.417   -10.209 1.00 12.79 ? 19   GLN A N     1 
ATOM   183  C  CA    . GLN A 1 25  ? 1.398   6.034   -10.007 1.00 14.03 ? 19   GLN A CA    1 
ATOM   184  C  C     . GLN A 1 25  ? 1.866   6.582   -11.369 1.00 13.92 ? 19   GLN A C     1 
ATOM   185  O  O     . GLN A 1 25  ? 2.376   7.674   -11.407 1.00 15.23 ? 19   GLN A O     1 
ATOM   186  C  CB    . GLN A 1 25  ? 2.437   5.013   -9.551  1.00 13.85 ? 19   GLN A CB    1 
ATOM   187  C  CG    . GLN A 1 25  ? 2.252   4.620   -8.061  1.00 13.14 ? 19   GLN A CG    1 
ATOM   188  C  CD    . GLN A 1 25  ? 2.352   5.794   -7.056  1.00 17.44 ? 19   GLN A CD    1 
ATOM   189  O  OE1   . GLN A 1 25  ? 1.475   5.979   -6.231  1.00 18.58 ? 19   GLN A OE1   1 
ATOM   190  N  NE2   . GLN A 1 25  ? 3.385   6.575   -7.147  1.00 11.71 ? 19   GLN A NE2   1 
ATOM   191  N  N     . ALA A 1 26  ? 1.566   5.878   -12.473 1.00 13.14 ? 20   ALA A N     1 
ATOM   192  C  CA    . ALA A 1 26  ? 1.880   6.329   -13.815 1.00 13.90 ? 20   ALA A CA    1 
ATOM   193  C  C     . ALA A 1 26  ? 1.160   7.700   -14.099 1.00 14.12 ? 20   ALA A C     1 
ATOM   194  O  O     . ALA A 1 26  ? 1.757   8.636   -14.595 1.00 13.96 ? 20   ALA A O     1 
ATOM   195  C  CB    . ALA A 1 26  ? 1.459   5.269   -14.855 1.00 12.18 ? 20   ALA A CB    1 
ATOM   196  N  N     . TYR A 1 27  ? -0.121  7.755   -13.787 1.00 15.22 ? 21   TYR A N     1 
ATOM   197  C  CA    . TYR A 1 27  ? -0.946  8.989   -13.879 1.00 14.63 ? 21   TYR A CA    1 
ATOM   198  C  C     . TYR A 1 27  ? -0.330  10.193  -13.100 1.00 14.79 ? 21   TYR A C     1 
ATOM   199  O  O     . TYR A 1 27  ? -0.293  11.320  -13.612 1.00 15.79 ? 21   TYR A O     1 
ATOM   200  C  CB    . TYR A 1 27  ? -2.379  8.669   -13.419 1.00 12.88 ? 21   TYR A CB    1 
ATOM   201  C  CG    . TYR A 1 27  ? -3.260  9.912   -13.267 1.00 14.08 ? 21   TYR A CG    1 
ATOM   202  C  CD1   . TYR A 1 27  ? -3.776  10.549  -14.389 1.00 12.81 ? 21   TYR A CD1   1 
ATOM   203  C  CD2   . TYR A 1 27  ? -3.501  10.483  -12.018 1.00 12.11 ? 21   TYR A CD2   1 
ATOM   204  C  CE1   . TYR A 1 27  ? -4.538  11.696  -14.296 1.00 13.55 ? 21   TYR A CE1   1 
ATOM   205  C  CE2   . TYR A 1 27  ? -4.295  11.658  -11.886 1.00 14.36 ? 21   TYR A CE2   1 
ATOM   206  C  CZ    . TYR A 1 27  ? -4.795  12.244  -13.058 1.00 14.21 ? 21   TYR A CZ    1 
ATOM   207  O  OH    . TYR A 1 27  ? -5.603  13.359  -13.053 1.00 17.59 ? 21   TYR A OH    1 
ATOM   208  N  N     . PHE A 1 28  ? 0.100   9.945   -11.857 1.00 13.65 ? 22   PHE A N     1 
ATOM   209  C  CA    . PHE A 1 28  ? 0.714   10.952  -10.998 1.00 13.77 ? 22   PHE A CA    1 
ATOM   210  C  C     . PHE A 1 28  ? 1.982   11.466  -11.706 1.00 14.12 ? 22   PHE A C     1 
ATOM   211  O  O     . PHE A 1 28  ? 2.248   12.694  -11.733 1.00 12.02 ? 22   PHE A O     1 
ATOM   212  C  CB    . PHE A 1 28  ? 1.118   10.362  -9.612  1.00 12.79 ? 22   PHE A CB    1 
ATOM   213  C  CG    . PHE A 1 28  ? -0.052  9.940   -8.762  1.00 13.01 ? 22   PHE A CG    1 
ATOM   214  C  CD1   . PHE A 1 28  ? -1.341  10.510  -8.958  1.00 9.44  ? 22   PHE A CD1   1 
ATOM   215  C  CD2   . PHE A 1 28  ? 0.114   8.973   -7.764  1.00 9.89  ? 22   PHE A CD2   1 
ATOM   216  C  CE1   . PHE A 1 28  ? -2.437  10.127  -8.164  1.00 10.73 ? 22   PHE A CE1   1 
ATOM   217  C  CE2   . PHE A 1 28  ? -0.942  8.583   -6.996  1.00 9.75  ? 22   PHE A CE2   1 
ATOM   218  C  CZ    . PHE A 1 28  ? -2.249  9.178   -7.178  1.00 12.97 ? 22   PHE A CZ    1 
ATOM   219  N  N     . SER A 1 29  ? 2.736   10.523  -12.279 1.00 13.90 ? 23   SER A N     1 
ATOM   220  C  CA    . SER A 1 29  ? 3.937   10.871  -13.022 1.00 14.33 ? 23   SER A CA    1 
ATOM   221  C  C     . SER A 1 29  ? 3.631   11.666  -14.247 1.00 12.41 ? 23   SER A C     1 
ATOM   222  O  O     . SER A 1 29  ? 4.350   12.599  -14.548 1.00 12.71 ? 23   SER A O     1 
ATOM   223  C  CB    . SER A 1 29  ? 4.779   9.660   -13.480 1.00 13.68 ? 23   SER A CB    1 
ATOM   224  O  OG    . SER A 1 29  ? 5.214   9.029   -12.321 1.00 22.60 ? 23   SER A OG    1 
ATOM   225  N  N     . LEU A 1 30  ? 2.643   11.280  -15.025 1.00 11.34 ? 24   LEU A N     1 
ATOM   226  C  CA    . LEU A 1 30  ? 2.365   12.085  -16.228 1.00 9.87  ? 24   LEU A CA    1 
ATOM   227  C  C     . LEU A 1 30  ? 1.887   13.490  -15.818 1.00 10.73 ? 24   LEU A C     1 
ATOM   228  O  O     . LEU A 1 30  ? 2.070   14.469  -16.564 1.00 9.21  ? 24   LEU A O     1 
ATOM   229  C  CB    . LEU A 1 30  ? 1.249   11.395  -17.000 1.00 10.30 ? 24   LEU A CB    1 
ATOM   230  C  CG    . LEU A 1 30  ? 1.688   10.017  -17.567 1.00 13.60 ? 24   LEU A CG    1 
ATOM   231  C  CD1   . LEU A 1 30  ? 0.487   9.213   -18.172 1.00 11.42 ? 24   LEU A CD1   1 
ATOM   232  C  CD2   . LEU A 1 30  ? 2.754   10.295  -18.708 1.00 13.75 ? 24   LEU A CD2   1 
ATOM   233  N  N     . GLN A 1 31  ? 1.219   13.583  -14.649 1.00 10.44 ? 25   GLN A N     1 
ATOM   234  C  CA    . GLN A 1 31  ? 0.756   14.923  -14.114 1.00 11.89 ? 25   GLN A CA    1 
ATOM   235  C  C     . GLN A 1 31  ? 1.897   15.814  -13.659 1.00 11.61 ? 25   GLN A C     1 
ATOM   236  O  O     . GLN A 1 31  ? 1.872   17.026  -13.848 1.00 14.14 ? 25   GLN A O     1 
ATOM   237  C  CB    . GLN A 1 31  ? -0.305  14.743  -13.001 1.00 12.09 ? 25   GLN A CB    1 
ATOM   238  C  CG    . GLN A 1 31  ? -1.578  14.085  -13.516 1.00 12.91 ? 25   GLN A CG    1 
ATOM   239  C  CD    . GLN A 1 31  ? -2.334  15.058  -14.400 1.00 20.45 ? 25   GLN A CD    1 
ATOM   240  O  OE1   . GLN A 1 31  ? -2.314  14.966  -15.618 1.00 22.86 ? 25   GLN A OE1   1 
ATOM   241  N  NE2   . GLN A 1 31  ? -2.915  16.043  -13.788 1.00 20.18 ? 25   GLN A NE2   1 
ATOM   242  N  N     . VAL A 1 32  ? 2.921   15.237  -13.051 1.00 13.41 ? 26   VAL A N     1 
ATOM   243  C  CA    . VAL A 1 32  ? 4.134   16.012  -12.818 1.00 12.07 ? 26   VAL A CA    1 
ATOM   244  C  C     . VAL A 1 32  ? 4.781   16.511  -14.150 1.00 11.93 ? 26   VAL A C     1 
ATOM   245  O  O     . VAL A 1 32  ? 5.199   17.663  -14.231 1.00 11.16 ? 26   VAL A O     1 
ATOM   246  C  CB    . VAL A 1 32  ? 5.166   15.202  -11.994 1.00 13.82 ? 26   VAL A CB    1 
ATOM   247  C  CG1   . VAL A 1 32  ? 6.470   16.089  -11.840 1.00 9.67  ? 26   VAL A CG1   1 
ATOM   248  C  CG2   . VAL A 1 32  ? 4.576   14.883  -10.660 1.00 12.85 ? 26   VAL A CG2   1 
ATOM   249  N  N     . ILE A 1 33  ? 4.934   15.633  -15.160 1.00 10.57 ? 27   ILE A N     1 
ATOM   250  C  CA    . ILE A 1 33  ? 5.466   16.049  -16.478 1.00 9.41  ? 27   ILE A CA    1 
ATOM   251  C  C     . ILE A 1 33  ? 4.656   17.249  -17.043 1.00 10.44 ? 27   ILE A C     1 
ATOM   252  O  O     . ILE A 1 33  ? 5.201   18.244  -17.578 1.00 11.32 ? 27   ILE A O     1 
ATOM   253  C  CB    . ILE A 1 33  ? 5.470   14.864  -17.447 1.00 8.62  ? 27   ILE A CB    1 
ATOM   254  C  CG1   . ILE A 1 33  ? 6.448   13.799  -16.905 1.00 7.59  ? 27   ILE A CG1   1 
ATOM   255  C  CG2   . ILE A 1 33  ? 5.823   15.371  -18.898 1.00 5.42  ? 27   ILE A CG2   1 
ATOM   256  C  CD1   . ILE A 1 33  ? 6.497   12.466  -17.628 1.00 10.48 ? 27   ILE A CD1   1 
ATOM   257  N  N     . SER A 1 34  ? 3.352   17.166  -16.882 1.00 10.48 ? 28   SER A N     1 
ATOM   258  C  CA    . SER A 1 34  ? 2.481   18.179  -17.349 1.00 12.55 ? 28   SER A CA    1 
ATOM   259  C  C     . SER A 1 34  ? 2.677   19.473  -16.514 1.00 11.75 ? 28   SER A C     1 
ATOM   260  O  O     . SER A 1 34  ? 2.657   20.568  -17.047 1.00 10.69 ? 28   SER A O     1 
ATOM   261  C  CB    . SER A 1 34  ? 1.047   17.627  -17.283 1.00 12.29 ? 28   SER A CB    1 
ATOM   262  O  OG    . SER A 1 34  ? 0.129   18.662  -17.627 1.00 17.87 ? 28   SER A OG    1 
ATOM   263  N  N     . ALA A 1 35  ? 2.894   19.354  -15.208 1.00 12.74 ? 29   ALA A N     1 
ATOM   264  C  CA    . ALA A 1 35  ? 3.167   20.571  -14.394 1.00 13.62 ? 29   ALA A CA    1 
ATOM   265  C  C     . ALA A 1 35  ? 4.543   21.215  -14.778 1.00 12.51 ? 29   ALA A C     1 
ATOM   266  O  O     . ALA A 1 35  ? 4.715   22.396  -14.709 1.00 12.55 ? 29   ALA A O     1 
ATOM   267  C  CB    . ALA A 1 35  ? 3.130   20.200  -12.866 1.00 13.35 ? 29   ALA A CB    1 
ATOM   268  N  N     . ARG A 1 36  ? 5.499   20.426  -15.204 1.00 11.66 ? 30   ARG A N     1 
ATOM   269  C  CA    . ARG A 1 36  ? 6.811   20.927  -15.592 1.00 13.71 ? 30   ARG A CA    1 
ATOM   270  C  C     . ARG A 1 36  ? 6.647   21.797  -16.821 1.00 15.25 ? 30   ARG A C     1 
ATOM   271  O  O     . ARG A 1 36  ? 7.239   22.870  -16.913 1.00 15.66 ? 30   ARG A O     1 
ATOM   272  C  CB    . ARG A 1 36  ? 7.767   19.749  -15.880 1.00 13.34 ? 30   ARG A CB    1 
ATOM   273  C  CG    . ARG A 1 36  ? 8.419   19.174  -14.647 1.00 12.61 ? 30   ARG A CG    1 
ATOM   274  C  CD    . ARG A 1 36  ? 9.503   18.144  -14.924 1.00 13.07 ? 30   ARG A CD    1 
ATOM   275  N  NE    . ARG A 1 36  ? 10.028  17.560  -13.678 1.00 12.05 ? 30   ARG A NE    1 
ATOM   276  C  CZ    . ARG A 1 36  ? 10.905  18.158  -12.860 1.00 12.21 ? 30   ARG A CZ    1 
ATOM   277  N  NH1   . ARG A 1 36  ? 11.384  19.395  -13.166 1.00 7.86  ? 30   ARG A NH1   1 
ATOM   278  N  NH2   . ARG A 1 36  ? 11.358  17.523  -11.743 1.00 5.61  ? 30   ARG A NH2   1 
ATOM   279  N  N     . ARG A 1 37  ? 5.821   21.322  -17.760 1.00 17.22 ? 31   ARG A N     1 
ATOM   280  C  CA    . ARG A 1 37  ? 5.454   22.078  -18.941 1.00 20.02 ? 31   ARG A CA    1 
ATOM   281  C  C     . ARG A 1 37  ? 4.700   23.404  -18.609 1.00 18.00 ? 31   ARG A C     1 
ATOM   282  O  O     . ARG A 1 37  ? 5.195   24.482  -18.934 1.00 16.67 ? 31   ARG A O     1 
ATOM   283  C  CB    . ARG A 1 37  ? 4.646   21.198  -19.912 1.00 18.29 ? 31   ARG A CB    1 
ATOM   284  C  CG    . ARG A 1 37  ? 4.445   21.864  -21.352 1.00 26.40 ? 31   ARG A CG    1 
ATOM   285  C  CD    . ARG A 1 37  ? 3.872   20.845  -22.415 1.00 28.12 ? 31   ARG A CD    1 
ATOM   286  N  NE    . ARG A 1 37  ? 4.164   19.435  -21.981 1.00 44.00 ? 31   ARG A NE    1 
ATOM   287  C  CZ    . ARG A 1 37  ? 5.253   18.697  -22.313 1.00 46.92 ? 31   ARG A CZ    1 
ATOM   288  N  NH1   . ARG A 1 37  ? 6.200   19.207  -23.150 1.00 49.61 ? 31   ARG A NH1   1 
ATOM   289  N  NH2   . ARG A 1 37  ? 5.390   17.442  -21.829 1.00 41.52 ? 31   ARG A NH2   1 
ATOM   290  N  N     . ALA A 1 38  ? 3.524   23.318  -17.961 1.00 17.87 ? 32   ALA A N     1 
ATOM   291  C  CA    . ALA A 1 38  ? 2.763   24.499  -17.533 1.00 17.39 ? 32   ALA A CA    1 
ATOM   292  C  C     . ALA A 1 38  ? 3.621   25.553  -16.795 1.00 17.99 ? 32   ALA A C     1 
ATOM   293  O  O     . ALA A 1 38  ? 3.481   26.724  -17.064 1.00 18.15 ? 32   ALA A O     1 
ATOM   294  C  CB    . ALA A 1 38  ? 1.543   24.068  -16.674 1.00 15.94 ? 32   ALA A CB    1 
ATOM   295  N  N     . PHE A 1 39  ? 4.502   25.141  -15.877 1.00 18.07 ? 33   PHE A N     1 
ATOM   296  C  CA    . PHE A 1 39  ? 5.236   26.067  -15.020 1.00 20.32 ? 33   PHE A CA    1 
ATOM   297  C  C     . PHE A 1 39  ? 6.679   26.247  -15.433 1.00 21.44 ? 33   PHE A C     1 
ATOM   298  O  O     . PHE A 1 39  ? 7.443   26.977  -14.784 1.00 22.66 ? 33   PHE A O     1 
ATOM   299  C  CB    . PHE A 1 39  ? 5.140   25.662  -13.549 1.00 21.89 ? 33   PHE A CB    1 
ATOM   300  C  CG    . PHE A 1 39  ? 3.735   25.610  -13.053 1.00 23.17 ? 33   PHE A CG    1 
ATOM   301  C  CD1   . PHE A 1 39  ? 3.094   26.770  -12.632 1.00 28.57 ? 33   PHE A CD1   1 
ATOM   302  C  CD2   . PHE A 1 39  ? 3.037   24.412  -13.037 1.00 25.87 ? 33   PHE A CD2   1 
ATOM   303  C  CE1   . PHE A 1 39  ? 1.754   26.720  -12.202 1.00 29.89 ? 33   PHE A CE1   1 
ATOM   304  C  CE2   . PHE A 1 39  ? 1.724   24.348  -12.606 1.00 28.15 ? 33   PHE A CE2   1 
ATOM   305  C  CZ    . PHE A 1 39  ? 1.069   25.520  -12.227 1.00 27.38 ? 33   PHE A CZ    1 
ATOM   306  N  N     . ARG A 1 40  ? 7.050   25.628  -16.552 1.00 21.20 ? 34   ARG A N     1 
ATOM   307  C  CA    . ARG A 1 40  ? 8.394   25.830  -17.103 1.00 21.81 ? 34   ARG A CA    1 
ATOM   308  C  C     . ARG A 1 40  ? 9.510   25.549  -16.069 1.00 20.00 ? 34   ARG A C     1 
ATOM   309  O  O     . ARG A 1 40  ? 10.494  26.298  -15.970 1.00 22.72 ? 34   ARG A O     1 
ATOM   310  C  CB    . ARG A 1 40  ? 8.532   27.213  -17.776 1.00 21.90 ? 34   ARG A CB    1 
ATOM   311  C  CG    . ARG A 1 40  ? 7.391   27.501  -18.794 1.00 25.86 ? 34   ARG A CG    1 
ATOM   312  C  CD    . ARG A 1 40  ? 7.828   28.293  -20.016 1.00 31.94 ? 34   ARG A CD    1 
ATOM   313  N  NE    . ARG A 1 40  ? 7.711   29.734  -19.796 1.00 37.48 ? 34   ARG A NE    1 
ATOM   314  C  CZ    . ARG A 1 40  ? 6.556   30.411  -19.732 1.00 42.81 ? 34   ARG A CZ    1 
ATOM   315  N  NH1   . ARG A 1 40  ? 5.387   29.756  -19.846 1.00 45.32 ? 34   ARG A NH1   1 
ATOM   316  N  NH2   . ARG A 1 40  ? 6.565   31.748  -19.528 1.00 43.06 ? 34   ARG A NH2   1 
ATOM   317  N  N     . VAL A 1 41  ? 9.337   24.456  -15.328 1.00 18.69 ? 35   VAL A N     1 
ATOM   318  C  CA    . VAL A 1 41  ? 10.325  23.945  -14.379 1.00 15.42 ? 35   VAL A CA    1 
ATOM   319  C  C     . VAL A 1 41  ? 11.057  22.756  -14.979 1.00 15.66 ? 35   VAL A C     1 
ATOM   320  O  O     . VAL A 1 41  ? 10.538  21.651  -15.006 1.00 12.69 ? 35   VAL A O     1 
ATOM   321  C  CB    . VAL A 1 41  ? 9.671   23.542  -13.034 1.00 13.95 ? 35   VAL A CB    1 
ATOM   322  C  CG1   . VAL A 1 41  ? 10.769  23.088  -12.066 1.00 12.35 ? 35   VAL A CG1   1 
ATOM   323  C  CG2   . VAL A 1 41  ? 8.851   24.698  -12.414 1.00 14.58 ? 35   VAL A CG2   1 
ATOM   324  N  N     . SER A 1 42  ? 12.271  22.981  -15.477 1.00 15.31 ? 36   SER A N     1 
ATOM   325  C  CA    . SER A 1 42  ? 13.022  21.890  -16.112 1.00 17.02 ? 36   SER A CA    1 
ATOM   326  C  C     . SER A 1 42  ? 13.907  21.066  -15.200 1.00 15.01 ? 36   SER A C     1 
ATOM   327  O  O     . SER A 1 42  ? 14.613  21.618  -14.345 1.00 15.40 ? 36   SER A O     1 
ATOM   328  C  CB    . SER A 1 42  ? 13.966  22.440  -17.191 1.00 16.98 ? 36   SER A CB    1 
ATOM   329  O  OG    . SER A 1 42  ? 13.353  23.545  -17.808 1.00 26.41 ? 36   SER A OG    1 
ATOM   330  N  N     . PRO A 1 43  ? 13.968  19.745  -15.462 1.00 14.72 ? 37   PRO A N     1 
ATOM   331  C  CA    . PRO A 1 43  ? 14.974  18.953  -14.727 1.00 13.18 ? 37   PRO A CA    1 
ATOM   332  C  C     . PRO A 1 43  ? 16.407  19.564  -14.890 1.00 12.15 ? 37   PRO A C     1 
ATOM   333  O  O     . PRO A 1 43  ? 16.703  20.092  -15.943 1.00 13.45 ? 37   PRO A O     1 
ATOM   334  C  CB    . PRO A 1 43  ? 14.824  17.531  -15.355 1.00 13.40 ? 37   PRO A CB    1 
ATOM   335  C  CG    . PRO A 1 43  ? 13.411  17.495  -15.842 1.00 12.81 ? 37   PRO A CG    1 
ATOM   336  C  CD    . PRO A 1 43  ? 13.171  18.920  -16.405 1.00 12.35 ? 37   PRO A CD    1 
ATOM   337  N  N     . PRO A 1 44  ? 17.315  19.449  -13.881 1.00 12.51 ? 38   PRO A N     1 
ATOM   338  C  CA    . PRO A 1 44  ? 17.205  18.657  -12.633 1.00 11.81 ? 38   PRO A CA    1 
ATOM   339  C  C     . PRO A 1 44  ? 16.350  19.546  -11.725 1.00 13.91 ? 38   PRO A C     1 
ATOM   340  O  O     . PRO A 1 44  ? 15.762  20.526  -12.198 1.00 14.88 ? 38   PRO A O     1 
ATOM   341  C  CB    . PRO A 1 44  ? 18.656  18.497  -12.202 1.00 10.25 ? 38   PRO A CB    1 
ATOM   342  C  CG    . PRO A 1 44  ? 19.383  19.823  -12.696 1.00 9.40  ? 38   PRO A CG    1 
ATOM   343  C  CD    . PRO A 1 44  ? 18.629  20.158  -13.998 1.00 10.84 ? 38   PRO A CD    1 
ATOM   344  N  N     . LEU A 1 45  ? 16.119  19.412  -10.462 1.00 15.38 ? 39   LEU A N     1 
ATOM   345  C  CA    . LEU A 1 45  ? 15.244  20.764  -10.144 1.00 15.49 ? 39   LEU A CA    1 
ATOM   346  C  C     . LEU A 1 45  ? 13.781  20.506  -10.061 1.00 14.01 ? 39   LEU A C     1 
ATOM   347  O  O     . LEU A 1 45  ? 13.081  20.167  -11.044 1.00 11.41 ? 39   LEU A O     1 
ATOM   348  C  CB    . LEU A 1 45  ? 15.364  21.962  -11.125 1.00 14.92 ? 39   LEU A CB    1 
ATOM   349  C  CG    . LEU A 1 45  ? 15.466  23.539  -10.794 1.00 18.58 ? 39   LEU A CG    1 
ATOM   350  C  CD1   . LEU A 1 45  ? 16.810  24.005  -10.129 1.00 11.24 ? 39   LEU A CD1   1 
ATOM   351  C  CD2   . LEU A 1 45  ? 15.293  24.544  -11.918 1.00 19.59 ? 39   LEU A CD2   1 
ATOM   352  N  N     . THR A 1 46  ? 13.378  20.698  -8.824  1.00 14.12 ? 40   THR A N     1 
ATOM   353  C  CA    . THR A 1 46  ? 12.186  20.126  -8.241  1.00 15.41 ? 40   THR A CA    1 
ATOM   354  C  C     . THR A 1 46  ? 11.589  21.253  -7.363  1.00 16.03 ? 40   THR A C     1 
ATOM   355  O  O     . THR A 1 46  ? 10.661  21.042  -6.607  1.00 17.93 ? 40   THR A O     1 
ATOM   356  C  CB    . THR A 1 46  ? 12.559  18.846  -7.491  1.00 16.77 ? 40   THR A CB    1 
ATOM   357  O  OG1   . THR A 1 46  ? 13.547  19.164  -6.507  1.00 15.44 ? 40   THR A OG1   1 
ATOM   358  C  CG2   . THR A 1 46  ? 13.149  17.814  -8.483  1.00 11.31 ? 40   THR A CG2   1 
ATOM   359  N  N     . THR A 1 47  ? 12.061  22.478  -7.593  1.00 14.57 ? 41   THR A N     1 
ATOM   360  C  CA    . THR A 1 47  ? 11.513  23.675  -6.953  1.00 15.88 ? 41   THR A CA    1 
ATOM   361  C  C     . THR A 1 47  ? 11.058  24.672  -8.033  1.00 15.83 ? 41   THR A C     1 
ATOM   362  O  O     . THR A 1 47  ? 11.561  24.644  -9.175  1.00 14.69 ? 41   THR A O     1 
ATOM   363  C  CB    . THR A 1 47  ? 12.539  24.330  -5.965  1.00 14.57 ? 41   THR A CB    1 
ATOM   364  O  OG1   . THR A 1 47  ? 13.728  24.626  -6.709  1.00 17.40 ? 41   THR A OG1   1 
ATOM   365  C  CG2   . THR A 1 47  ? 12.808  23.387  -4.769  1.00 14.46 ? 41   THR A CG2   1 
ATOM   366  N  N     . GLY A 1 48  ? 10.144  25.561  -7.654  1.00 16.94 ? 42   GLY A N     1 
ATOM   367  C  CA    . GLY A 1 48  ? 9.472   26.471  -8.585  1.00 18.20 ? 42   GLY A CA    1 
ATOM   368  C  C     . GLY A 1 48  ? 8.337   27.094  -7.809  1.00 19.62 ? 42   GLY A C     1 
ATOM   369  O  O     . GLY A 1 48  ? 8.384   27.140  -6.599  1.00 20.86 ? 42   GLY A O     1 
ATOM   370  N  N     . PRO A 1 49  ? 7.314   27.599  -8.492  1.00 20.21 ? 43   PRO A N     1 
ATOM   371  C  CA    . PRO A 1 49  ? 6.093   28.041  -7.797  1.00 20.36 ? 43   PRO A CA    1 
ATOM   372  C  C     . PRO A 1 49  ? 5.419   26.990  -6.855  1.00 19.46 ? 43   PRO A C     1 
ATOM   373  O  O     . PRO A 1 49  ? 5.436   25.793  -7.174  1.00 20.21 ? 43   PRO A O     1 
ATOM   374  C  CB    . PRO A 1 49  ? 5.144   28.411  -8.949  1.00 21.77 ? 43   PRO A CB    1 
ATOM   375  C  CG    . PRO A 1 49  ? 5.791   27.939  -10.217 1.00 20.01 ? 43   PRO A CG    1 
ATOM   376  C  CD    . PRO A 1 49  ? 7.249   27.758  -9.953  1.00 19.47 ? 43   PRO A CD    1 
ATOM   377  N  N     . PRO A 1 50  ? 4.858   27.435  -5.703  1.00 19.30 ? 44   PRO A N     1 
ATOM   378  C  CA    . PRO A 1 50  ? 4.195   26.531  -4.762  1.00 19.49 ? 44   PRO A CA    1 
ATOM   379  C  C     . PRO A 1 50  ? 3.297   25.527  -5.511  1.00 19.75 ? 44   PRO A C     1 
ATOM   380  O  O     . PRO A 1 50  ? 3.299   24.325  -5.219  1.00 19.34 ? 44   PRO A O     1 
ATOM   381  C  CB    . PRO A 1 50  ? 3.405   27.463  -3.836  1.00 19.77 ? 44   PRO A CB    1 
ATOM   382  C  CG    . PRO A 1 50  ? 4.290   28.687  -3.789  1.00 19.90 ? 44   PRO A CG    1 
ATOM   383  C  CD    . PRO A 1 50  ? 4.822   28.840  -5.216  1.00 18.39 ? 44   PRO A CD    1 
ATOM   384  N  N     . GLU A 1 51  ? 2.631   25.993  -6.549  1.00 19.40 ? 45   GLU A N     1 
ATOM   385  C  CA    . GLU A 1 51  ? 1.732   25.136  -7.294  1.00 19.71 ? 45   GLU A CA    1 
ATOM   386  C  C     . GLU A 1 51  ? 2.429   24.037  -8.127  1.00 18.56 ? 45   GLU A C     1 
ATOM   387  O  O     . GLU A 1 51  ? 1.862   22.961  -8.315  1.00 18.28 ? 45   GLU A O     1 
ATOM   388  C  CB    . GLU A 1 51  ? 0.818   25.988  -8.153  1.00 21.07 ? 45   GLU A CB    1 
ATOM   389  C  CG    . GLU A 1 51  ? -0.210  25.130  -8.865  1.00 27.54 ? 45   GLU A CG    1 
ATOM   390  C  CD    . GLU A 1 51  ? -1.414  25.927  -9.351  1.00 34.48 ? 45   GLU A CD    1 
ATOM   391  O  OE1   . GLU A 1 51  ? -1.251  27.176  -9.587  1.00 36.28 ? 45   GLU A OE1   1 
ATOM   392  O  OE2   . GLU A 1 51  ? -2.491  25.274  -9.479  1.00 33.16 ? 45   GLU A OE2   1 
ATOM   393  N  N     . PHE A 1 52  ? 3.661   24.285  -8.602  1.00 16.03 ? 46   PHE A N     1 
ATOM   394  C  CA    . PHE A 1 52  ? 4.403   23.210  -9.175  1.00 15.23 ? 46   PHE A CA    1 
ATOM   395  C  C     . PHE A 1 52  ? 4.899   22.222  -8.044  1.00 13.78 ? 46   PHE A C     1 
ATOM   396  O  O     . PHE A 1 52  ? 4.836   21.043  -8.214  1.00 12.23 ? 46   PHE A O     1 
ATOM   397  C  CB    . PHE A 1 52  ? 5.586   23.689  -10.028 1.00 14.81 ? 46   PHE A CB    1 
ATOM   398  C  CG    . PHE A 1 52  ? 6.527   22.600  -10.295 1.00 17.22 ? 46   PHE A CG    1 
ATOM   399  C  CD1   . PHE A 1 52  ? 6.263   21.660  -11.297 1.00 14.12 ? 46   PHE A CD1   1 
ATOM   400  C  CD2   . PHE A 1 52  ? 7.605   22.388  -9.441  1.00 18.51 ? 46   PHE A CD2   1 
ATOM   401  C  CE1   . PHE A 1 52  ? 7.100   20.537  -11.476 1.00 19.07 ? 46   PHE A CE1   1 
ATOM   402  C  CE2   . PHE A 1 52  ? 8.443   21.292  -9.633  1.00 17.68 ? 46   PHE A CE2   1 
ATOM   403  C  CZ    . PHE A 1 52  ? 8.172   20.339  -10.656 1.00 17.14 ? 46   PHE A CZ    1 
ATOM   404  N  N     . GLU A 1 53  ? 5.363   22.744  -6.913  1.00 12.97 ? 47   GLU A N     1 
ATOM   405  C  CA    . GLU A 1 53  ? 5.917   21.964  -5.819  1.00 11.61 ? 47   GLU A CA    1 
ATOM   406  C  C     . GLU A 1 53  ? 4.917   21.047  -5.160  1.00 13.07 ? 47   GLU A C     1 
ATOM   407  O  O     . GLU A 1 53  ? 5.233   19.881  -4.854  1.00 11.47 ? 47   GLU A O     1 
ATOM   408  C  CB    . GLU A 1 53  ? 6.592   22.889  -4.802  1.00 11.60 ? 47   GLU A CB    1 
ATOM   409  C  CG    . GLU A 1 53  ? 7.802   23.624  -5.426  1.00 10.58 ? 47   GLU A CG    1 
ATOM   410  C  CD    . GLU A 1 53  ? 8.728   24.320  -4.398  1.00 14.43 ? 47   GLU A CD    1 
ATOM   411  O  OE1   . GLU A 1 53  ? 8.532   24.224  -3.152  1.00 16.62 ? 47   GLU A OE1   1 
ATOM   412  O  OE2   . GLU A 1 53  ? 9.698   24.929  -4.880  1.00 15.88 ? 47   GLU A OE2   1 
ATOM   413  N  N     . ARG A 1 54  ? 3.704   21.545  -4.974  1.00 13.97 ? 48   ARG A N     1 
ATOM   414  C  CA    . ARG A 1 54  ? 2.604   20.651  -4.580  1.00 15.04 ? 48   ARG A CA    1 
ATOM   415  C  C     . ARG A 1 54  ? 2.349   19.414  -5.460  1.00 15.81 ? 48   ARG A C     1 
ATOM   416  O  O     . ARG A 1 54  ? 2.133   18.354  -4.922  1.00 16.42 ? 48   ARG A O     1 
ATOM   417  C  CB    . ARG A 1 54  ? 1.309   21.438  -4.301  1.00 15.02 ? 48   ARG A CB    1 
ATOM   418  C  CG    . ARG A 1 54  ? 1.419   22.350  -3.077  1.00 14.43 ? 48   ARG A CG    1 
ATOM   419  C  CD    . ARG A 1 54  ? 0.056   22.921  -2.632  1.00 13.52 ? 48   ARG A CD    1 
ATOM   420  N  NE    . ARG A 1 54  ? -0.720  23.332  -3.804  1.00 13.44 ? 48   ARG A NE    1 
ATOM   421  C  CZ    . ARG A 1 54  ? -0.756  24.570  -4.320  1.00 13.23 ? 48   ARG A CZ    1 
ATOM   422  N  NH1   . ARG A 1 54  ? -0.090  25.591  -3.774  1.00 10.55 ? 48   ARG A NH1   1 
ATOM   423  N  NH2   . ARG A 1 54  ? -1.425  24.774  -5.396  1.00 7.17  ? 48   ARG A NH2   1 
ATOM   424  N  N     . VAL A 1 55  ? 2.355   19.546  -6.799  1.00 16.51 ? 49   VAL A N     1 
ATOM   425  C  CA    . VAL A 1 55  ? 2.126   18.416  -7.677  1.00 14.75 ? 49   VAL A CA    1 
ATOM   426  C  C     . VAL A 1 55  ? 3.313   17.473  -7.593  1.00 14.72 ? 49   VAL A C     1 
ATOM   427  O  O     . VAL A 1 55  ? 3.125   16.257  -7.530  1.00 12.53 ? 49   VAL A O     1 
ATOM   428  C  CB    . VAL A 1 55  ? 1.999   18.855  -9.180  1.00 16.09 ? 49   VAL A CB    1 
ATOM   429  C  CG1   . VAL A 1 55  ? 1.762   17.631  -10.129 1.00 14.60 ? 49   VAL A CG1   1 
ATOM   430  C  CG2   . VAL A 1 55  ? 0.847   19.810  -9.373  1.00 16.72 ? 49   VAL A CG2   1 
ATOM   431  N  N     . TYR A 1 56  ? 4.532   18.020  -7.709  1.00 12.52 ? 50   TYR A N     1 
ATOM   432  C  CA    . TYR A 1 56  ? 5.747   17.249  -7.496  1.00 12.27 ? 50   TYR A CA    1 
ATOM   433  C  C     . TYR A 1 56  ? 5.714   16.449  -6.178  1.00 12.31 ? 50   TYR A C     1 
ATOM   434  O  O     . TYR A 1 56  ? 5.919   15.208  -6.129  1.00 13.28 ? 50   TYR A O     1 
ATOM   435  C  CB    . TYR A 1 56  ? 6.934   18.199  -7.506  1.00 13.15 ? 50   TYR A CB    1 
ATOM   436  C  CG    . TYR A 1 56  ? 8.166   17.528  -7.066  1.00 10.62 ? 50   TYR A CG    1 
ATOM   437  C  CD1   . TYR A 1 56  ? 8.787   16.630  -7.918  1.00 12.53 ? 50   TYR A CD1   1 
ATOM   438  C  CD2   . TYR A 1 56  ? 8.713   17.767  -5.791  1.00 13.35 ? 50   TYR A CD2   1 
ATOM   439  C  CE1   . TYR A 1 56  ? 9.900   15.987  -7.546  1.00 12.06 ? 50   TYR A CE1   1 
ATOM   440  C  CE2   . TYR A 1 56  ? 9.899   17.059  -5.360  1.00 9.79  ? 50   TYR A CE2   1 
ATOM   441  C  CZ    . TYR A 1 56  ? 10.440  16.170  -6.273  1.00 9.95  ? 50   TYR A CZ    1 
ATOM   442  O  OH    . TYR A 1 56  ? 11.568  15.418  -5.996  1.00 11.26 ? 50   TYR A OH    1 
ATOM   443  N  N     . ARG A 1 57  ? 5.397   17.143  -5.096  1.00 12.34 ? 51   ARG A N     1 
ATOM   444  C  CA    . ARG A 1 57  ? 5.436   16.560  -3.785  1.00 12.42 ? 51   ARG A CA    1 
ATOM   445  C  C     . ARG A 1 57  ? 4.296   15.555  -3.602  1.00 14.15 ? 51   ARG A C     1 
ATOM   446  O  O     . ARG A 1 57  ? 4.499   14.576  -2.895  1.00 11.71 ? 51   ARG A O     1 
ATOM   447  C  CB    . ARG A 1 57  ? 5.282   17.693  -2.758  1.00 14.04 ? 51   ARG A CB    1 
ATOM   448  C  CG    . ARG A 1 57  ? 6.664   18.297  -2.330  1.00 14.11 ? 51   ARG A CG    1 
ATOM   449  C  CD    . ARG A 1 57  ? 6.956   17.521  -1.037  1.00 23.55 ? 51   ARG A CD    1 
ATOM   450  N  NE    . ARG A 1 57  ? 8.083   16.830  -1.361  1.00 17.63 ? 51   ARG A NE    1 
ATOM   451  C  CZ    . ARG A 1 57  ? 8.443   15.604  -1.076  1.00 12.66 ? 51   ARG A CZ    1 
ATOM   452  N  NH1   . ARG A 1 57  ? 7.827   14.736  -0.266  1.00 13.62 ? 51   ARG A NH1   1 
ATOM   453  N  NH2   . ARG A 1 57  ? 9.574   15.313  -1.674  1.00 13.25 ? 51   ARG A NH2   1 
ATOM   454  N  N     . ALA A 1 58  ? 3.083   15.823  -4.170  1.00 14.36 ? 52   ALA A N     1 
ATOM   455  C  CA    . ALA A 1 58  ? 1.984   14.860  -4.055  1.00 13.96 ? 52   ALA A CA    1 
ATOM   456  C  C     . ALA A 1 58  ? 2.402   13.507  -4.685  1.00 13.65 ? 52   ALA A C     1 
ATOM   457  O  O     . ALA A 1 58  ? 2.115   12.434  -4.175  1.00 12.08 ? 52   ALA A O     1 
ATOM   458  C  CB    . ALA A 1 58  ? 0.680   15.449  -4.663  1.00 14.72 ? 52   ALA A CB    1 
ATOM   459  N  N     . GLN A 1 59  ? 3.147   13.583  -5.801  1.00 14.50 ? 53   GLN A N     1 
ATOM   460  C  CA    . GLN A 1 59  ? 3.563   12.413  -6.513  1.00 13.04 ? 53   GLN A CA    1 
ATOM   461  C  C     . GLN A 1 59  ? 4.672   11.706  -5.746  1.00 13.51 ? 53   GLN A C     1 
ATOM   462  O  O     . GLN A 1 59  ? 4.641   10.481  -5.602  1.00 12.36 ? 53   GLN A O     1 
ATOM   463  C  CB    . GLN A 1 59  ? 4.040   12.768  -7.954  1.00 12.84 ? 53   GLN A CB    1 
ATOM   464  C  CG    . GLN A 1 59  ? 4.734   11.539  -8.707  1.00 12.80 ? 53   GLN A CG    1 
ATOM   465  C  CD    . GLN A 1 59  ? 6.246   11.611  -8.621  1.00 13.94 ? 53   GLN A CD    1 
ATOM   466  O  OE1   . GLN A 1 59  ? 6.845   12.589  -9.033  1.00 16.24 ? 53   GLN A OE1   1 
ATOM   467  N  NE2   . GLN A 1 59  ? 6.891   10.561  -8.058  1.00 15.50 ? 53   GLN A NE2   1 
ATOM   468  N  N     . VAL A 1 60  ? 5.667   12.465  -5.250  1.00 12.90 ? 54   VAL A N     1 
ATOM   469  C  CA    . VAL A 1 60  ? 6.757   11.829  -4.537  1.00 10.80 ? 54   VAL A CA    1 
ATOM   470  C  C     . VAL A 1 60  ? 6.206   11.146  -3.268  1.00 11.94 ? 54   VAL A C     1 
ATOM   471  O  O     . VAL A 1 60  ? 6.660   10.102  -2.903  1.00 12.72 ? 54   VAL A O     1 
ATOM   472  C  CB    . VAL A 1 60  ? 7.822   12.855  -4.186  1.00 11.95 ? 54   VAL A CB    1 
ATOM   473  C  CG1   . VAL A 1 60  ? 8.848   12.279  -3.216  1.00 7.46  ? 54   VAL A CG1   1 
ATOM   474  C  CG2   . VAL A 1 60  ? 8.499   13.382  -5.476  1.00 9.26  ? 54   VAL A CG2   1 
ATOM   475  N  N     . ASN A 1 61  ? 5.237   11.763  -2.591  1.00 11.98 ? 55   ASN A N     1 
ATOM   476  C  CA    . ASN A 1 61  ? 4.678   11.174  -1.373  1.00 12.46 ? 55   ASN A CA    1 
ATOM   477  C  C     . ASN A 1 61  ? 3.992   9.861   -1.680  1.00 11.37 ? 55   ASN A C     1 
ATOM   478  O  O     . ASN A 1 61  ? 4.188   8.870   -0.965  1.00 11.95 ? 55   ASN A O     1 
ATOM   479  C  CB    . ASN A 1 61  ? 3.714   12.160  -0.635  1.00 9.74  ? 55   ASN A CB    1 
ATOM   480  C  CG    . ASN A 1 61  ? 3.265   11.654  0.733   1.00 13.90 ? 55   ASN A CG    1 
ATOM   481  O  OD1   . ASN A 1 61  ? 2.405   10.748  0.825   1.00 15.04 ? 55   ASN A OD1   1 
ATOM   482  N  ND2   . ASN A 1 61  ? 3.895   12.176  1.820   1.00 6.77  ? 55   ASN A ND2   1 
ATOM   483  N  N     . CYS A 1 62  ? 3.149   9.863   -2.726  1.00 11.84 ? 56   CYS A N     1 
ATOM   484  C  CA    . CYS A 1 62  ? 2.477   8.625   -3.136  1.00 12.82 ? 56   CYS A CA    1 
ATOM   485  C  C     . CYS A 1 62  ? 3.525   7.557   -3.486  1.00 11.89 ? 56   CYS A C     1 
ATOM   486  O  O     . CYS A 1 62  ? 3.362   6.412   -3.117  1.00 9.84  ? 56   CYS A O     1 
ATOM   487  C  CB    . CYS A 1 62  ? 1.495   8.864   -4.308  1.00 11.54 ? 56   CYS A CB    1 
ATOM   488  S  SG    . CYS A 1 62  ? 0.123   9.951   -3.847  1.00 18.21 ? 56   CYS A SG    1 
ATOM   489  N  N     . SER A 1 63  ? 4.580   7.937   -4.216  1.00 12.11 ? 57   SER A N     1 
ATOM   490  C  CA    . SER A 1 63  ? 5.622   6.974   -4.629  1.00 13.22 ? 57   SER A CA    1 
ATOM   491  C  C     . SER A 1 63  ? 6.338   6.417   -3.401  1.00 14.26 ? 57   SER A C     1 
ATOM   492  O  O     . SER A 1 63  ? 6.695   5.262   -3.398  1.00 12.95 ? 57   SER A O     1 
ATOM   493  C  CB    . SER A 1 63  ? 6.713   7.590   -5.530  1.00 13.25 ? 57   SER A CB    1 
ATOM   494  O  OG    . SER A 1 63  ? 6.148   8.071   -6.711  1.00 17.22 ? 57   SER A OG    1 
ATOM   495  N  N     . GLU A 1 64  ? 6.598   7.232   -2.368  1.00 15.19 ? 58   GLU A N     1 
ATOM   496  C  CA    . GLU A 1 64  ? 7.322   6.610   -1.251  1.00 15.85 ? 58   GLU A CA    1 
ATOM   497  C  C     . GLU A 1 64  ? 6.496   5.688   -0.379  1.00 15.55 ? 58   GLU A C     1 
ATOM   498  O  O     . GLU A 1 64  ? 7.076   4.758   0.204   1.00 13.27 ? 58   GLU A O     1 
ATOM   499  C  CB    . GLU A 1 64  ? 8.095   7.614   -0.420  1.00 18.23 ? 58   GLU A CB    1 
ATOM   500  C  CG    . GLU A 1 64  ? 7.264   8.399   0.432   1.00 19.53 ? 58   GLU A CG    1 
ATOM   501  C  CD    . GLU A 1 64  ? 8.032   9.651   1.009   1.00 24.35 ? 58   GLU A CD    1 
ATOM   502  O  OE1   . GLU A 1 64  ? 9.238   9.838   0.729   1.00 22.29 ? 58   GLU A OE1   1 
ATOM   503  O  OE2   . GLU A 1 64  ? 7.366   10.458  1.676   1.00 19.32 ? 58   GLU A OE2   1 
ATOM   504  N  N     . TYR A 1 65  ? 5.159   5.882   -0.338  1.00 13.72 ? 59   TYR A N     1 
ATOM   505  C  CA    . TYR A 1 65  ? 4.293   4.924   0.351   1.00 13.56 ? 59   TYR A CA    1 
ATOM   506  C  C     . TYR A 1 65  ? 3.893   3.734   -0.497  1.00 13.24 ? 59   TYR A C     1 
ATOM   507  O  O     . TYR A 1 65  ? 3.391   2.745   0.027   1.00 11.08 ? 59   TYR A O     1 
ATOM   508  C  CB    . TYR A 1 65  ? 3.012   5.575   0.900   1.00 14.18 ? 59   TYR A CB    1 
ATOM   509  C  CG    . TYR A 1 65  ? 3.227   6.449   2.149   1.00 15.13 ? 59   TYR A CG    1 
ATOM   510  C  CD1   . TYR A 1 65  ? 3.011   5.919   3.449   1.00 16.03 ? 59   TYR A CD1   1 
ATOM   511  C  CD2   . TYR A 1 65  ? 3.665   7.779   2.043   1.00 12.40 ? 59   TYR A CD2   1 
ATOM   512  C  CE1   . TYR A 1 65  ? 3.226   6.710   4.618   1.00 15.15 ? 59   TYR A CE1   1 
ATOM   513  C  CE2   . TYR A 1 65  ? 3.850   8.561   3.173   1.00 11.76 ? 59   TYR A CE2   1 
ATOM   514  C  CZ    . TYR A 1 65  ? 3.574   8.058   4.433   1.00 15.61 ? 59   TYR A CZ    1 
ATOM   515  O  OH    . TYR A 1 65  ? 3.764   8.851   5.525   1.00 15.78 ? 59   TYR A OH    1 
ATOM   516  N  N     . PHE A 1 66  ? 4.052   3.845   -1.810  1.00 13.07 ? 60   PHE A N     1 
ATOM   517  C  CA    . PHE A 1 66  ? 3.699   2.763   -2.706  1.00 13.02 ? 60   PHE A CA    1 
ATOM   518  C  C     . PHE A 1 66  ? 4.266   1.356   -2.344  1.00 13.07 ? 60   PHE A C     1 
ATOM   519  O  O     . PHE A 1 66  ? 3.519   0.405   -2.389  1.00 13.53 ? 60   PHE A O     1 
ATOM   520  C  CB    . PHE A 1 66  ? 3.891   3.159   -4.208  1.00 13.22 ? 60   PHE A CB    1 
ATOM   521  C  CG    . PHE A 1 66  ? 3.265   2.193   -5.213  1.00 11.22 ? 60   PHE A CG    1 
ATOM   522  C  CD1   . PHE A 1 66  ? 1.871   1.964   -5.235  1.00 17.34 ? 60   PHE A CD1   1 
ATOM   523  C  CD2   . PHE A 1 66  ? 4.045   1.536   -6.118  1.00 13.00 ? 60   PHE A CD2   1 
ATOM   524  C  CE1   . PHE A 1 66  ? 1.289   1.090   -6.150  1.00 12.55 ? 60   PHE A CE1   1 
ATOM   525  C  CE2   . PHE A 1 66  ? 3.442   0.591   -7.042  1.00 14.53 ? 60   PHE A CE2   1 
ATOM   526  C  CZ    . PHE A 1 66  ? 2.099   0.441   -7.060  1.00 12.20 ? 60   PHE A CZ    1 
ATOM   527  N  N     . PRO A 1 67  ? 5.598   1.204   -2.073  1.00 14.18 ? 61   PRO A N     1 
ATOM   528  C  CA    . PRO A 1 67  ? 6.023   -0.145  -1.670  1.00 13.05 ? 61   PRO A CA    1 
ATOM   529  C  C     . PRO A 1 67  ? 5.465   -0.625  -0.327  1.00 14.93 ? 61   PRO A C     1 
ATOM   530  O  O     . PRO A 1 67  ? 5.429   -1.818  -0.117  1.00 14.83 ? 61   PRO A O     1 
ATOM   531  C  CB    . PRO A 1 67  ? 7.575   -0.041  -1.542  1.00 12.70 ? 61   PRO A CB    1 
ATOM   532  C  CG    . PRO A 1 67  ? 7.915   1.255   -2.316  1.00 12.61 ? 61   PRO A CG    1 
ATOM   533  C  CD    . PRO A 1 67  ? 6.740   2.164   -2.196  1.00 10.04 ? 61   PRO A CD    1 
ATOM   534  N  N     . LEU A 1 68  ? 5.107   0.291   0.595   1.00 15.61 ? 62   LEU A N     1 
ATOM   535  C  CA    . LEU A 1 68  ? 4.548   -0.122  1.855   1.00 15.15 ? 62   LEU A CA    1 
ATOM   536  C  C     . LEU A 1 68  ? 3.181   -0.695  1.546   1.00 15.52 ? 62   LEU A C     1 
ATOM   537  O  O     . LEU A 1 68  ? 2.760   -1.703  2.104   1.00 13.51 ? 62   LEU A O     1 
ATOM   538  C  CB    . LEU A 1 68  ? 4.408   1.087   2.760   1.00 15.98 ? 62   LEU A CB    1 
ATOM   539  C  CG    . LEU A 1 68  ? 5.617   1.545   3.526   1.00 18.01 ? 62   LEU A CG    1 
ATOM   540  C  CD1   . LEU A 1 68  ? 6.989   1.358   2.887   1.00 19.31 ? 62   LEU A CD1   1 
ATOM   541  C  CD2   . LEU A 1 68  ? 5.367   2.925   4.076   1.00 20.44 ? 62   LEU A CD2   1 
ATOM   542  N  N     . PHE A 1 69  ? 2.445   -0.024  0.662   1.00 13.75 ? 63   PHE A N     1 
ATOM   543  C  CA    . PHE A 1 69  ? 1.173   -0.531  0.310   1.00 14.28 ? 63   PHE A CA    1 
ATOM   544  C  C     . PHE A 1 69  ? 1.273   -1.946  -0.345  1.00 14.58 ? 63   PHE A C     1 
ATOM   545  O  O     . PHE A 1 69  ? 0.509   -2.819  -0.015  1.00 14.07 ? 63   PHE A O     1 
ATOM   546  C  CB    . PHE A 1 69  ? 0.465   0.493   -0.586  1.00 14.43 ? 63   PHE A CB    1 
ATOM   547  C  CG    . PHE A 1 69  ? -0.600  -0.112  -1.496  1.00 18.25 ? 63   PHE A CG    1 
ATOM   548  C  CD1   . PHE A 1 69  ? -1.820  -0.559  -0.981  1.00 19.16 ? 63   PHE A CD1   1 
ATOM   549  C  CD2   . PHE A 1 69  ? -0.375  -0.199  -2.874  1.00 17.50 ? 63   PHE A CD2   1 
ATOM   550  C  CE1   . PHE A 1 69  ? -2.838  -1.085  -1.866  1.00 17.16 ? 63   PHE A CE1   1 
ATOM   551  C  CE2   . PHE A 1 69  ? -1.371  -0.761  -3.732  1.00 22.75 ? 63   PHE A CE2   1 
ATOM   552  C  CZ    . PHE A 1 69  ? -2.583  -1.152  -3.220  1.00 15.03 ? 63   PHE A CZ    1 
ATOM   553  N  N     . LEU A 1 70  ? 2.143   -2.120  -1.341  1.00 14.45 ? 64   LEU A N     1 
ATOM   554  C  CA    . LEU A 1 70  ? 2.294   -3.417  -2.037  1.00 15.20 ? 64   LEU A CA    1 
ATOM   555  C  C     . LEU A 1 70  ? 2.673   -4.499  -1.056  1.00 13.47 ? 64   LEU A C     1 
ATOM   556  O  O     . LEU A 1 70  ? 2.123   -5.584  -1.110  1.00 14.28 ? 64   LEU A O     1 
ATOM   557  C  CB    . LEU A 1 70  ? 3.375   -3.346  -3.133  1.00 15.87 ? 64   LEU A CB    1 
ATOM   558  C  CG    . LEU A 1 70  ? 2.964   -2.524  -4.371  1.00 22.75 ? 64   LEU A CG    1 
ATOM   559  C  CD1   . LEU A 1 70  ? 3.872   -2.774  -5.523  1.00 27.77 ? 64   LEU A CD1   1 
ATOM   560  C  CD2   . LEU A 1 70  ? 1.518   -2.849  -4.826  1.00 22.63 ? 64   LEU A CD2   1 
ATOM   561  N  N     . ALA A 1 71  ? 3.632   -4.216  -0.189  1.00 12.85 ? 65   ALA A N     1 
ATOM   562  C  CA    . ALA A 1 71  ? 4.130   -5.247  0.743   1.00 13.24 ? 65   ALA A CA    1 
ATOM   563  C  C     . ALA A 1 71  ? 3.009   -5.751  1.616   1.00 13.87 ? 65   ALA A C     1 
ATOM   564  O  O     . ALA A 1 71  ? 2.806   -6.998  1.803   1.00 12.95 ? 65   ALA A O     1 
ATOM   565  C  CB    . ALA A 1 71  ? 5.257   -4.682  1.619   1.00 10.80 ? 65   ALA A CB    1 
ATOM   566  N  N     . THR A 1 72  ? 2.263   -4.775  2.145   1.00 12.63 ? 66   THR A N     1 
ATOM   567  C  CA    A THR A 1 72  ? 1.243   -5.020  3.138   0.50 13.55 ? 66   THR A CA    1 
ATOM   568  C  CA    B THR A 1 72  ? 1.264   -5.134  3.128   0.50 13.85 ? 66   THR A CA    1 
ATOM   569  C  C     . THR A 1 72  ? -0.013  -5.733  2.509   1.00 14.13 ? 66   THR A C     1 
ATOM   570  O  O     . THR A 1 72  ? -0.584  -6.666  3.057   1.00 14.63 ? 66   THR A O     1 
ATOM   571  C  CB    A THR A 1 72  ? 0.924   -3.642  3.822   0.50 12.60 ? 66   THR A CB    1 
ATOM   572  C  CB    B THR A 1 72  ? 0.940   -3.998  4.108   0.50 13.34 ? 66   THR A CB    1 
ATOM   573  O  OG1   A THR A 1 72  ? 2.064   -3.183  4.574   0.50 8.39  ? 66   THR A OG1   1 
ATOM   574  O  OG1   B THR A 1 72  ? 0.182   -4.570  5.172   0.50 15.39 ? 66   THR A OG1   1 
ATOM   575  C  CG2   A THR A 1 72  ? -0.221  -3.760  4.729   0.50 14.87 ? 66   THR A CG2   1 
ATOM   576  C  CG2   B THR A 1 72  ? 0.097   -2.932  3.455   0.50 10.32 ? 66   THR A CG2   1 
ATOM   577  N  N     . LEU A 1 73  ? -0.424  -5.242  1.350   1.00 14.49 ? 67   LEU A N     1 
ATOM   578  C  CA    . LEU A 1 73  ? -1.434  -5.881  0.484   1.00 12.69 ? 67   LEU A CA    1 
ATOM   579  C  C     . LEU A 1 73  ? -1.184  -7.398  0.302   1.00 14.47 ? 67   LEU A C     1 
ATOM   580  O  O     . LEU A 1 73  ? -2.114  -8.212  0.489   1.00 13.40 ? 67   LEU A O     1 
ATOM   581  C  CB    . LEU A 1 73  ? -1.459  -5.167  -0.893  1.00 13.54 ? 67   LEU A CB    1 
ATOM   582  C  CG    . LEU A 1 73  ? -2.384  -5.746  -1.964  1.00 8.83  ? 67   LEU A CG    1 
ATOM   583  C  CD1   . LEU A 1 73  ? -3.910  -5.489  -1.509  1.00 7.51  ? 67   LEU A CD1   1 
ATOM   584  C  CD2   . LEU A 1 73  ? -2.107  -5.187  -3.385  1.00 12.44 ? 67   LEU A CD2   1 
ATOM   585  N  N     . TRP A 1 74  ? 0.028   -7.753  -0.131  1.00 12.00 ? 68   TRP A N     1 
ATOM   586  C  CA    . TRP A 1 74  ? 0.380   -9.118  -0.436  1.00 13.04 ? 68   TRP A CA    1 
ATOM   587  C  C     . TRP A 1 74  ? 0.442   -9.970  0.833   1.00 12.25 ? 68   TRP A C     1 
ATOM   588  O  O     . TRP A 1 74  ? -0.070  -11.070 0.827   1.00 12.94 ? 68   TRP A O     1 
ATOM   589  C  CB    . TRP A 1 74  ? 1.690   -9.178  -1.278  1.00 10.77 ? 68   TRP A CB    1 
ATOM   590  C  CG    . TRP A 1 74  ? 1.346   -8.883  -2.732  1.00 13.93 ? 68   TRP A CG    1 
ATOM   591  C  CD1   . TRP A 1 74  ? 1.292   -7.628  -3.364  1.00 12.43 ? 68   TRP A CD1   1 
ATOM   592  C  CD2   . TRP A 1 74  ? 0.969   -9.844  -3.729  1.00 11.94 ? 68   TRP A CD2   1 
ATOM   593  N  NE1   . TRP A 1 74  ? 0.883   -7.786  -4.665  1.00 9.53  ? 68   TRP A NE1   1 
ATOM   594  C  CE2   . TRP A 1 74  ? 0.706   -9.128  -4.922  1.00 12.27 ? 68   TRP A CE2   1 
ATOM   595  C  CE3   . TRP A 1 74  ? 0.840   -11.254 -3.729  1.00 16.53 ? 68   TRP A CE3   1 
ATOM   596  C  CZ2   . TRP A 1 74  ? 0.310   -9.768  -6.104  1.00 11.78 ? 68   TRP A CZ2   1 
ATOM   597  C  CZ3   . TRP A 1 74  ? 0.475   -11.872 -4.875  1.00 15.09 ? 68   TRP A CZ3   1 
ATOM   598  C  CH2   . TRP A 1 74  ? 0.194   -11.112 -6.085  1.00 11.03 ? 68   TRP A CH2   1 
ATOM   599  N  N     . VAL A 1 75  ? 1.050   -9.449  1.906   1.00 11.26 ? 69   VAL A N     1 
ATOM   600  C  CA    . VAL A 1 75  ? 1.114   -10.196 3.139   1.00 10.51 ? 69   VAL A CA    1 
ATOM   601  C  C     . VAL A 1 75  ? -0.296  -10.358 3.721   1.00 11.73 ? 69   VAL A C     1 
ATOM   602  O  O     . VAL A 1 75  ? -0.643  -11.423 4.120   1.00 11.65 ? 69   VAL A O     1 
ATOM   603  C  CB    . VAL A 1 75  ? 2.105   -9.578  4.187   1.00 10.37 ? 69   VAL A CB    1 
ATOM   604  C  CG1   . VAL A 1 75  ? 2.003   -10.418 5.505   1.00 7.69  ? 69   VAL A CG1   1 
ATOM   605  C  CG2   . VAL A 1 75  ? 3.605   -9.669  3.638   1.00 9.36  ? 69   VAL A CG2   1 
ATOM   606  N  N     . ALA A 1 76  ? -1.113  -9.291  3.774   1.00 11.50 ? 70   ALA A N     1 
ATOM   607  C  CA    . ALA A 1 76  ? -2.487  -9.445  4.281   1.00 11.42 ? 70   ALA A CA    1 
ATOM   608  C  C     . ALA A 1 76  ? -3.297  -10.388 3.384   1.00 12.67 ? 70   ALA A C     1 
ATOM   609  O  O     . ALA A 1 76  ? -4.108  -11.187 3.902   1.00 11.04 ? 70   ALA A O     1 
ATOM   610  C  CB    . ALA A 1 76  ? -3.253  -8.071  4.406   1.00 10.19 ? 70   ALA A CB    1 
ATOM   611  N  N     . GLY A 1 77  ? -3.140  -10.261 2.066   1.00 12.51 ? 71   GLY A N     1 
ATOM   612  C  CA    . GLY A 1 77  ? -3.914  -11.078 1.159   1.00 13.85 ? 71   GLY A CA    1 
ATOM   613  C  C     . GLY A 1 77  ? -3.546  -12.547 1.248   1.00 14.72 ? 71   GLY A C     1 
ATOM   614  O  O     . GLY A 1 77  ? -4.380  -13.375 1.046   1.00 15.04 ? 71   GLY A O     1 
ATOM   615  N  N     . ILE A 1 78  ? -2.288  -12.875 1.486   1.00 15.76 ? 72   ILE A N     1 
ATOM   616  C  CA    . ILE A 1 78  ? -1.882  -14.301 1.606   1.00 15.94 ? 72   ILE A CA    1 
ATOM   617  C  C     . ILE A 1 78  ? -2.187  -14.948 2.973   1.00 16.58 ? 72   ILE A C     1 
ATOM   618  O  O     . ILE A 1 78  ? -2.606  -16.082 3.055   1.00 17.07 ? 72   ILE A O     1 
ATOM   619  C  CB    . ILE A 1 78  ? -0.401  -14.456 1.190   1.00 17.01 ? 72   ILE A CB    1 
ATOM   620  C  CG1   . ILE A 1 78  ? -0.374  -14.284 -0.326  1.00 20.65 ? 72   ILE A CG1   1 
ATOM   621  C  CG2   . ILE A 1 78  ? 0.174   -15.859 1.525   1.00 15.51 ? 72   ILE A CG2   1 
ATOM   622  C  CD1   . ILE A 1 78  ? 0.966   -13.885 -0.814  1.00 25.78 ? 72   ILE A CD1   1 
ATOM   623  N  N     . PHE A 1 79  ? -2.006  -14.187 4.053   1.00 16.25 ? 73   PHE A N     1 
ATOM   624  C  CA    . PHE A 1 79  ? -2.011  -14.726 5.409   1.00 13.94 ? 73   PHE A CA    1 
ATOM   625  C  C     . PHE A 1 79  ? -3.358  -14.432 6.048   1.00 13.02 ? 73   PHE A C     1 
ATOM   626  O  O     . PHE A 1 79  ? -3.726  -15.104 7.029   1.00 12.63 ? 73   PHE A O     1 
ATOM   627  C  CB    . PHE A 1 79  ? -0.784  -14.212 6.239   1.00 12.32 ? 73   PHE A CB    1 
ATOM   628  C  CG    . PHE A 1 79  ? 0.506   -14.919 5.886   1.00 15.58 ? 73   PHE A CG    1 
ATOM   629  C  CD1   . PHE A 1 79  ? 0.881   -16.140 6.534   1.00 13.34 ? 73   PHE A CD1   1 
ATOM   630  C  CD2   . PHE A 1 79  ? 1.295   -14.432 4.843   1.00 12.49 ? 73   PHE A CD2   1 
ATOM   631  C  CE1   . PHE A 1 79  ? 2.088   -16.818 6.146   1.00 14.64 ? 73   PHE A CE1   1 
ATOM   632  C  CE2   . PHE A 1 79  ? 2.408   -15.066 4.445   1.00 13.67 ? 73   PHE A CE2   1 
ATOM   633  C  CZ    . PHE A 1 79  ? 2.852   -16.270 5.051   1.00 10.84 ? 73   PHE A CZ    1 
ATOM   634  N  N     . PHE A 1 80  ? -4.125  -13.483 5.530   1.00 10.90 ? 74   PHE A N     1 
ATOM   635  C  CA    . PHE A 1 80  ? -5.378  -13.180 6.267   1.00 11.36 ? 74   PHE A CA    1 
ATOM   636  C  C     . PHE A 1 80  ? -6.586  -13.558 5.387   1.00 13.78 ? 74   PHE A C     1 
ATOM   637  O  O     . PHE A 1 80  ? -7.297  -14.516 5.698   1.00 13.01 ? 74   PHE A O     1 
ATOM   638  C  CB    . PHE A 1 80  ? -5.473  -11.724 6.830   1.00 11.30 ? 74   PHE A CB    1 
ATOM   639  C  CG    . PHE A 1 80  ? -6.795  -11.457 7.562   1.00 11.70 ? 74   PHE A CG    1 
ATOM   640  C  CD1   . PHE A 1 80  ? -6.932  -11.716 8.924   1.00 10.85 ? 74   PHE A CD1   1 
ATOM   641  C  CD2   . PHE A 1 80  ? -7.923  -11.060 6.869   1.00 16.36 ? 74   PHE A CD2   1 
ATOM   642  C  CE1   . PHE A 1 80  ? -8.167  -11.516 9.631   1.00 12.62 ? 74   PHE A CE1   1 
ATOM   643  C  CE2   . PHE A 1 80  ? -9.197  -10.900 7.550   1.00 15.01 ? 74   PHE A CE2   1 
ATOM   644  C  CZ    . PHE A 1 80  ? -9.301  -11.159 8.936   1.00 11.26 ? 74   PHE A CZ    1 
ATOM   645  N  N     . HIS A 1 81  ? -6.797  -12.877 4.250   1.00 13.91 ? 75   HIS A N     1 
ATOM   646  C  CA    . HIS A 1 81  ? -7.975  -13.147 3.390   1.00 13.91 ? 75   HIS A CA    1 
ATOM   647  C  C     . HIS A 1 81  ? -7.767  -12.270 2.158   1.00 14.40 ? 75   HIS A C     1 
ATOM   648  O  O     . HIS A 1 81  ? -7.603  -11.058 2.291   1.00 14.22 ? 75   HIS A O     1 
ATOM   649  C  CB    . HIS A 1 81  ? -9.274  -12.695 4.082   1.00 13.67 ? 75   HIS A CB    1 
ATOM   650  C  CG    . HIS A 1 81  ? -10.524 -13.013 3.317   1.00 12.20 ? 75   HIS A CG    1 
ATOM   651  N  ND1   . HIS A 1 81  ? -11.075 -12.138 2.415   1.00 11.93 ? 75   HIS A ND1   1 
ATOM   652  C  CD2   . HIS A 1 81  ? -11.350 -14.091 3.347   1.00 10.73 ? 75   HIS A CD2   1 
ATOM   653  C  CE1   . HIS A 1 81  ? -12.176 -12.659 1.904   1.00 13.03 ? 75   HIS A CE1   1 
ATOM   654  N  NE2   . HIS A 1 81  ? -12.353 -13.857 2.437   1.00 10.22 ? 75   HIS A NE2   1 
ATOM   655  N  N     . GLU A 1 82  ? -7.810  -12.871 0.975   1.00 13.47 ? 76   GLU A N     1 
ATOM   656  C  CA    . GLU A 1 82  ? -7.575  -12.146 -0.284  1.00 15.28 ? 76   GLU A CA    1 
ATOM   657  C  C     . GLU A 1 82  ? -8.569  -11.042 -0.615  1.00 14.98 ? 76   GLU A C     1 
ATOM   658  O  O     . GLU A 1 82  ? -8.140  -9.984  -0.992  1.00 17.45 ? 76   GLU A O     1 
ATOM   659  C  CB    . GLU A 1 82  ? -7.384  -13.128 -1.489  1.00 13.94 ? 76   GLU A CB    1 
ATOM   660  C  CG    . GLU A 1 82  ? -6.685  -12.406 -2.631  1.00 16.66 ? 76   GLU A CG    1 
ATOM   661  C  CD    . GLU A 1 82  ? -6.944  -12.989 -4.027  1.00 19.99 ? 76   GLU A CD    1 
ATOM   662  O  OE1   . GLU A 1 82  ? -7.797  -13.850 -4.194  1.00 23.00 ? 76   GLU A OE1   1 
ATOM   663  O  OE2   . GLU A 1 82  ? -6.298  -12.577 -5.004  1.00 20.47 ? 76   GLU A OE2   1 
ATOM   664  N  N     . GLY A 1 83  ? -9.885  -11.276 -0.515  1.00 14.20 ? 77   GLY A N     1 
ATOM   665  C  CA    . GLY A 1 83  ? -10.896 -10.291 -0.804  1.00 12.60 ? 77   GLY A CA    1 
ATOM   666  C  C     . GLY A 1 83  ? -10.852 -9.100  0.110   1.00 14.63 ? 77   GLY A C     1 
ATOM   667  O  O     . GLY A 1 83  ? -11.003 -7.933  -0.331  1.00 13.52 ? 77   GLY A O     1 
ATOM   668  N  N     . ALA A 1 84  ? -10.660 -9.346  1.402   1.00 14.71 ? 78   ALA A N     1 
ATOM   669  C  CA    . ALA A 1 84  ? -10.530 -8.252  2.366   1.00 13.75 ? 78   ALA A CA    1 
ATOM   670  C  C     . ALA A 1 84  ? -9.369  -7.350  2.063   1.00 13.82 ? 78   ALA A C     1 
ATOM   671  O  O     . ALA A 1 84  ? -9.478  -6.061  2.149   1.00 14.20 ? 78   ALA A O     1 
ATOM   672  C  CB    . ALA A 1 84  ? -10.423 -8.808  3.850   1.00 13.00 ? 78   ALA A CB    1 
ATOM   673  N  N     . ALA A 1 85  ? -8.234  -7.972  1.744   1.00 14.04 ? 79   ALA A N     1 
ATOM   674  C  CA    . ALA A 1 85  ? -7.008  -7.210  1.518   1.00 12.36 ? 79   ALA A CA    1 
ATOM   675  C  C     . ALA A 1 85  ? -7.167  -6.365  0.252   1.00 13.04 ? 79   ALA A C     1 
ATOM   676  O  O     . ALA A 1 85  ? -6.834  -5.158  0.241   1.00 13.24 ? 79   ALA A O     1 
ATOM   677  C  CB    . ALA A 1 85  ? -5.795  -8.115  1.386   1.00 9.24  ? 79   ALA A CB    1 
ATOM   678  N  N     . ALA A 1 86  ? -7.706  -6.992  -0.802  1.00 13.27 ? 80   ALA A N     1 
ATOM   679  C  CA    . ALA A 1 86  ? -7.950  -6.336  -2.096  1.00 11.95 ? 80   ALA A CA    1 
ATOM   680  C  C     . ALA A 1 86  ? -8.887  -5.148  -1.929  1.00 13.89 ? 80   ALA A C     1 
ATOM   681  O  O     . ALA A 1 86  ? -8.624  -4.070  -2.458  1.00 13.84 ? 80   ALA A O     1 
ATOM   682  C  CB    . ALA A 1 86  ? -8.551  -7.296  -3.098  1.00 10.13 ? 80   ALA A CB    1 
ATOM   683  N  N     . LEU A 1 87  ? -9.946  -5.345  -1.157  1.00 14.77 ? 81   LEU A N     1 
ATOM   684  C  CA    . LEU A 1 87  ? -10.897 -4.295  -0.847  1.00 16.92 ? 81   LEU A CA    1 
ATOM   685  C  C     . LEU A 1 87  ? -10.252 -3.114  -0.076  1.00 15.28 ? 81   LEU A C     1 
ATOM   686  O  O     . LEU A 1 87  ? -10.465 -1.989  -0.440  1.00 13.83 ? 81   LEU A O     1 
ATOM   687  C  CB    . LEU A 1 87  ? -11.950 -4.905  0.042   1.00 17.72 ? 81   LEU A CB    1 
ATOM   688  C  CG    . LEU A 1 87  ? -13.409 -4.571  -0.102  1.00 26.70 ? 81   LEU A CG    1 
ATOM   689  C  CD1   . LEU A 1 87  ? -13.749 -4.097  -1.586  1.00 30.82 ? 81   LEU A CD1   1 
ATOM   690  C  CD2   . LEU A 1 87  ? -14.173 -5.912  0.336   1.00 31.30 ? 81   LEU A CD2   1 
ATOM   691  N  N     . CYS A 1 88  ? -9.530  -3.373  1.026   1.00 15.11 ? 82   CYS A N     1 
ATOM   692  C  CA    . CYS A 1 88  ? -8.719  -2.294  1.665   1.00 16.94 ? 82   CYS A CA    1 
ATOM   693  C  C     . CYS A 1 88  ? -7.753  -1.609  0.707   1.00 16.03 ? 82   CYS A C     1 
ATOM   694  O  O     . CYS A 1 88  ? -7.489  -0.399  0.855   1.00 16.87 ? 82   CYS A O     1 
ATOM   695  C  CB    . CYS A 1 88  ? -7.917  -2.708  2.917   1.00 16.28 ? 82   CYS A CB    1 
ATOM   696  S  SG    . CYS A 1 88  ? -8.814  -3.554  4.135   1.00 23.74 ? 82   CYS A SG    1 
ATOM   697  N  N     . GLY A 1 89  ? -7.167  -2.411  -0.191  1.00 16.23 ? 83   GLY A N     1 
ATOM   698  C  CA    . GLY A 1 89  ? -6.350  -1.927  -1.277  1.00 14.48 ? 83   GLY A CA    1 
ATOM   699  C  C     . GLY A 1 89  ? -6.974  -0.880  -2.200  1.00 14.60 ? 83   GLY A C     1 
ATOM   700  O  O     . GLY A 1 89  ? -6.353  0.167   -2.470  1.00 13.92 ? 83   GLY A O     1 
ATOM   701  N  N     . LEU A 1 90  ? -8.197  -1.143  -2.675  1.00 14.89 ? 84   LEU A N     1 
ATOM   702  C  CA    . LEU A 1 90  ? -8.924  -0.211  -3.472  1.00 15.09 ? 84   LEU A CA    1 
ATOM   703  C  C     . LEU A 1 90  ? -9.222  1.027   -2.704  1.00 14.51 ? 84   LEU A C     1 
ATOM   704  O  O     . LEU A 1 90  ? -9.068  2.124   -3.247  1.00 13.34 ? 84   LEU A O     1 
ATOM   705  C  CB    . LEU A 1 90  ? -10.278 -0.755  -3.892  1.00 16.29 ? 84   LEU A CB    1 
ATOM   706  C  CG    . LEU A 1 90  ? -10.182 -1.935  -4.872  1.00 17.97 ? 84   LEU A CG    1 
ATOM   707  C  CD1   . LEU A 1 90  ? -11.615 -2.455  -5.093  1.00 20.25 ? 84   LEU A CD1   1 
ATOM   708  C  CD2   . LEU A 1 90  ? -9.487  -1.399  -6.229  1.00 18.58 ? 84   LEU A CD2   1 
ATOM   709  N  N     . VAL A 1 91  ? -9.689  0.856   -1.477  1.00 12.53 ? 85   VAL A N     1 
ATOM   710  C  CA    . VAL A 1 91  ? -9.957  2.034   -0.613  1.00 13.74 ? 85   VAL A CA    1 
ATOM   711  C  C     . VAL A 1 91  ? -8.692  2.927   -0.428  1.00 12.69 ? 85   VAL A C     1 
ATOM   712  O  O     . VAL A 1 91  ? -8.802  4.133   -0.557  1.00 11.34 ? 85   VAL A O     1 
ATOM   713  C  CB    . VAL A 1 91  ? -10.552 1.649   0.810   1.00 13.07 ? 85   VAL A CB    1 
ATOM   714  C  CG1   . VAL A 1 91  ? -10.561 2.917   1.770   1.00 15.53 ? 85   VAL A CG1   1 
ATOM   715  C  CG2   . VAL A 1 91  ? -11.908 1.058   0.632   1.00 14.98 ? 85   VAL A CG2   1 
ATOM   716  N  N     . TYR A 1 92  ? -7.522  2.310   -0.158  1.00 11.34 ? 86   TYR A N     1 
ATOM   717  C  CA    . TYR A 1 92  ? -6.252  3.026   -0.076  1.00 11.49 ? 86   TYR A CA    1 
ATOM   718  C  C     . TYR A 1 92  ? -5.941  3.759   -1.387  1.00 12.33 ? 86   TYR A C     1 
ATOM   719  O  O     . TYR A 1 92  ? -5.572  4.927   -1.377  1.00 13.31 ? 86   TYR A O     1 
ATOM   720  C  CB    . TYR A 1 92  ? -5.099  2.037   0.312   1.00 10.90 ? 86   TYR A CB    1 
ATOM   721  C  CG    . TYR A 1 92  ? -3.752  2.672   0.219   1.00 11.85 ? 86   TYR A CG    1 
ATOM   722  C  CD1   . TYR A 1 92  ? -3.252  3.424   1.282   1.00 11.77 ? 86   TYR A CD1   1 
ATOM   723  C  CD2   . TYR A 1 92  ? -3.039  2.669   -0.994  1.00 7.03  ? 86   TYR A CD2   1 
ATOM   724  C  CE1   . TYR A 1 92  ? -1.998  4.080   1.178   1.00 12.10 ? 86   TYR A CE1   1 
ATOM   725  C  CE2   . TYR A 1 92  ? -1.838  3.302   -1.085  1.00 13.31 ? 86   TYR A CE2   1 
ATOM   726  C  CZ    . TYR A 1 92  ? -1.307  3.989   0.017   1.00 14.05 ? 86   TYR A CZ    1 
ATOM   727  O  OH    . TYR A 1 92  ? -0.102  4.668   -0.107  1.00 14.10 ? 86   TYR A OH    1 
ATOM   728  N  N     . LEU A 1 93  ? -6.102  3.096   -2.536  1.00 13.85 ? 87   LEU A N     1 
ATOM   729  C  CA    . LEU A 1 93  ? -5.771  3.719   -3.806  1.00 13.13 ? 87   LEU A CA    1 
ATOM   730  C  C     . LEU A 1 93  ? -6.716  4.882   -4.195  1.00 13.61 ? 87   LEU A C     1 
ATOM   731  O  O     . LEU A 1 93  ? -6.277  5.909   -4.732  1.00 12.97 ? 87   LEU A O     1 
ATOM   732  C  CB    . LEU A 1 93  ? -5.720  2.665   -4.942  1.00 14.25 ? 87   LEU A CB    1 
ATOM   733  C  CG    . LEU A 1 93  ? -4.604  1.614   -4.852  1.00 13.79 ? 87   LEU A CG    1 
ATOM   734  C  CD1   . LEU A 1 93  ? -4.774  0.662   -6.033  1.00 10.18 ? 87   LEU A CD1   1 
ATOM   735  C  CD2   . LEU A 1 93  ? -3.213  2.343   -4.882  1.00 8.93  ? 87   LEU A CD2   1 
ATOM   736  N  N     . PHE A 1 94  ? -8.004  4.717   -3.914  1.00 12.37 ? 88   PHE A N     1 
ATOM   737  C  CA    . PHE A 1 94  ? -8.907  5.757   -4.130  1.00 13.75 ? 88   PHE A CA    1 
ATOM   738  C  C     . PHE A 1 94  ? -8.618  6.962   -3.208  1.00 12.86 ? 88   PHE A C     1 
ATOM   739  O  O     . PHE A 1 94  ? -8.712  8.066   -3.642  1.00 12.67 ? 88   PHE A O     1 
ATOM   740  C  CB    . PHE A 1 94  ? -10.343 5.243   -3.992  1.00 15.47 ? 88   PHE A CB    1 
ATOM   741  C  CG    . PHE A 1 94  ? -11.361 6.319   -4.210  1.00 21.57 ? 88   PHE A CG    1 
ATOM   742  C  CD1   . PHE A 1 94  ? -11.296 7.139   -5.342  1.00 29.43 ? 88   PHE A CD1   1 
ATOM   743  C  CD2   . PHE A 1 94  ? -12.374 6.560   -3.272  1.00 27.56 ? 88   PHE A CD2   1 
ATOM   744  C  CE1   . PHE A 1 94  ? -12.238 8.166   -5.535  1.00 31.14 ? 88   PHE A CE1   1 
ATOM   745  C  CE2   . PHE A 1 94  ? -13.348 7.551   -3.478  1.00 30.00 ? 88   PHE A CE2   1 
ATOM   746  C  CZ    . PHE A 1 94  ? -13.276 8.362   -4.594  1.00 28.33 ? 88   PHE A CZ    1 
ATOM   747  N  N     . ALA A 1 95  ? -8.278  6.734   -1.939  1.00 13.33 ? 89   ALA A N     1 
ATOM   748  C  CA    . ALA A 1 95  ? -7.857  7.786   -1.077  1.00 14.62 ? 89   ALA A CA    1 
ATOM   749  C  C     . ALA A 1 95  ? -6.574  8.473   -1.597  1.00 14.55 ? 89   ALA A C     1 
ATOM   750  O  O     . ALA A 1 95  ? -6.408  9.670   -1.346  1.00 16.54 ? 89   ALA A O     1 
ATOM   751  C  CB    . ALA A 1 95  ? -7.612  7.255   0.401   1.00 12.92 ? 89   ALA A CB    1 
ATOM   752  N  N     . ARG A 1 96  ? -5.639  7.719   -2.213  1.00 14.18 ? 90   ARG A N     1 
ATOM   753  C  CA    . ARG A 1 96  ? -4.380  8.294   -2.774  1.00 14.57 ? 90   ARG A CA    1 
ATOM   754  C  C     . ARG A 1 96  ? -4.653  9.211   -3.981  1.00 12.53 ? 90   ARG A C     1 
ATOM   755  O  O     . ARG A 1 96  ? -4.068  10.281  -4.055  1.00 13.13 ? 90   ARG A O     1 
ATOM   756  C  CB    . ARG A 1 96  ? -3.329  7.238   -3.085  1.00 14.34 ? 90   ARG A CB    1 
ATOM   757  C  CG    . ARG A 1 96  ? -2.560  6.776   -1.868  1.00 19.24 ? 90   ARG A CG    1 
ATOM   758  C  CD    . ARG A 1 96  ? -1.712  7.955   -1.462  1.00 24.50 ? 90   ARG A CD    1 
ATOM   759  N  NE    . ARG A 1 96  ? -0.919  7.791   -0.248  1.00 24.92 ? 90   ARG A NE    1 
ATOM   760  C  CZ    . ARG A 1 96  ? -0.002  8.655   0.215   1.00 23.57 ? 90   ARG A CZ    1 
ATOM   761  N  NH1   . ARG A 1 96  ? 0.322   9.772   -0.426  1.00 18.81 ? 90   ARG A NH1   1 
ATOM   762  N  NH2   . ARG A 1 96  ? 0.599   8.409   1.358   1.00 23.30 ? 90   ARG A NH2   1 
ATOM   763  N  N     . LEU A 1 97  ? -5.596  8.844   -4.848  1.00 14.15 ? 91   LEU A N     1 
ATOM   764  C  CA    . LEU A 1 97  ? -6.065  9.700   -5.956  1.00 13.85 ? 91   LEU A CA    1 
ATOM   765  C  C     . LEU A 1 97  ? -6.578  11.020  -5.345  1.00 13.93 ? 91   LEU A C     1 
ATOM   766  O  O     . LEU A 1 97  ? -6.213  12.082  -5.797  1.00 12.31 ? 91   LEU A O     1 
ATOM   767  C  CB    . LEU A 1 97  ? -7.228  9.018   -6.684  1.00 16.27 ? 91   LEU A CB    1 
ATOM   768  C  CG    . LEU A 1 97  ? -7.528  9.330   -8.156  1.00 17.38 ? 91   LEU A CG    1 
ATOM   769  C  CD1   . LEU A 1 97  ? -8.979  9.050   -8.714  1.00 14.17 ? 91   LEU A CD1   1 
ATOM   770  C  CD2   . LEU A 1 97  ? -6.819  10.567  -8.634  1.00 13.85 ? 91   LEU A CD2   1 
ATOM   771  N  N     . ARG A 1 98  ? -7.464  10.930  -4.326  1.00 13.99 ? 92   ARG A N     1 
ATOM   772  C  CA    . ARG A 1 98  ? -8.034  12.133  -3.668  1.00 14.17 ? 92   ARG A CA    1 
ATOM   773  C  C     . ARG A 1 98  ? -6.920  12.941  -3.017  1.00 14.55 ? 92   ARG A C     1 
ATOM   774  O  O     . ARG A 1 98  ? -6.990  14.161  -3.045  1.00 13.96 ? 92   ARG A O     1 
ATOM   775  C  CB    . ARG A 1 98  ? -9.126  11.824  -2.639  1.00 11.97 ? 92   ARG A CB    1 
ATOM   776  C  CG    . ARG A 1 98  ? -10.376 11.219  -3.295  1.00 15.16 ? 92   ARG A CG    1 
ATOM   777  C  CD    . ARG A 1 98  ? -11.635 11.217  -2.361  1.00 19.31 ? 92   ARG A CD    1 
ATOM   778  N  NE    . ARG A 1 98  ? -11.359 10.841  -0.943  1.00 31.40 ? 92   ARG A NE    1 
ATOM   779  C  CZ    . ARG A 1 98  ? -11.268 9.594   -0.409  1.00 33.81 ? 92   ARG A CZ    1 
ATOM   780  N  NH1   . ARG A 1 98  ? -11.452 8.456   -1.132  1.00 30.93 ? 92   ARG A NH1   1 
ATOM   781  N  NH2   . ARG A 1 98  ? -11.020 9.499   0.907   1.00 33.74 ? 92   ARG A NH2   1 
ATOM   782  N  N     . TYR A 1 99  ? -5.883  12.272  -2.481  1.00 14.13 ? 93   TYR A N     1 
ATOM   783  C  CA    . TYR A 1 99  ? -4.755  12.996  -1.851  1.00 13.44 ? 93   TYR A CA    1 
ATOM   784  C  C     . TYR A 1 99  ? -3.990  13.834  -2.862  1.00 14.35 ? 93   TYR A C     1 
ATOM   785  O  O     . TYR A 1 99  ? -3.717  15.049  -2.653  1.00 12.63 ? 93   TYR A O     1 
ATOM   786  C  CB    . TYR A 1 99  ? -3.870  12.019  -1.057  1.00 13.24 ? 93   TYR A CB    1 
ATOM   787  C  CG    . TYR A 1 99  ? -2.509  12.555  -0.601  1.00 11.08 ? 93   TYR A CG    1 
ATOM   788  C  CD1   . TYR A 1 99  ? -2.357  13.137  0.653   1.00 9.64  ? 93   TYR A CD1   1 
ATOM   789  C  CD2   . TYR A 1 99  ? -1.390  12.514  -1.456  1.00 9.40  ? 93   TYR A CD2   1 
ATOM   790  C  CE1   . TYR A 1 99  ? -1.101  13.585  1.101   1.00 7.71  ? 93   TYR A CE1   1 
ATOM   791  C  CE2   . TYR A 1 99  ? -0.090  13.029  -1.034  1.00 8.83  ? 93   TYR A CE2   1 
ATOM   792  C  CZ    . TYR A 1 99  ? -0.005  13.537  0.245   1.00 9.98  ? 93   TYR A CZ    1 
ATOM   793  O  OH    . TYR A 1 99  ? 1.166   14.020  0.691   1.00 12.50 ? 93   TYR A OH    1 
ATOM   794  N  N     . PHE A 1 100 ? -3.701  13.186  -3.990  1.00 13.74 ? 94   PHE A N     1 
ATOM   795  C  CA    . PHE A 1 100 ? -2.988  13.799  -5.036  1.00 13.21 ? 94   PHE A CA    1 
ATOM   796  C  C     . PHE A 1 100 ? -3.754  14.989  -5.624  1.00 14.91 ? 94   PHE A C     1 
ATOM   797  O  O     . PHE A 1 100 ? -3.168  16.103  -5.749  1.00 12.70 ? 94   PHE A O     1 
ATOM   798  C  CB    . PHE A 1 100 ? -2.638  12.782  -6.123  1.00 13.53 ? 94   PHE A CB    1 
ATOM   799  C  CG    . PHE A 1 100 ? -1.897  13.392  -7.260  1.00 14.20 ? 94   PHE A CG    1 
ATOM   800  C  CD1   . PHE A 1 100 ? -0.481  13.381  -7.270  1.00 15.87 ? 94   PHE A CD1   1 
ATOM   801  C  CD2   . PHE A 1 100 ? -2.595  14.001  -8.315  1.00 13.17 ? 94   PHE A CD2   1 
ATOM   802  C  CE1   . PHE A 1 100 ? 0.240   14.002  -8.348  1.00 15.83 ? 94   PHE A CE1   1 
ATOM   803  C  CE2   . PHE A 1 100 ? -1.896  14.600  -9.389  1.00 14.02 ? 94   PHE A CE2   1 
ATOM   804  C  CZ    . PHE A 1 100 ? -0.491  14.626  -9.375  1.00 14.61 ? 94   PHE A CZ    1 
ATOM   805  N  N     . GLN A 1 101 ? -5.036  14.768  -5.981  1.00 14.32 ? 95   GLN A N     1 
ATOM   806  C  CA    . GLN A 1 101 ? -5.886  15.864  -6.487  1.00 16.12 ? 95   GLN A CA    1 
ATOM   807  C  C     . GLN A 1 101 ? -6.027  17.055  -5.496  1.00 15.85 ? 95   GLN A C     1 
ATOM   808  O  O     . GLN A 1 101 ? -6.040  18.224  -5.920  1.00 17.07 ? 95   GLN A O     1 
ATOM   809  C  CB    . GLN A 1 101 ? -7.283  15.353  -6.854  1.00 14.85 ? 95   GLN A CB    1 
ATOM   810  C  CG    . GLN A 1 101 ? -7.232  14.306  -8.023  1.00 20.59 ? 95   GLN A CG    1 
ATOM   811  C  CD    . GLN A 1 101 ? -8.620  13.651  -8.305  1.00 21.10 ? 95   GLN A CD    1 
ATOM   812  O  OE1   . GLN A 1 101 ? -9.405  13.307  -7.368  1.00 26.27 ? 95   GLN A OE1   1 
ATOM   813  N  NE2   . GLN A 1 101 ? -8.929  13.476  -9.604  1.00 26.90 ? 95   GLN A NE2   1 
ATOM   814  N  N     . GLY A 1 102 ? -6.203  16.757  -4.206  1.00 14.21 ? 96   GLY A N     1 
ATOM   815  C  CA    . GLY A 1 102 ? -6.320  17.754  -3.160  1.00 14.91 ? 96   GLY A CA    1 
ATOM   816  C  C     . GLY A 1 102 ? -5.049  18.569  -2.917  1.00 14.07 ? 96   GLY A C     1 
ATOM   817  O  O     . GLY A 1 102 ? -5.089  19.773  -3.017  1.00 15.31 ? 96   GLY A O     1 
ATOM   818  N  N     . TYR A 1 103 ? -3.952  17.893  -2.595  1.00 14.51 ? 97   TYR A N     1 
ATOM   819  C  CA    . TYR A 1 103 ? -2.607  18.459  -2.442  1.00 14.17 ? 97   TYR A CA    1 
ATOM   820  C  C     . TYR A 1 103 ? -2.296  19.370  -3.655  1.00 15.40 ? 97   TYR A C     1 
ATOM   821  O  O     . TYR A 1 103 ? -1.902  20.488  -3.464  1.00 13.84 ? 97   TYR A O     1 
ATOM   822  C  CB    . TYR A 1 103 ? -1.581  17.326  -2.269  1.00 13.01 ? 97   TYR A CB    1 
ATOM   823  C  CG    . TYR A 1 103 ? -0.268  17.731  -1.665  1.00 12.30 ? 97   TYR A CG    1 
ATOM   824  C  CD1   . TYR A 1 103 ? 0.059   19.102  -1.439  1.00 13.51 ? 97   TYR A CD1   1 
ATOM   825  C  CD2   . TYR A 1 103 ? 0.684   16.754  -1.344  1.00 15.09 ? 97   TYR A CD2   1 
ATOM   826  C  CE1   . TYR A 1 103 ? 1.299   19.451  -0.834  1.00 11.95 ? 97   TYR A CE1   1 
ATOM   827  C  CE2   . TYR A 1 103 ? 1.928   17.089  -0.783  1.00 11.59 ? 97   TYR A CE2   1 
ATOM   828  C  CZ    . TYR A 1 103 ? 2.244   18.436  -0.578  1.00 9.43  ? 97   TYR A CZ    1 
ATOM   829  O  OH    . TYR A 1 103 ? 3.463   18.693  -0.003  1.00 10.23 ? 97   TYR A OH    1 
ATOM   830  N  N     . ALA A 1 104 ? -2.596  18.936  -4.889  1.00 15.47 ? 98   ALA A N     1 
ATOM   831  C  CA    . ALA A 1 104 ? -2.389  19.817  -6.049  1.00 15.13 ? 98   ALA A CA    1 
ATOM   832  C  C     . ALA A 1 104 ? -3.119  21.166  -5.944  1.00 15.60 ? 98   ALA A C     1 
ATOM   833  O  O     . ALA A 1 104 ? -2.534  22.186  -6.248  1.00 15.78 ? 98   ALA A O     1 
ATOM   834  C  CB    . ALA A 1 104 ? -2.701  19.119  -7.363  1.00 14.78 ? 98   ALA A CB    1 
ATOM   835  N  N     . ARG A 1 105 ? -4.357  21.173  -5.491  1.00 14.89 ? 99   ARG A N     1 
ATOM   836  C  CA    . ARG A 1 105 ? -5.096  22.413  -5.235  1.00 18.61 ? 99   ARG A CA    1 
ATOM   837  C  C     . ARG A 1 105 ? -4.599  23.207  -4.041  1.00 16.35 ? 99   ARG A C     1 
ATOM   838  O  O     . ARG A 1 105 ? -4.615  24.424  -4.080  1.00 18.90 ? 99   ARG A O     1 
ATOM   839  C  CB    . ARG A 1 105 ? -6.614  22.172  -5.014  1.00 17.12 ? 99   ARG A CB    1 
ATOM   840  C  CG    . ARG A 1 105 ? -7.291  21.733  -6.252  1.00 22.91 ? 99   ARG A CG    1 
ATOM   841  C  CD    . ARG A 1 105 ? -8.751  21.241  -5.985  1.00 26.13 ? 99   ARG A CD    1 
ATOM   842  N  NE    . ARG A 1 105 ? -9.701  22.331  -5.569  1.00 31.86 ? 99   ARG A NE    1 
ATOM   843  C  CZ    . ARG A 1 105 ? -10.821 22.078  -4.841  1.00 36.64 ? 99   ARG A CZ    1 
ATOM   844  N  NH1   . ARG A 1 105 ? -11.102 20.800  -4.458  1.00 36.40 ? 99   ARG A NH1   1 
ATOM   845  N  NH2   . ARG A 1 105 ? -11.664 23.069  -4.472  1.00 35.37 ? 99   ARG A NH2   1 
ATOM   846  N  N     . SER A 1 106 ? -4.220  22.526  -2.979  1.00 14.50 ? 100  SER A N     1 
ATOM   847  C  CA    . SER A 1 106 ? -3.964  23.194  -1.732  1.00 15.14 ? 100  SER A CA    1 
ATOM   848  C  C     . SER A 1 106 ? -3.235  22.229  -0.761  1.00 15.28 ? 100  SER A C     1 
ATOM   849  O  O     . SER A 1 106 ? -3.603  21.055  -0.649  1.00 15.11 ? 100  SER A O     1 
ATOM   850  C  CB    . SER A 1 106 ? -5.337  23.562  -1.197  1.00 14.49 ? 100  SER A CB    1 
ATOM   851  O  OG    . SER A 1 106 ? -5.202  24.229  -0.028  1.00 14.92 ? 100  SER A OG    1 
ATOM   852  N  N     . ALA A 1 107 ? -2.214  22.701  -0.051  1.00 16.34 ? 101  ALA A N     1 
ATOM   853  C  CA    . ALA A 1 107 ? -1.602  21.855  0.971   1.00 16.79 ? 101  ALA A CA    1 
ATOM   854  C  C     . ALA A 1 107 ? -2.660  21.391  1.992   1.00 17.22 ? 101  ALA A C     1 
ATOM   855  O  O     . ALA A 1 107 ? -2.693  20.221  2.362   1.00 18.57 ? 101  ALA A O     1 
ATOM   856  C  CB    . ALA A 1 107 ? -0.448  22.551  1.654   1.00 17.05 ? 101  ALA A CB    1 
ATOM   857  N  N     . GLN A 1 108 ? -3.559  22.275  2.399   1.00 15.32 ? 102  GLN A N     1 
ATOM   858  C  CA    . GLN A 1 108 ? -4.577  21.918  3.402   1.00 15.90 ? 102  GLN A CA    1 
ATOM   859  C  C     . GLN A 1 108 ? -5.538  20.795  2.893   1.00 16.02 ? 102  GLN A C     1 
ATOM   860  O  O     . GLN A 1 108 ? -5.926  19.953  3.669   1.00 17.70 ? 102  GLN A O     1 
ATOM   861  C  CB    . GLN A 1 108 ? -5.325  23.191  3.932   1.00 14.84 ? 102  GLN A CB    1 
ATOM   862  C  CG    . GLN A 1 108 ? -6.273  22.916  5.145   1.00 13.81 ? 102  GLN A CG    1 
ATOM   863  C  CD    . GLN A 1 108 ? -7.671  22.421  4.687   1.00 17.70 ? 102  GLN A CD    1 
ATOM   864  O  OE1   . GLN A 1 108 ? -8.114  22.683  3.555   1.00 19.22 ? 102  GLN A OE1   1 
ATOM   865  N  NE2   . GLN A 1 108 ? -8.365  21.748  5.564   1.00 17.49 ? 102  GLN A NE2   1 
ATOM   866  N  N     . LEU A 1 109 ? -5.832  20.751  1.584   1.00 15.32 ? 103  LEU A N     1 
ATOM   867  C  CA    . LEU A 1 109 ? -6.705  19.747  1.008   1.00 15.42 ? 103  LEU A CA    1 
ATOM   868  C  C     . LEU A 1 109 ? -6.085  18.368  0.883   1.00 15.78 ? 103  LEU A C     1 
ATOM   869  O  O     . LEU A 1 109 ? -6.779  17.431  0.537   1.00 17.02 ? 103  LEU A O     1 
ATOM   870  C  CB    . LEU A 1 109 ? -7.276  20.165  -0.351  1.00 13.30 ? 103  LEU A CB    1 
ATOM   871  C  CG    . LEU A 1 109 ? -8.372  21.212  -0.267  1.00 16.00 ? 103  LEU A CG    1 
ATOM   872  C  CD1   . LEU A 1 109 ? -8.513  21.850  -1.633  1.00 17.16 ? 103  LEU A CD1   1 
ATOM   873  C  CD2   . LEU A 1 109 ? -9.727  20.717  0.292   1.00 8.03  ? 103  LEU A CD2   1 
ATOM   874  N  N     . ARG A 1 110 ? -4.791  18.227  1.141   1.00 16.09 ? 104  ARG A N     1 
ATOM   875  C  CA    . ARG A 1 110 ? -4.180  16.887  1.225   1.00 14.49 ? 104  ARG A CA    1 
ATOM   876  C  C     . ARG A 1 110 ? -4.587  16.083  2.505   1.00 14.93 ? 104  ARG A C     1 
ATOM   877  O  O     . ARG A 1 110 ? -4.482  14.844  2.506   1.00 14.63 ? 104  ARG A O     1 
ATOM   878  C  CB    . ARG A 1 110 ? -2.645  16.941  1.172   1.00 15.67 ? 104  ARG A CB    1 
ATOM   879  C  CG    . ARG A 1 110 ? -1.929  17.049  2.544   1.00 12.76 ? 104  ARG A CG    1 
ATOM   880  C  CD    . ARG A 1 110 ? -0.449  17.376  2.387   1.00 12.98 ? 104  ARG A CD    1 
ATOM   881  N  NE    . ARG A 1 110 ? 0.172   17.408  3.713   1.00 11.68 ? 104  ARG A NE    1 
ATOM   882  C  CZ    . ARG A 1 110 ? 0.080   18.438  4.574   1.00 16.02 ? 104  ARG A CZ    1 
ATOM   883  N  NH1   . ARG A 1 110 ? 0.640   18.321  5.768   1.00 16.52 ? 104  ARG A NH1   1 
ATOM   884  N  NH2   . ARG A 1 110 ? -0.610  19.570  4.286   1.00 14.91 ? 104  ARG A NH2   1 
ATOM   885  N  N     . LEU A 1 111 ? -5.040  16.777  3.550   1.00 13.25 ? 105  LEU A N     1 
ATOM   886  C  CA    . LEU A 1 111 ? -5.143  16.187  4.891   1.00 12.90 ? 105  LEU A CA    1 
ATOM   887  C  C     . LEU A 1 111 ? -6.272  15.173  5.070   1.00 12.95 ? 105  LEU A C     1 
ATOM   888  O  O     . LEU A 1 111 ? -6.020  14.043  5.578   1.00 12.05 ? 105  LEU A O     1 
ATOM   889  C  CB    . LEU A 1 111 ? -5.203  17.273  5.962   1.00 13.12 ? 105  LEU A CB    1 
ATOM   890  C  CG    . LEU A 1 111 ? -3.909  18.085  6.099   1.00 13.13 ? 105  LEU A CG    1 
ATOM   891  C  CD1   . LEU A 1 111 ? -4.235  19.349  7.027   1.00 14.35 ? 105  LEU A CD1   1 
ATOM   892  C  CD2   . LEU A 1 111 ? -2.730  17.191  6.600   1.00 11.38 ? 105  LEU A CD2   1 
ATOM   893  N  N     . ALA A 1 112 ? -7.498  15.526  4.671   1.00 12.66 ? 106  ALA A N     1 
ATOM   894  C  CA    . ALA A 1 112 ? -8.625  14.580  4.863   1.00 13.15 ? 106  ALA A CA    1 
ATOM   895  C  C     . ALA A 1 112 ? -8.316  13.247  4.171   1.00 13.75 ? 106  ALA A C     1 
ATOM   896  O  O     . ALA A 1 112 ? -8.391  12.164  4.784   1.00 15.38 ? 106  ALA A O     1 
ATOM   897  C  CB    . ALA A 1 112 ? -9.998  15.180  4.371   1.00 10.91 ? 106  ALA A CB    1 
ATOM   898  N  N     . PRO A 1 113 ? -7.973  13.289  2.877   1.00 15.07 ? 107  PRO A N     1 
ATOM   899  C  CA    . PRO A 1 113 ? -7.569  11.982  2.258   1.00 13.91 ? 107  PRO A CA    1 
ATOM   900  C  C     . PRO A 1 113 ? -6.257  11.324  2.650   1.00 12.66 ? 107  PRO A C     1 
ATOM   901  O  O     . PRO A 1 113 ? -6.150  10.092  2.483   1.00 13.50 ? 107  PRO A O     1 
ATOM   902  C  CB    . PRO A 1 113 ? -7.576  12.288  0.763   1.00 14.31 ? 107  PRO A CB    1 
ATOM   903  C  CG    . PRO A 1 113 ? -7.464  13.782  0.692   1.00 16.27 ? 107  PRO A CG    1 
ATOM   904  C  CD    . PRO A 1 113 ? -8.077  14.381  1.885   1.00 14.07 ? 107  PRO A CD    1 
ATOM   905  N  N     . LEU A 1 114 ? -5.251  12.066  3.096   1.00 10.99 ? 108  LEU A N     1 
ATOM   906  C  CA    . LEU A 1 114 ? -4.105  11.428  3.743   1.00 12.51 ? 108  LEU A CA    1 
ATOM   907  C  C     . LEU A 1 114 ? -4.597  10.559  4.909   1.00 13.04 ? 108  LEU A C     1 
ATOM   908  O  O     . LEU A 1 114 ? -4.174  9.403   5.047   1.00 15.26 ? 108  LEU A O     1 
ATOM   909  C  CB    . LEU A 1 114 ? -3.095  12.454  4.295   1.00 12.84 ? 108  LEU A CB    1 
ATOM   910  C  CG    . LEU A 1 114 ? -1.905  11.857  5.049   1.00 14.17 ? 108  LEU A CG    1 
ATOM   911  C  CD1   . LEU A 1 114 ? -0.977  10.899  4.141   1.00 10.33 ? 108  LEU A CD1   1 
ATOM   912  C  CD2   . LEU A 1 114 ? -1.141  12.996  5.659   1.00 14.83 ? 108  LEU A CD2   1 
ATOM   913  N  N     . TYR A 1 115 ? -5.465  11.113  5.757   1.00 13.82 ? 109  TYR A N     1 
ATOM   914  C  CA    . TYR A 1 115 ? -6.038  10.356  6.855   1.00 13.76 ? 109  TYR A CA    1 
ATOM   915  C  C     . TYR A 1 115 ? -6.874  9.152   6.410   1.00 12.22 ? 109  TYR A C     1 
ATOM   916  O  O     . TYR A 1 115 ? -6.746  8.111   7.033   1.00 11.21 ? 109  TYR A O     1 
ATOM   917  C  CB    . TYR A 1 115 ? -6.913  11.218  7.778   1.00 15.29 ? 109  TYR A CB    1 
ATOM   918  C  CG    . TYR A 1 115 ? -6.244  12.391  8.347   1.00 17.61 ? 109  TYR A CG    1 
ATOM   919  C  CD1   . TYR A 1 115 ? -4.978  12.294  8.867   1.00 21.26 ? 109  TYR A CD1   1 
ATOM   920  C  CD2   . TYR A 1 115 ? -6.897  13.605  8.401   1.00 17.80 ? 109  TYR A CD2   1 
ATOM   921  C  CE1   . TYR A 1 115 ? -4.354  13.383  9.419   1.00 20.34 ? 109  TYR A CE1   1 
ATOM   922  C  CE2   . TYR A 1 115 ? -6.277  14.718  8.950   1.00 21.61 ? 109  TYR A CE2   1 
ATOM   923  C  CZ    . TYR A 1 115 ? -4.991  14.564  9.450   1.00 19.53 ? 109  TYR A CZ    1 
ATOM   924  O  OH    . TYR A 1 115 ? -4.340  15.623  9.987   1.00 22.88 ? 109  TYR A OH    1 
ATOM   925  N  N     . ALA A 1 116 ? -7.748  9.296   5.387   1.00 11.08 ? 110  ALA A N     1 
ATOM   926  C  CA    . ALA A 1 116 ? -8.409  8.099   4.827   1.00 11.48 ? 110  ALA A CA    1 
ATOM   927  C  C     . ALA A 1 116 ? -7.373  7.062   4.355   1.00 11.82 ? 110  ALA A C     1 
ATOM   928  O  O     . ALA A 1 116 ? -7.535  5.904   4.586   1.00 14.31 ? 110  ALA A O     1 
ATOM   929  C  CB    . ALA A 1 116 ? -9.446  8.450   3.723   1.00 8.23  ? 110  ALA A CB    1 
ATOM   930  N  N     . SER A 1 117 ? -6.302  7.473   3.686   1.00 12.96 ? 111  SER A N     1 
ATOM   931  C  CA    . SER A 1 117 ? -5.337  6.500   3.153   1.00 13.27 ? 111  SER A CA    1 
ATOM   932  C  C     . SER A 1 117 ? -4.542  5.784   4.334   1.00 13.84 ? 111  SER A C     1 
ATOM   933  O  O     . SER A 1 117 ? -4.272  4.587   4.292   1.00 14.85 ? 111  SER A O     1 
ATOM   934  C  CB    . SER A 1 117 ? -4.392  7.147   2.101   1.00 10.94 ? 111  SER A CB    1 
ATOM   935  O  OG    . SER A 1 117 ? -3.371  7.856   2.789   1.00 16.40 ? 111  SER A OG    1 
ATOM   936  N  N     . ALA A 1 118 ? -4.236  6.522   5.399   1.00 13.58 ? 112  ALA A N     1 
ATOM   937  C  CA    . ALA A 1 118 ? -3.610  5.952   6.572   1.00 11.84 ? 112  ALA A CA    1 
ATOM   938  C  C     . ALA A 1 118 ? -4.504  4.901   7.281   1.00 11.97 ? 112  ALA A C     1 
ATOM   939  O  O     . ALA A 1 118 ? -3.986  3.846   7.744   1.00 10.21 ? 112  ALA A O     1 
ATOM   940  C  CB    . ALA A 1 118 ? -3.197  7.057   7.546   1.00 10.37 ? 112  ALA A CB    1 
ATOM   941  N  N     . ARG A 1 119 ? -5.803  5.187   7.414   1.00 12.79 ? 113  ARG A N     1 
ATOM   942  C  CA    . ARG A 1 119 ? -6.731  4.219   8.025   1.00 13.87 ? 113  ARG A CA    1 
ATOM   943  C  C     . ARG A 1 119 ? -6.695  2.918   7.211   1.00 13.41 ? 113  ARG A C     1 
ATOM   944  O  O     . ARG A 1 119 ? -6.689  1.863   7.782   1.00 13.78 ? 113  ARG A O     1 
ATOM   945  C  CB    . ARG A 1 119 ? -8.164  4.760   8.152   1.00 13.69 ? 113  ARG A CB    1 
ATOM   946  C  CG    . ARG A 1 119 ? -8.282  5.800   9.275   1.00 15.95 ? 113  ARG A CG    1 
ATOM   947  C  CD    . ARG A 1 119 ? -9.711  6.335   9.499   1.00 18.47 ? 113  ARG A CD    1 
ATOM   948  N  NE    . ARG A 1 119 ? -10.217 7.093   8.345   1.00 25.47 ? 113  ARG A NE    1 
ATOM   949  C  CZ    . ARG A 1 119 ? -10.307 8.434   8.263   1.00 26.94 ? 113  ARG A CZ    1 
ATOM   950  N  NH1   . ARG A 1 119 ? -9.947  9.216   9.304   1.00 27.58 ? 113  ARG A NH1   1 
ATOM   951  N  NH2   . ARG A 1 119 ? -10.775 8.984   7.137   1.00 23.12 ? 113  ARG A NH2   1 
ATOM   952  N  N     . ALA A 1 120 ? -6.677  3.020   5.882   1.00 12.35 ? 114  ALA A N     1 
ATOM   953  C  CA    . ALA A 1 120 ? -6.770  1.856   5.050   1.00 11.15 ? 114  ALA A CA    1 
ATOM   954  C  C     . ALA A 1 120 ? -5.435  1.062   5.119   1.00 11.85 ? 114  ALA A C     1 
ATOM   955  O  O     . ALA A 1 120 ? -5.469  -0.167  5.247   1.00 9.24  ? 114  ALA A O     1 
ATOM   956  C  CB    . ALA A 1 120 ? -7.141  2.244   3.600   1.00 10.92 ? 114  ALA A CB    1 
ATOM   957  N  N     . LEU A 1 121 ? -4.291  1.759   5.119   1.00 10.88 ? 115  LEU A N     1 
ATOM   958  C  CA    . LEU A 1 121 ? -2.978  1.058   5.200   1.00 13.38 ? 115  LEU A CA    1 
ATOM   959  C  C     . LEU A 1 121 ? -2.846  0.430   6.605   1.00 13.80 ? 115  LEU A C     1 
ATOM   960  O  O     . LEU A 1 121 ? -2.450  -0.722  6.727   1.00 16.02 ? 115  LEU A O     1 
ATOM   961  C  CB    . LEU A 1 121 ? -1.816  2.073   4.964   1.00 12.74 ? 115  LEU A CB    1 
ATOM   962  C  CG    . LEU A 1 121 ? -0.435  1.657   4.587   1.00 13.69 ? 115  LEU A CG    1 
ATOM   963  C  CD1   . LEU A 1 121 ? -0.531  0.541   3.490   1.00 16.09 ? 115  LEU A CD1   1 
ATOM   964  C  CD2   . LEU A 1 121 ? 0.354   2.847   4.041   1.00 14.91 ? 115  LEU A CD2   1 
ATOM   965  N  N     . TRP A 1 122 ? -3.193  1.178   7.654   1.00 13.64 ? 116  TRP A N     1 
ATOM   966  C  CA    . TRP A 1 122 ? -3.153  0.611   8.974   1.00 13.88 ? 116  TRP A CA    1 
ATOM   967  C  C     . TRP A 1 122 ? -4.033  -0.635  9.145   1.00 13.49 ? 116  TRP A C     1 
ATOM   968  O  O     . TRP A 1 122 ? -3.666  -1.559  9.869   1.00 12.26 ? 116  TRP A O     1 
ATOM   969  C  CB    . TRP A 1 122 ? -3.516  1.636   10.029  1.00 13.31 ? 116  TRP A CB    1 
ATOM   970  C  CG    . TRP A 1 122 ? -2.329  2.550   10.474  1.00 16.85 ? 116  TRP A CG    1 
ATOM   971  C  CD1   . TRP A 1 122 ? -2.306  3.968   10.464  1.00 13.15 ? 116  TRP A CD1   1 
ATOM   972  C  CD2   . TRP A 1 122 ? -1.081  2.154   11.079  1.00 15.63 ? 116  TRP A CD2   1 
ATOM   973  N  NE1   . TRP A 1 122 ? -1.116  4.424   10.983  1.00 14.92 ? 116  TRP A NE1   1 
ATOM   974  C  CE2   . TRP A 1 122 ? -0.341  3.360   11.356  1.00 14.46 ? 116  TRP A CE2   1 
ATOM   975  C  CE3   . TRP A 1 122 ? -0.505  0.909   11.407  1.00 16.77 ? 116  TRP A CE3   1 
ATOM   976  C  CZ2   . TRP A 1 122 ? 0.930   3.352   11.930  1.00 15.66 ? 116  TRP A CZ2   1 
ATOM   977  C  CZ3   . TRP A 1 122 ? 0.757   0.908   12.004  1.00 16.02 ? 116  TRP A CZ3   1 
ATOM   978  C  CH2   . TRP A 1 122 ? 1.469   2.132   12.254  1.00 14.85 ? 116  TRP A CH2   1 
ATOM   979  N  N     . LEU A 1 123 ? -5.210  -0.645  8.536   1.00 14.45 ? 117  LEU A N     1 
ATOM   980  C  CA    . LEU A 1 123 ? -6.027  -1.850  8.521   1.00 15.88 ? 117  LEU A CA    1 
ATOM   981  C  C     . LEU A 1 123 ? -5.318  -2.984  7.789   1.00 15.24 ? 117  LEU A C     1 
ATOM   982  O  O     . LEU A 1 123 ? -5.356  -4.117  8.257   1.00 16.29 ? 117  LEU A O     1 
ATOM   983  C  CB    . LEU A 1 123 ? -7.420  -1.555  7.944   1.00 15.64 ? 117  LEU A CB    1 
ATOM   984  C  CG    . LEU A 1 123 ? -8.463  -2.637  7.900   1.00 20.17 ? 117  LEU A CG    1 
ATOM   985  C  CD1   . LEU A 1 123 ? -8.774  -3.242  9.309   1.00 21.46 ? 117  LEU A CD1   1 
ATOM   986  C  CD2   . LEU A 1 123 ? -9.760  -1.990  7.292   1.00 18.31 ? 117  LEU A CD2   1 
ATOM   987  N  N     . LEU A 1 124 ? -4.668  -2.720  6.669   1.00 14.71 ? 118  LEU A N     1 
ATOM   988  C  CA    . LEU A 1 124 ? -3.882  -3.777  6.004   1.00 15.37 ? 118  LEU A CA    1 
ATOM   989  C  C     . LEU A 1 124 ? -2.759  -4.287  6.926   1.00 14.94 ? 118  LEU A C     1 
ATOM   990  O  O     . LEU A 1 124 ? -2.503  -5.474  6.946   1.00 15.78 ? 118  LEU A O     1 
ATOM   991  C  CB    . LEU A 1 124 ? -3.286  -3.337  4.662   1.00 14.41 ? 118  LEU A CB    1 
ATOM   992  C  CG    . LEU A 1 124 ? -4.189  -3.232  3.438   1.00 15.73 ? 118  LEU A CG    1 
ATOM   993  C  CD1   . LEU A 1 124 ? -3.490  -2.494  2.234   1.00 13.78 ? 118  LEU A CD1   1 
ATOM   994  C  CD2   . LEU A 1 124 ? -4.647  -4.650  3.076   1.00 10.27 ? 118  LEU A CD2   1 
ATOM   995  N  N     . VAL A 1 125 ? -2.083  -3.389  7.655   1.00 14.65 ? 119  VAL A N     1 
ATOM   996  C  CA    . VAL A 1 125 ? -1.026  -3.803  8.521   1.00 11.84 ? 119  VAL A CA    1 
ATOM   997  C  C     . VAL A 1 125 ? -1.623  -4.736  9.621   1.00 13.56 ? 119  VAL A C     1 
ATOM   998  O  O     . VAL A 1 125 ? -1.015  -5.732  9.981   1.00 14.32 ? 119  VAL A O     1 
ATOM   999  C  CB    . VAL A 1 125 ? -0.308  -2.577  9.138   1.00 11.96 ? 119  VAL A CB    1 
ATOM   1000 C  CG1   . VAL A 1 125 ? 0.468   -2.978  10.406  1.00 10.15 ? 119  VAL A CG1   1 
ATOM   1001 C  CG2   . VAL A 1 125 ? 0.602   -1.829  8.117   1.00 8.10  ? 119  VAL A CG2   1 
ATOM   1002 N  N     . ALA A 1 126 ? -2.796  -4.388  10.160  1.00 13.23 ? 120  ALA A N     1 
ATOM   1003 C  CA    . ALA A 1 126 ? -3.417  -5.128  11.216  1.00 13.63 ? 120  ALA A CA    1 
ATOM   1004 C  C     . ALA A 1 126 ? -3.845  -6.469  10.697  1.00 13.56 ? 120  ALA A C     1 
ATOM   1005 O  O     . ALA A 1 126 ? -3.703  -7.443  11.403  1.00 13.30 ? 120  ALA A O     1 
ATOM   1006 C  CB    . ALA A 1 126 ? -4.607  -4.379  11.820  1.00 13.60 ? 120  ALA A CB    1 
ATOM   1007 N  N     . LEU A 1 127 ? -4.374  -6.534  9.479   1.00 13.08 ? 121  LEU A N     1 
ATOM   1008 C  CA    . LEU A 1 127 ? -4.737  -7.835  8.946   1.00 14.20 ? 121  LEU A CA    1 
ATOM   1009 C  C     . LEU A 1 127 ? -3.506  -8.704  8.649   1.00 13.20 ? 121  LEU A C     1 
ATOM   1010 O  O     . LEU A 1 127 ? -3.585  -9.901  8.793   1.00 14.45 ? 121  LEU A O     1 
ATOM   1011 C  CB    . LEU A 1 127 ? -5.622  -7.746  7.677   1.00 13.22 ? 121  LEU A CB    1 
ATOM   1012 C  CG    . LEU A 1 127 ? -6.945  -6.992  7.787   1.00 13.38 ? 121  LEU A CG    1 
ATOM   1013 C  CD1   . LEU A 1 127 ? -7.592  -7.011  6.380   1.00 11.02 ? 121  LEU A CD1   1 
ATOM   1014 C  CD2   . LEU A 1 127 ? -7.866  -7.521  8.900   1.00 13.39 ? 121  LEU A CD2   1 
ATOM   1015 N  N     . ALA A 1 128 ? -2.400  -8.094  8.213   1.00 14.22 ? 122  ALA A N     1 
ATOM   1016 C  CA    . ALA A 1 128 ? -1.153  -8.816  7.976   1.00 14.30 ? 122  ALA A CA    1 
ATOM   1017 C  C     . ALA A 1 128 ? -0.612  -9.409  9.310   1.00 14.09 ? 122  ALA A C     1 
ATOM   1018 O  O     . ALA A 1 128 ? -0.274  -10.571 9.352   1.00 15.03 ? 122  ALA A O     1 
ATOM   1019 C  CB    . ALA A 1 128 ? -0.155  -7.938  7.313   1.00 12.02 ? 122  ALA A CB    1 
ATOM   1020 N  N     . ALA A 1 129 ? -0.626  -8.623  10.386  1.00 15.23 ? 123  ALA A N     1 
ATOM   1021 C  CA    . ALA A 1 129 ? -0.192  -9.064  11.731  1.00 14.48 ? 123  ALA A CA    1 
ATOM   1022 C  C     . ALA A 1 129 ? -1.054  -10.224 12.318  1.00 15.58 ? 123  ALA A C     1 
ATOM   1023 O  O     . ALA A 1 129 ? -0.504  -11.175 12.835  1.00 15.67 ? 123  ALA A O     1 
ATOM   1024 C  CB    . ALA A 1 129 ? -0.122  -7.871  12.688  1.00 13.53 ? 123  ALA A CB    1 
ATOM   1025 N  N     . LEU A 1 130 ? -2.383  -10.114 12.227  1.00 14.48 ? 124  LEU A N     1 
ATOM   1026 C  CA    . LEU A 1 130 ? -3.296  -11.143 12.601  1.00 16.04 ? 124  LEU A CA    1 
ATOM   1027 C  C     . LEU A 1 130 ? -3.071  -12.385 11.785  1.00 15.91 ? 124  LEU A C     1 
ATOM   1028 O  O     . LEU A 1 130 ? -3.051  -13.442 12.365  1.00 17.85 ? 124  LEU A O     1 
ATOM   1029 C  CB    . LEU A 1 130 ? -4.789  -10.712 12.501  1.00 15.29 ? 124  LEU A CB    1 
ATOM   1030 C  CG    . LEU A 1 130 ? -5.211  -9.579  13.421  1.00 17.42 ? 124  LEU A CG    1 
ATOM   1031 C  CD1   . LEU A 1 130 ? -6.577  -8.953  13.028  1.00 15.84 ? 124  LEU A CD1   1 
ATOM   1032 C  CD2   . LEU A 1 130 ? -5.131  -9.971  14.954  1.00 17.06 ? 124  LEU A CD2   1 
ATOM   1033 N  N     . GLY A 1 131 ? -2.863  -12.299 10.477  1.00 15.26 ? 125  GLY A N     1 
ATOM   1034 C  CA    . GLY A 1 131 ? -2.628  -13.503 9.764   1.00 14.67 ? 125  GLY A CA    1 
ATOM   1035 C  C     . GLY A 1 131 ? -1.311  -14.173 10.174  1.00 15.34 ? 125  GLY A C     1 
ATOM   1036 O  O     . GLY A 1 131 ? -1.241  -15.424 10.214  1.00 13.70 ? 125  GLY A O     1 
ATOM   1037 N  N     . LEU A 1 132 ? -0.244  -13.371 10.347  1.00 15.03 ? 126  LEU A N     1 
ATOM   1038 C  CA    . LEU A 1 132 ? 1.052   -13.893 10.750  1.00 14.38 ? 126  LEU A CA    1 
ATOM   1039 C  C     . LEU A 1 132 ? 0.943   -14.457 12.199  1.00 15.97 ? 126  LEU A C     1 
ATOM   1040 O  O     . LEU A 1 132 ? 1.516   -15.531 12.487  1.00 16.88 ? 126  LEU A O     1 
ATOM   1041 C  CB    . LEU A 1 132 ? 2.166   -12.840 10.676  1.00 12.20 ? 126  LEU A CB    1 
ATOM   1042 C  CG    . LEU A 1 132 ? 2.572   -12.516 9.227   1.00 12.52 ? 126  LEU A CG    1 
ATOM   1043 C  CD1   . LEU A 1 132 ? 3.451   -11.267 9.298   1.00 9.80  ? 126  LEU A CD1   1 
ATOM   1044 C  CD2   . LEU A 1 132 ? 3.282   -13.659 8.517   1.00 2.00  ? 126  LEU A CD2   1 
ATOM   1045 N  N     . LEU A 1 133 ? 0.233   -13.781 13.098  1.00 14.84 ? 127  LEU A N     1 
ATOM   1046 C  CA    . LEU A 1 133 ? 0.004   -14.351 14.401  1.00 17.03 ? 127  LEU A CA    1 
ATOM   1047 C  C     . LEU A 1 133 ? -0.716  -15.732 14.311  1.00 16.39 ? 127  LEU A C     1 
ATOM   1048 O  O     . LEU A 1 133 ? -0.321  -16.641 15.006  1.00 16.26 ? 127  LEU A O     1 
ATOM   1049 C  CB    . LEU A 1 133 ? -0.830  -13.440 15.242  1.00 17.65 ? 127  LEU A CB    1 
ATOM   1050 C  CG    . LEU A 1 133 ? 0.052   -12.566 16.074  1.00 26.91 ? 127  LEU A CG    1 
ATOM   1051 C  CD1   . LEU A 1 133 ? -0.734  -11.214 16.343  1.00 32.60 ? 127  LEU A CD1   1 
ATOM   1052 C  CD2   . LEU A 1 133 ? 0.527   -13.312 17.369  1.00 29.73 ? 127  LEU A CD2   1 
ATOM   1053 N  N     . ALA A 1 134 ? -1.798  -15.845 13.523  1.00 16.11 ? 128  ALA A N     1 
ATOM   1054 C  CA    . ALA A 1 134 ? -2.488  -17.140 13.357  1.00 15.78 ? 128  ALA A CA    1 
ATOM   1055 C  C     . ALA A 1 134 ? -1.531  -18.178 12.762  1.00 15.63 ? 128  ALA A C     1 
ATOM   1056 O  O     . ALA A 1 134 ? -1.586  -19.337 13.112  1.00 17.53 ? 128  ALA A O     1 
ATOM   1057 C  CB    . ALA A 1 134 ? -3.726  -17.006 12.521  1.00 15.58 ? 128  ALA A CB    1 
ATOM   1058 N  N     . HIS A 1 135 ? -0.598  -17.770 11.931  1.00 16.41 ? 129  HIS A N     1 
ATOM   1059 C  CA    . HIS A 1 135 ? 0.374   -18.715 11.415  1.00 16.54 ? 129  HIS A CA    1 
ATOM   1060 C  C     . HIS A 1 135 ? 1.399   -19.222 12.474  1.00 17.26 ? 129  HIS A C     1 
ATOM   1061 O  O     . HIS A 1 135 ? 1.645   -20.429 12.514  1.00 17.60 ? 129  HIS A O     1 
ATOM   1062 C  CB    . HIS A 1 135 ? 1.093   -18.152 10.181  1.00 17.13 ? 129  HIS A CB    1 
ATOM   1063 C  CG    . HIS A 1 135 ? 2.089   -19.101 9.611   1.00 17.82 ? 129  HIS A CG    1 
ATOM   1064 N  ND1   . HIS A 1 135 ? 1.736   -20.120 8.753   1.00 17.71 ? 129  HIS A ND1   1 
ATOM   1065 C  CD2   . HIS A 1 135 ? 3.426   -19.231 9.815   1.00 17.93 ? 129  HIS A CD2   1 
ATOM   1066 C  CE1   . HIS A 1 135 ? 2.801   -20.851 8.467   1.00 17.15 ? 129  HIS A CE1   1 
ATOM   1067 N  NE2   . HIS A 1 135 ? 3.837   -20.343 9.111   1.00 17.75 ? 129  HIS A NE2   1 
ATOM   1068 N  N     . PHE A 1 136 ? 1.970   -18.326 13.313  1.00 15.37 ? 130  PHE A N     1 
ATOM   1069 C  CA    . PHE A 1 136 ? 3.065   -18.662 14.206  1.00 15.70 ? 130  PHE A CA    1 
ATOM   1070 C  C     . PHE A 1 136 ? 2.669   -19.062 15.658  1.00 16.84 ? 130  PHE A C     1 
ATOM   1071 O  O     . PHE A 1 136 ? 3.396   -19.825 16.273  1.00 15.03 ? 130  PHE A O     1 
ATOM   1072 C  CB    . PHE A 1 136 ? 4.142   -17.543 14.262  1.00 14.48 ? 130  PHE A CB    1 
ATOM   1073 C  CG    . PHE A 1 136 ? 4.971   -17.410 13.017  1.00 14.26 ? 130  PHE A CG    1 
ATOM   1074 C  CD1   . PHE A 1 136 ? 5.963   -18.364 12.707  1.00 12.46 ? 130  PHE A CD1   1 
ATOM   1075 C  CD2   . PHE A 1 136 ? 4.811   -16.285 12.177  1.00 9.24  ? 130  PHE A CD2   1 
ATOM   1076 C  CE1   . PHE A 1 136 ? 6.785   -18.185 11.541  1.00 14.66 ? 130  PHE A CE1   1 
ATOM   1077 C  CE2   . PHE A 1 136 ? 5.605   -16.092 11.053  1.00 9.83  ? 130  PHE A CE2   1 
ATOM   1078 C  CZ    . PHE A 1 136 ? 6.608   -17.051 10.730  1.00 11.28 ? 130  PHE A CZ    1 
ATOM   1079 N  N     . LEU A 1 137 ? 1.555   -18.541 16.195  1.00 18.31 ? 131  LEU A N     1 
ATOM   1080 C  CA    . LEU A 1 137 ? 1.272   -18.651 17.630  1.00 19.33 ? 131  LEU A CA    1 
ATOM   1081 C  C     . LEU A 1 137 ? 0.985   -20.097 18.085  1.00 19.75 ? 131  LEU A C     1 
ATOM   1082 O  O     . LEU A 1 137 ? 1.541   -20.518 19.104  1.00 17.96 ? 131  LEU A O     1 
ATOM   1083 C  CB    . LEU A 1 137 ? 0.163   -17.679 18.017  1.00 21.55 ? 131  LEU A CB    1 
ATOM   1084 C  CG    . LEU A 1 137 ? -0.087  -17.331 19.474  1.00 24.78 ? 131  LEU A CG    1 
ATOM   1085 C  CD1   . LEU A 1 137 ? 1.157   -16.706 20.088  1.00 24.49 ? 131  LEU A CD1   1 
ATOM   1086 C  CD2   . LEU A 1 137 ? -1.255  -16.347 19.484  1.00 27.31 ? 131  LEU A CD2   1 
ATOM   1087 N  N     . PRO A 1 138 ? 0.140   -20.861 17.340  1.00 19.97 ? 132  PRO A N     1 
ATOM   1088 C  CA    . PRO A 1 138 ? -0.197  -22.254 17.745  1.00 20.32 ? 132  PRO A CA    1 
ATOM   1089 C  C     . PRO A 1 138 ? 1.027   -23.109 17.959  1.00 19.76 ? 132  PRO A C     1 
ATOM   1090 O  O     . PRO A 1 138 ? 1.223   -23.617 19.063  1.00 20.31 ? 132  PRO A O     1 
ATOM   1091 C  CB    . PRO A 1 138 ? -1.132  -22.756 16.601  1.00 20.94 ? 132  PRO A CB    1 
ATOM   1092 C  CG    . PRO A 1 138 ? -1.840  -21.409 16.155  1.00 19.47 ? 132  PRO A CG    1 
ATOM   1093 C  CD    . PRO A 1 138 ? -0.621  -20.473 16.130  1.00 21.77 ? 132  PRO A CD    1 
ATOM   1094 N  N     . ALA A 1 139 ? 1.897   -23.159 16.958  1.00 18.26 ? 133  ALA A N     1 
ATOM   1095 C  CA    . ALA A 1 139 ? 3.080   -23.935 17.086  1.00 16.31 ? 133  ALA A CA    1 
ATOM   1096 C  C     . ALA A 1 139 ? 4.024   -23.421 18.156  1.00 14.97 ? 133  ALA A C     1 
ATOM   1097 O  O     . ALA A 1 139 ? 4.635   -24.218 18.823  1.00 16.49 ? 133  ALA A O     1 
ATOM   1098 C  CB    . ALA A 1 139 ? 3.788   -24.108 15.729  1.00 14.32 ? 133  ALA A CB    1 
ATOM   1099 N  N     . ALA A 1 140 ? 4.170   -22.114 18.341  1.00 14.39 ? 134  ALA A N     1 
ATOM   1100 C  CA    . ALA A 1 140 ? 4.980   -21.617 19.458  1.00 13.98 ? 134  ALA A CA    1 
ATOM   1101 C  C     . ALA A 1 140 ? 4.405   -21.960 20.834  1.00 14.32 ? 134  ALA A C     1 
ATOM   1102 O  O     . ALA A 1 140 ? 5.186   -22.349 21.757  1.00 14.38 ? 134  ALA A O     1 
ATOM   1103 C  CB    . ALA A 1 140 ? 5.272   -20.073 19.315  1.00 13.38 ? 134  ALA A CB    1 
ATOM   1104 N  N     . LEU A 1 141 ? 3.071   -21.852 21.002  1.00 14.05 ? 135  LEU A N     1 
ATOM   1105 C  CA    . LEU A 1 141 ? 2.481   -22.187 22.292  1.00 15.12 ? 135  LEU A CA    1 
ATOM   1106 C  C     . LEU A 1 141 ? 2.624   -23.704 22.603  1.00 15.26 ? 135  LEU A C     1 
ATOM   1107 O  O     . LEU A 1 141 ? 2.912   -24.121 23.752  1.00 15.72 ? 135  LEU A O     1 
ATOM   1108 C  CB    . LEU A 1 141 ? 1.019   -21.768 22.368  1.00 16.20 ? 135  LEU A CB    1 
ATOM   1109 C  CG    . LEU A 1 141 ? 0.743   -20.249 22.343  1.00 18.97 ? 135  LEU A CG    1 
ATOM   1110 C  CD1   . LEU A 1 141 ? -0.757  -19.970 22.394  1.00 19.42 ? 135  LEU A CD1   1 
ATOM   1111 C  CD2   . LEU A 1 141 ? 1.495   -19.496 23.491  1.00 19.36 ? 135  LEU A CD2   1 
ATOM   1112 N  N     . ARG A 1 142 ? 2.424   -24.511 21.564  1.00 14.02 ? 136  ARG A N     1 
ATOM   1113 C  CA    . ARG A 1 142 ? 2.550   -25.940 21.663  1.00 13.62 ? 136  ARG A CA    1 
ATOM   1114 C  C     . ARG A 1 142 ? 3.944   -26.345 22.107  1.00 12.04 ? 136  ARG A C     1 
ATOM   1115 O  O     . ARG A 1 142 ? 4.090   -27.133 23.017  1.00 13.00 ? 136  ARG A O     1 
ATOM   1116 C  CB    . ARG A 1 142 ? 2.262   -26.587 20.339  1.00 11.70 ? 136  ARG A CB    1 
ATOM   1117 C  CG    . ARG A 1 142 ? 2.384   -28.033 20.577  1.00 17.23 ? 136  ARG A CG    1 
ATOM   1118 C  CD    . ARG A 1 142 ? 1.741   -28.879 19.604  1.00 21.91 ? 136  ARG A CD    1 
ATOM   1119 N  NE    . ARG A 1 142 ? 2.467   -28.834 18.365  1.00 27.85 ? 136  ARG A NE    1 
ATOM   1120 C  CZ    . ARG A 1 142 ? 2.289   -29.716 17.395  1.00 32.97 ? 136  ARG A CZ    1 
ATOM   1121 N  NH1   . ARG A 1 142 ? 1.436   -30.728 17.517  1.00 29.38 ? 136  ARG A NH1   1 
ATOM   1122 N  NH2   . ARG A 1 142 ? 2.976   -29.585 16.287  1.00 38.10 ? 136  ARG A NH2   1 
ATOM   1123 N  N     . ALA A 1 143 ? 4.967   -25.765 21.477  1.00 13.52 ? 137  ALA A N     1 
ATOM   1124 C  CA    . ALA A 1 143 ? 6.356   -26.037 21.831  1.00 13.62 ? 137  ALA A CA    1 
ATOM   1125 C  C     . ALA A 1 143 ? 6.667   -25.568 23.250  1.00 13.19 ? 137  ALA A C     1 
ATOM   1126 O  O     . ALA A 1 143 ? 7.336   -26.278 23.995  1.00 13.65 ? 137  ALA A O     1 
ATOM   1127 C  CB    . ALA A 1 143 ? 7.313   -25.353 20.784  1.00 12.85 ? 137  ALA A CB    1 
ATOM   1128 N  N     . ALA A 1 144 ? 6.209   -24.369 23.621  1.00 13.79 ? 138  ALA A N     1 
ATOM   1129 C  CA    . ALA A 1 144 ? 6.393   -23.872 25.000  1.00 13.40 ? 138  ALA A CA    1 
ATOM   1130 C  C     . ALA A 1 144 ? 5.795   -24.924 25.988  1.00 14.42 ? 138  ALA A C     1 
ATOM   1131 O  O     . ALA A 1 144 ? 6.470   -25.422 26.938  1.00 14.09 ? 138  ALA A O     1 
ATOM   1132 C  CB    . ALA A 1 144 ? 5.729   -22.481 25.165  1.00 12.19 ? 138  ALA A CB    1 
ATOM   1133 N  N     . LEU A 1 145 ? 4.544   -25.306 25.733  1.00 15.58 ? 139  LEU A N     1 
ATOM   1134 C  CA    . LEU A 1 145 ? 3.849   -26.294 26.567  1.00 16.41 ? 139  LEU A CA    1 
ATOM   1135 C  C     . LEU A 1 145 ? 4.494   -27.671 26.624  1.00 16.65 ? 139  LEU A C     1 
ATOM   1136 O  O     . LEU A 1 145 ? 4.589   -28.257 27.686  1.00 16.20 ? 139  LEU A O     1 
ATOM   1137 C  CB    . LEU A 1 145 ? 2.429   -26.460 26.065  1.00 17.46 ? 139  LEU A CB    1 
ATOM   1138 C  CG    . LEU A 1 145 ? 1.353   -25.602 26.726  1.00 20.93 ? 139  LEU A CG    1 
ATOM   1139 C  CD1   . LEU A 1 145 ? 0.321   -25.138 25.677  1.00 19.31 ? 139  LEU A CD1   1 
ATOM   1140 C  CD2   . LEU A 1 145 ? 0.773   -26.492 27.891  1.00 24.20 ? 139  LEU A CD2   1 
ATOM   1141 N  N     . LEU A 1 146 ? 4.898   -28.229 25.479  1.00 17.70 ? 140  LEU A N     1 
ATOM   1142 C  CA    . LEU A 1 146 ? 5.599   -29.531 25.518  1.00 17.48 ? 140  LEU A CA    1 
ATOM   1143 C  C     . LEU A 1 146 ? 6.853   -29.474 26.397  1.00 18.39 ? 140  LEU A C     1 
ATOM   1144 O  O     . LEU A 1 146 ? 7.157   -30.455 27.057  1.00 18.39 ? 140  LEU A O     1 
ATOM   1145 C  CB    . LEU A 1 146 ? 5.994   -30.037 24.132  1.00 17.06 ? 140  LEU A CB    1 
ATOM   1146 C  CG    . LEU A 1 146 ? 4.831   -30.419 23.187  1.00 18.21 ? 140  LEU A CG    1 
ATOM   1147 C  CD1   . LEU A 1 146 ? 5.340   -30.608 21.724  1.00 18.45 ? 140  LEU A CD1   1 
ATOM   1148 C  CD2   . LEU A 1 146 ? 4.017   -31.609 23.699  1.00 15.29 ? 140  LEU A CD2   1 
ATOM   1149 N  N     . GLY A 1 147 ? 7.549   -28.328 26.367  1.00 19.17 ? 141  GLY A N     1 
ATOM   1150 C  CA    . GLY A 1 147 ? 8.692   -28.015 27.182  1.00 20.51 ? 141  GLY A CA    1 
ATOM   1151 C  C     . GLY A 1 147 ? 8.394   -28.142 28.667  1.00 21.91 ? 141  GLY A C     1 
ATOM   1152 O  O     . GLY A 1 147 ? 9.186   -28.723 29.389  1.00 22.14 ? 141  GLY A O     1 
ATOM   1153 N  N     . ARG A 1 148 ? 7.251   -27.619 29.116  1.00 23.33 ? 142  ARG A N     1 
ATOM   1154 C  CA    . ARG A 1 148 ? 6.802   -27.762 30.498  1.00 25.41 ? 142  ARG A CA    1 
ATOM   1155 C  C     . ARG A 1 148 ? 6.321   -29.158 30.815  1.00 26.59 ? 142  ARG A C     1 
ATOM   1156 O  O     . ARG A 1 148 ? 6.330   -29.517 31.972  1.00 26.95 ? 142  ARG A O     1 
ATOM   1157 C  CB    . ARG A 1 148 ? 5.638   -26.833 30.836  1.00 24.99 ? 142  ARG A CB    1 
ATOM   1158 C  CG    . ARG A 1 148 ? 5.745   -25.457 30.281  1.00 30.09 ? 142  ARG A CG    1 
ATOM   1159 C  CD    . ARG A 1 148 ? 5.855   -24.440 31.363  1.00 38.07 ? 142  ARG A CD    1 
ATOM   1160 N  NE    . ARG A 1 148 ? 6.858   -24.811 32.353  1.00 44.22 ? 142  ARG A NE    1 
ATOM   1161 C  CZ    . ARG A 1 148 ? 8.157   -24.922 32.092  1.00 47.61 ? 142  ARG A CZ    1 
ATOM   1162 N  NH1   . ARG A 1 148 ? 9.002   -25.257 33.069  1.00 48.87 ? 142  ARG A NH1   1 
ATOM   1163 N  NH2   . ARG A 1 148 ? 8.603   -24.704 30.855  1.00 47.82 ? 142  ARG A NH2   1 
ATOM   1164 N  N     . LEU A 1 149 ? 5.896   -29.945 29.823  1.00 27.81 ? 143  LEU A N     1 
ATOM   1165 C  CA    A LEU A 1 149 ? 5.204   -31.235 30.060  0.50 28.31 ? 143  LEU A CA    1 
ATOM   1166 C  CA    B LEU A 1 149 ? 5.180   -31.150 30.158  0.50 28.43 ? 143  LEU A CA    1 
ATOM   1167 C  C     . LEU A 1 149 ? 5.987   -32.152 30.975  1.00 29.56 ? 143  LEU A C     1 
ATOM   1168 O  O     . LEU A 1 149 ? 5.397   -32.849 31.797  1.00 29.09 ? 143  LEU A O     1 
ATOM   1169 C  CB    A LEU A 1 149 ? 4.841   -32.004 28.760  0.50 28.08 ? 143  LEU A CB    1 
ATOM   1170 C  CB    B LEU A 1 149 ? 4.449   -31.735 28.943  0.50 27.84 ? 143  LEU A CB    1 
ATOM   1171 C  CG    A LEU A 1 149 ? 4.007   -33.312 28.913  0.50 27.82 ? 143  LEU A CG    1 
ATOM   1172 C  CG    B LEU A 1 149 ? 2.973   -31.307 28.819  0.50 26.49 ? 143  LEU A CG    1 
ATOM   1173 C  CD1   A LEU A 1 149 ? 2.513   -33.023 28.843  0.50 27.48 ? 143  LEU A CD1   1 
ATOM   1174 C  CD1   B LEU A 1 149 ? 2.079   -32.532 28.867  0.50 26.64 ? 143  LEU A CD1   1 
ATOM   1175 C  CD2   A LEU A 1 149 ? 4.349   -34.433 27.940  0.50 26.74 ? 143  LEU A CD2   1 
ATOM   1176 C  CD2   B LEU A 1 149 ? 2.532   -30.295 29.884  0.50 24.63 ? 143  LEU A CD2   1 
ATOM   1177 N  N     . ARG A 1 150 ? 7.316   -32.176 30.816  1.00 32.10 ? 144  ARG A N     1 
ATOM   1178 C  CA    . ARG A 1 150 ? 8.215   -33.072 31.648  1.00 35.18 ? 144  ARG A CA    1 
ATOM   1179 C  C     . ARG A 1 150 ? 7.842   -33.097 33.152  1.00 36.66 ? 144  ARG A C     1 
ATOM   1180 O  O     . ARG A 1 150 ? 8.395   -32.336 33.953  1.00 37.30 ? 144  ARG A O     1 
ATOM   1181 C  CB    . ARG A 1 150 ? 9.698   -32.697 31.482  1.00 35.69 ? 144  ARG A CB    1 
ATOM   1182 C  CG    . ARG A 1 150 ? 9.928   -31.171 31.504  1.00 36.66 ? 144  ARG A CG    1 
ATOM   1183 C  CD    . ARG A 1 150 ? 10.263  -30.648 32.912  1.00 38.59 ? 144  ARG A CD    1 
ATOM   1184 N  NE    . ARG A 1 150 ? 9.584   -29.376 33.221  1.00 38.54 ? 144  ARG A NE    1 
ATOM   1185 C  CZ    . ARG A 1 150 ? 8.712   -29.191 34.222  1.00 38.75 ? 144  ARG A CZ    1 
ATOM   1186 N  NH1   . ARG A 1 150 ? 8.404   -30.177 35.050  1.00 38.78 ? 144  ARG A NH1   1 
ATOM   1187 N  NH2   . ARG A 1 150 ? 8.143   -28.010 34.415  1.00 39.05 ? 144  ARG A NH2   1 
ATOM   1188 N  N     . THR A 1 151 ? 6.954   -34.036 33.513  1.00 37.68 ? 145  THR A N     1 
ATOM   1189 C  CA    . THR A 1 151 ? 6.068   -33.974 34.688  1.00 37.91 ? 145  THR A CA    1 
ATOM   1190 C  C     . THR A 1 151 ? 5.622   -32.516 35.038  1.00 37.66 ? 145  THR A C     1 
ATOM   1191 O  O     . THR A 1 151 ? 4.551   -32.025 34.664  1.00 36.34 ? 145  THR A O     1 
ATOM   1192 C  CB    . THR A 1 151 ? 6.641   -34.868 35.824  1.00 38.56 ? 145  THR A CB    1 
ATOM   1193 O  OG1   . THR A 1 151 ? 7.130   -36.075 35.213  1.00 40.06 ? 145  THR A OG1   1 
ATOM   1194 C  CG2   . THR A 1 151 ? 5.582   -35.234 36.954  1.00 39.02 ? 145  THR A CG2   1 
ATOM   1195 N  N     . LEU A 1 152 ? 6.310   -31.726 35.662  1.00 37.90 ? 146  LEU A N     1 
HETATM 1196 NI NI    . NI  B 2 .   ? 3.873   -32.991 -16.635 0.33 43.64 ? 1147 NI  A NI    1 
HETATM 1197 NI NI    . NI  C 2 .   ? 1.841   -25.736 -5.284  0.33 34.18 ? 1148 NI  A NI    1 
HETATM 1198 C  C1B   . LMU D 3 .   ? -0.006  20.939  8.003   1.00 88.39 ? 1149 LMU A C1B   1 
HETATM 1199 C  C2B   . LMU D 3 .   ? -1.263  21.284  7.128   1.00 90.31 ? 1149 LMU A C2B   1 
HETATM 1200 C  C3B   . LMU D 3 .   ? -0.993  22.185  5.906   1.00 90.17 ? 1149 LMU A C3B   1 
HETATM 1201 C  C4B   . LMU D 3 .   ? 0.187   23.188  6.119   1.00 92.70 ? 1149 LMU A C4B   1 
HETATM 1202 C  C5B   . LMU D 3 .   ? 0.733   22.960  7.573   1.00 94.73 ? 1149 LMU A C5B   1 
HETATM 1203 C  C6B   . LMU D 3 .   ? 1.611   23.967  8.366   1.00 96.13 ? 1149 LMU A C6B   1 
HETATM 1204 O  O1B   . LMU D 3 .   ? 0.272   19.552  8.125   1.00 80.39 ? 1149 LMU A O1B   1 
HETATM 1205 O  O2B   . LMU D 3 .   ? -2.352  21.852  7.931   1.00 90.99 ? 1149 LMU A O2B   1 
HETATM 1206 O  O3B   . LMU D 3 .   ? -2.268  22.783  5.612   1.00 87.74 ? 1149 LMU A O3B   1 
HETATM 1207 O  "O4'" . LMU D 3 .   ? 1.205   23.063  5.088   1.00 89.99 ? 1149 LMU A "O4'" 1 
HETATM 1208 O  O5B   . LMU D 3 .   ? 1.215   21.614  7.648   1.00 92.28 ? 1149 LMU A O5B   1 
HETATM 1209 O  O6B   . LMU D 3 .   ? 2.480   23.293  9.310   1.00 99.22 ? 1149 LMU A O6B   1 
HETATM 1210 C  "C1'" . LMU D 3 .   ? -0.249  16.541  10.344  1.00 66.28 ? 1149 LMU A "C1'" 1 
HETATM 1211 C  "C2'" . LMU D 3 .   ? -1.203  17.706  10.810  1.00 68.48 ? 1149 LMU A "C2'" 1 
HETATM 1212 C  "C3'" . LMU D 3 .   ? -1.062  19.001  9.975   1.00 69.12 ? 1149 LMU A "C3'" 1 
HETATM 1213 C  "C4'" . LMU D 3 .   ? 0.395   19.288  9.513   1.00 71.67 ? 1149 LMU A "C4'" 1 
HETATM 1214 C  "C5'" . LMU D 3 .   ? 1.503   18.203  9.701   1.00 68.25 ? 1149 LMU A "C5'" 1 
HETATM 1215 C  "C6'" . LMU D 3 .   ? 2.240   18.398  11.065  1.00 65.46 ? 1149 LMU A "C6'" 1 
HETATM 1216 O  "O1'" . LMU D 3 .   ? -0.947  15.389  9.850   1.00 61.22 ? 1149 LMU A "O1'" 1 
HETATM 1217 O  "O2'" . LMU D 3 .   ? -2.600  17.350  10.960  1.00 69.28 ? 1149 LMU A "O2'" 1 
HETATM 1218 O  "O3'" . LMU D 3 .   ? -1.695  20.171  10.590  1.00 65.82 ? 1149 LMU A "O3'" 1 
HETATM 1219 O  "O5'" . LMU D 3 .   ? 0.896   16.909  9.480   1.00 64.23 ? 1149 LMU A "O5'" 1 
HETATM 1220 O  "O6'" . LMU D 3 .   ? 3.522   17.799  11.224  1.00 55.59 ? 1149 LMU A "O6'" 1 
HETATM 1221 C  C1    . LMU D 3 .   ? -0.340  14.223  10.391  1.00 59.74 ? 1149 LMU A C1    1 
HETATM 1222 C  C2    . LMU D 3 .   ? -1.293  13.036  10.559  1.00 58.38 ? 1149 LMU A C2    1 
HETATM 1223 C  C3    . LMU D 3 .   ? -1.069  12.078  9.393   1.00 53.65 ? 1149 LMU A C3    1 
HETATM 1224 C  C4    . LMU D 3 .   ? -1.260  10.640  9.802   1.00 47.24 ? 1149 LMU A C4    1 
HETATM 1225 C  C5    . LMU D 3 .   ? -1.249  9.881   8.484   1.00 45.00 ? 1149 LMU A C5    1 
HETATM 1226 C  C6    . LMU D 3 .   ? 0.112   9.633   7.843   1.00 40.50 ? 1149 LMU A C6    1 
HETATM 1227 C  C7    . LMU D 3 .   ? 0.890   8.715   8.739   1.00 38.80 ? 1149 LMU A C7    1 
HETATM 1228 C  C8    . LMU D 3 .   ? 1.546   7.641   7.886   1.00 39.22 ? 1149 LMU A C8    1 
HETATM 1229 C  C9    . LMU D 3 .   ? 1.390   6.300   8.604   1.00 41.72 ? 1149 LMU A C9    1 
HETATM 1230 C  C10   . LMU D 3 .   ? 1.835   5.034   7.853   1.00 40.00 ? 1149 LMU A C10   1 
HETATM 1231 C  C11   . LMU D 3 .   ? 0.776   3.944   7.984   1.00 42.73 ? 1149 LMU A C11   1 
HETATM 1232 C  C12   . LMU D 3 .   ? 1.364   2.542   7.745   1.00 45.65 ? 1149 LMU A C12   1 
HETATM 1233 N  N1    . GSH E 4 .   ? 8.082   12.404  3.084   1.00 17.29 ? 1150 GSH A N1    1 
HETATM 1234 C  CA1   . GSH E 4 .   ? 7.497   12.750  4.339   1.00 23.56 ? 1150 GSH A CA1   1 
HETATM 1235 C  C1    . GSH E 4 .   ? 7.239   14.268  4.324   1.00 22.82 ? 1150 GSH A C1    1 
HETATM 1236 O  O11   . GSH E 4 .   ? 6.305   14.873  4.877   1.00 21.17 ? 1150 GSH A O11   1 
HETATM 1237 O  O12   . GSH E 4 .   ? 8.137   14.894  3.760   1.00 19.19 ? 1150 GSH A O12   1 
HETATM 1238 C  CB1   . GSH E 4 .   ? 6.639   11.673  5.007   1.00 15.79 ? 1150 GSH A CB1   1 
HETATM 1239 C  CG1   . GSH E 4 .   ? 5.892   12.094  6.244   1.00 14.16 ? 1150 GSH A CG1   1 
HETATM 1240 C  CD1   . GSH E 4 .   ? 4.504   12.322  5.651   1.00 15.20 ? 1150 GSH A CD1   1 
HETATM 1241 O  OE1   . GSH E 4 .   ? 3.954   11.470  4.751   1.00 19.82 ? 1150 GSH A OE1   1 
HETATM 1242 N  N2    . GSH E 4 .   ? 3.795   13.455  5.869   1.00 21.49 ? 1150 GSH A N2    1 
HETATM 1243 C  CA2   . GSH E 4 .   ? 2.433   13.764  5.314   1.00 16.91 ? 1150 GSH A CA2   1 
HETATM 1244 C  C2    . GSH E 4 .   ? 2.539   14.549  4.029   1.00 18.28 ? 1150 GSH A C2    1 
HETATM 1245 O  O2    . GSH E 4 .   ? 1.438   14.861  3.304   1.00 19.19 ? 1150 GSH A O2    1 
HETATM 1246 C  CB2   . GSH E 4 .   ? 1.679   14.713  6.284   1.00 19.79 ? 1150 GSH A CB2   1 
HETATM 1247 S  SG2   . GSH E 4 .   ? 2.688   16.146  6.750   1.00 19.29 ? 1150 GSH A SG2   1 
HETATM 1248 N  N3    . GSH E 4 .   ? 3.700   15.032  3.591   1.00 17.33 ? 1150 GSH A N3    1 
HETATM 1249 C  CA3   . GSH E 4 .   ? 3.778   16.014  2.530   1.00 21.49 ? 1150 GSH A CA3   1 
HETATM 1250 C  C3    . GSH E 4 .   ? 4.865   15.660  1.515   1.00 23.39 ? 1150 GSH A C3    1 
HETATM 1251 O  O31   . GSH E 4 .   ? 5.490   14.553  1.516   1.00 18.18 ? 1150 GSH A O31   1 
HETATM 1252 O  O32   . GSH E 4 .   ? 5.117   16.496  0.608   1.00 22.21 ? 1150 GSH A O32   1 
HETATM 1253 C  C1    . PAM F 5 .   ? -2.383  -18.895 -0.165  1.00 66.81 ? 1151 PAM A C1    1 
HETATM 1254 O  O1    . PAM F 5 .   ? -2.720  -19.604 0.850   1.00 66.56 ? 1151 PAM A O1    1 
HETATM 1255 O  O2    . PAM F 5 .   ? -3.096  -17.900 -0.519  1.00 64.62 ? 1151 PAM A O2    1 
HETATM 1256 C  C2    . PAM F 5 .   ? -1.137  -19.263 -0.976  1.00 64.42 ? 1151 PAM A C2    1 
HETATM 1257 C  C3    . PAM F 5 .   ? -0.891  -18.215 -2.058  1.00 60.12 ? 1151 PAM A C3    1 
HETATM 1258 C  C4    . PAM F 5 .   ? 0.109   -18.661 -3.117  1.00 59.14 ? 1151 PAM A C4    1 
HETATM 1259 C  C5    . PAM F 5 .   ? 1.543   -18.780 -2.613  1.00 56.91 ? 1151 PAM A C5    1 
HETATM 1260 C  C6    . PAM F 5 .   ? 2.252   -17.446 -2.715  1.00 54.09 ? 1151 PAM A C6    1 
HETATM 1261 C  C7    . PAM F 5 .   ? 3.508   -17.490 -1.866  1.00 51.22 ? 1151 PAM A C7    1 
HETATM 1262 C  C8    . PAM F 5 .   ? 4.399   -16.284 -2.177  1.00 47.04 ? 1151 PAM A C8    1 
HETATM 1263 C  C9    . PAM F 5 .   ? 3.715   -14.914 -2.346  1.00 46.76 ? 1151 PAM A C9    1 
HETATM 1264 C  C10   . PAM F 5 .   ? 4.807   -13.832 -2.510  1.00 44.05 ? 1151 PAM A C10   1 
HETATM 1265 C  C11   . PAM F 5 .   ? 4.369   -12.389 -2.570  1.00 41.17 ? 1151 PAM A C11   1 
HETATM 1266 C  C12   . PAM F 5 .   ? 5.196   -11.602 -1.565  1.00 37.05 ? 1151 PAM A C12   1 
HETATM 1267 C  C13   . PAM F 5 .   ? 5.416   -10.212 -2.111  1.00 33.21 ? 1151 PAM A C13   1 
HETATM 1268 C  C14   . PAM F 5 .   ? 5.861   -9.187  -1.059  1.00 35.38 ? 1151 PAM A C14   1 
HETATM 1269 C  C15   . PAM F 5 .   ? 6.024   -7.835  -1.751  1.00 35.82 ? 1151 PAM A C15   1 
HETATM 1270 C  C16   . PAM F 5 .   ? 7.453   -7.430  -1.484  1.00 36.18 ? 1151 PAM A C16   1 
HETATM 1271 C  C1    . PLM G 6 .   ? -4.898  -21.434 21.204  1.00 39.81 ? 1152 PLM A C1    1 
HETATM 1272 C  C2    . PLM G 6 .   ? -3.898  -22.407 20.601  1.00 39.10 ? 1152 PLM A C2    1 
HETATM 1273 C  C3    . PLM G 6 .   ? -2.846  -22.848 21.584  1.00 35.98 ? 1152 PLM A C3    1 
HETATM 1274 C  C4    . PLM G 6 .   ? -2.728  -24.357 21.774  1.00 40.15 ? 1152 PLM A C4    1 
HETATM 1275 C  C5    . PLM G 6 .   ? -1.663  -25.114 20.988  1.00 36.54 ? 1152 PLM A C5    1 
HETATM 1276 C  C6    . PLM G 6 .   ? -2.389  -26.143 20.115  1.00 37.54 ? 1152 PLM A C6    1 
HETATM 1277 C  C7    . PLM G 6 .   ? -1.591  -27.046 19.183  1.00 36.68 ? 1152 PLM A C7    1 
HETATM 1278 C  C8    . PLM G 6 .   ? -1.894  -26.785 17.710  1.00 41.16 ? 1152 PLM A C8    1 
HETATM 1279 C  C9    . PLM G 6 .   ? -1.641  -27.955 16.763  1.00 44.23 ? 1152 PLM A C9    1 
HETATM 1280 C  CA    . PLM G 6 .   ? -0.592  -27.577 15.715  1.00 47.26 ? 1152 PLM A CA    1 
HETATM 1281 C  C1    . PLM H 6 .   ? 3.265   -10.868 14.267  1.00 45.82 ? 1153 PLM A C1    1 
HETATM 1282 C  C2    . PLM H 6 .   ? 4.414   -11.661 13.610  1.00 45.75 ? 1153 PLM A C2    1 
HETATM 1283 C  C3    . PLM H 6 .   ? 5.019   -12.724 14.548  1.00 42.36 ? 1153 PLM A C3    1 
HETATM 1284 C  C4    . PLM H 6 .   ? 6.201   -13.427 13.867  1.00 39.54 ? 1153 PLM A C4    1 
HETATM 1285 C  C5    . PLM H 6 .   ? 7.005   -14.339 14.783  1.00 37.76 ? 1153 PLM A C5    1 
HETATM 1286 C  C6    . PLM H 6 .   ? 7.992   -15.217 14.033  1.00 36.66 ? 1153 PLM A C6    1 
HETATM 1287 C  C7    . PLM H 6 .   ? 8.932   -16.057 14.929  1.00 37.90 ? 1153 PLM A C7    1 
HETATM 1288 C  C8    . PLM H 6 .   ? 9.092   -17.498 14.392  1.00 39.17 ? 1153 PLM A C8    1 
HETATM 1289 C  C9    . PLM H 6 .   ? 10.215  -18.445 14.865  1.00 41.51 ? 1153 PLM A C9    1 
HETATM 1290 C  CA    . PLM H 6 .   ? 10.135  -19.846 14.186  1.00 39.52 ? 1153 PLM A CA    1 
HETATM 1291 C  C1    . PLM I 6 .   ? -9.553  12.490  -12.743 1.00 49.57 ? 1154 PLM A C1    1 
HETATM 1292 C  C2    . PLM I 6 .   ? -9.397  11.116  -13.391 1.00 49.65 ? 1154 PLM A C2    1 
HETATM 1293 C  C3    . PLM I 6 .   ? -8.138  10.446  -12.847 1.00 44.94 ? 1154 PLM A C3    1 
HETATM 1294 C  C4    . PLM I 6 .   ? -7.518  9.448   -13.814 1.00 41.84 ? 1154 PLM A C4    1 
HETATM 1295 C  C5    . PLM I 6 .   ? -6.891  8.367   -12.945 1.00 38.05 ? 1154 PLM A C5    1 
HETATM 1296 C  C6    . PLM I 6 .   ? -6.389  7.132   -13.664 1.00 41.48 ? 1154 PLM A C6    1 
HETATM 1297 C  C7    . PLM I 6 .   ? -6.208  5.998   -12.647 1.00 42.77 ? 1154 PLM A C7    1 
HETATM 1298 C  C8    . PLM I 6 .   ? -6.108  4.631   -13.290 1.00 42.18 ? 1154 PLM A C8    1 
HETATM 1299 S  S     . SO4 J 7 .   ? -2.306  25.932  1.307   0.50 38.20 ? 1155 SO4 A S     1 
HETATM 1300 O  O1    . SO4 J 7 .   ? -3.560  26.314  0.588   0.50 37.58 ? 1155 SO4 A O1    1 
HETATM 1301 O  O2    . SO4 J 7 .   ? -1.365  25.345  0.315   0.50 32.09 ? 1155 SO4 A O2    1 
HETATM 1302 O  O3    . SO4 J 7 .   ? -1.703  27.152  1.877   0.50 35.26 ? 1155 SO4 A O3    1 
HETATM 1303 O  O4    . SO4 J 7 .   ? -2.774  25.017  2.366   0.50 30.18 ? 1155 SO4 A O4    1 
HETATM 1304 C  C1    . PLM K 6 .   ? 8.436   -9.787  14.110  1.00 48.53 ? 1156 PLM A C1    1 
HETATM 1305 C  C2    . PLM K 6 .   ? 9.350   -10.193 12.968  1.00 44.77 ? 1156 PLM A C2    1 
HETATM 1306 C  C3    . PLM K 6 .   ? 10.341  -11.300 13.398  1.00 44.35 ? 1156 PLM A C3    1 
HETATM 1307 C  C4    . PLM K 6 .   ? 10.853  -12.161 12.217  1.00 38.32 ? 1156 PLM A C4    1 
HETATM 1308 C  C5    . PLM K 6 .   ? 11.612  -13.374 12.723  1.00 37.07 ? 1156 PLM A C5    1 
HETATM 1309 C  C6    . PLM K 6 .   ? 12.700  -13.951 11.820  1.00 35.48 ? 1156 PLM A C6    1 
HETATM 1310 C  C7    . PLM K 6 .   ? 13.475  -14.993 12.620  1.00 37.05 ? 1156 PLM A C7    1 
HETATM 1311 C  C8    . PLM K 6 .   ? 14.587  -15.743 11.832  1.00 37.63 ? 1156 PLM A C8    1 
HETATM 1312 C  C9    . PLM K 6 .   ? 14.873  -17.190 12.290  1.00 39.61 ? 1156 PLM A C9    1 
HETATM 1313 C  CA    . PLM K 6 .   ? 16.127  -17.897 11.670  1.00 36.56 ? 1156 PLM A CA    1 
HETATM 1314 C  C1    . PLM L 6 .   ? 4.433   -15.192 18.253  1.00 48.99 ? 1157 PLM A C1    1 
HETATM 1315 C  C2    . PLM L 6 .   ? 5.500   -16.252 18.106  1.00 48.28 ? 1157 PLM A C2    1 
HETATM 1316 C  C3    . PLM L 6 .   ? 6.682   -16.056 19.055  1.00 50.96 ? 1157 PLM A C3    1 
HETATM 1317 C  C4    . PLM L 6 .   ? 7.749   -17.119 18.705  1.00 54.37 ? 1157 PLM A C4    1 
HETATM 1318 C  C5    . PLM L 6 .   ? 8.863   -17.326 19.749  1.00 55.82 ? 1157 PLM A C5    1 
HETATM 1319 O  O     . HOH M 8 .   ? 1.116   -30.361 -9.829  1.00 45.84 ? 2001 HOH A O     1 
HETATM 1320 O  O     . HOH M 8 .   ? 16.954  28.652  -2.674  0.33 23.22 ? 2002 HOH A O     1 
HETATM 1321 O  O     . HOH M 8 .   ? 14.778  29.184  -1.577  1.00 56.67 ? 2003 HOH A O     1 
HETATM 1322 O  O     . HOH M 8 .   ? 3.423   -30.641 -9.562  1.00 44.03 ? 2004 HOH A O     1 
HETATM 1323 O  O     . HOH M 8 .   ? 9.466   -26.079 -16.082 1.00 54.21 ? 2005 HOH A O     1 
HETATM 1324 O  O     . HOH M 8 .   ? 7.959   -27.827 -19.319 1.00 42.68 ? 2006 HOH A O     1 
HETATM 1325 O  O     . HOH M 8 .   ? -1.874  -22.262 -19.987 1.00 56.29 ? 2007 HOH A O     1 
HETATM 1326 O  O     . HOH M 8 .   ? 16.962  31.775  -5.513  1.00 70.24 ? 2008 HOH A O     1 
HETATM 1327 O  O     . HOH M 8 .   ? 18.191  32.250  -3.549  1.00 56.00 ? 2009 HOH A O     1 
HETATM 1328 O  O     . HOH M 8 .   ? 17.096  30.445  -1.619  0.33 9.55  ? 2010 HOH A O     1 
HETATM 1329 O  O     . HOH M 8 .   ? -0.694  13.641  -19.400 1.00 50.16 ? 2011 HOH A O     1 
HETATM 1330 O  O     . HOH M 8 .   ? -7.013  9.963   -17.659 1.00 42.75 ? 2012 HOH A O     1 
HETATM 1331 O  O     . HOH M 8 .   ? -2.415  -20.182 -18.475 1.00 52.19 ? 2013 HOH A O     1 
HETATM 1332 O  O     . HOH M 8 .   ? -2.747  11.883  -20.242 1.00 52.43 ? 2014 HOH A O     1 
HETATM 1333 O  O     . HOH M 8 .   ? 9.181   30.860  -16.223 1.00 54.06 ? 2015 HOH A O     1 
HETATM 1334 O  O     . HOH M 8 .   ? 17.187  27.632  -7.277  1.00 52.97 ? 2016 HOH A O     1 
HETATM 1335 O  O     . HOH M 8 .   ? 14.302  31.483  -5.870  1.00 56.43 ? 2017 HOH A O     1 
HETATM 1336 O  O     . HOH M 8 .   ? 7.849   30.863  -3.930  1.00 28.01 ? 2018 HOH A O     1 
HETATM 1337 O  O     . HOH M 8 .   ? 5.575   26.950  0.748   1.00 38.76 ? 2019 HOH A O     1 
HETATM 1338 O  O     . HOH M 8 .   ? 14.550  27.291  -4.163  1.00 46.99 ? 2020 HOH A O     1 
HETATM 1339 O  O     . HOH M 8 .   ? 13.939  16.277  -2.876  0.33 44.69 ? 2021 HOH A O     1 
HETATM 1340 O  O     . HOH M 8 .   ? 10.434  4.269   -3.549  0.33 21.66 ? 2022 HOH A O     1 
HETATM 1341 O  O     . HOH M 8 .   ? 12.458  11.898  -2.441  0.33 18.06 ? 2023 HOH A O     1 
HETATM 1342 O  O     . HOH M 8 .   ? -2.532  6.318   -17.059 1.00 43.02 ? 2024 HOH A O     1 
HETATM 1343 O  O     . HOH M 8 .   ? -0.541  5.109   -4.631  1.00 23.53 ? 2025 HOH A O     1 
HETATM 1344 O  O     . HOH M 8 .   ? -6.479  14.358  -15.966 1.00 41.31 ? 2026 HOH A O     1 
HETATM 1345 O  O     . HOH M 8 .   ? 6.991   7.039   -10.602 1.00 36.05 ? 2027 HOH A O     1 
HETATM 1346 O  O     . HOH M 8 .   ? -13.486 -13.088 -1.446  1.00 47.83 ? 2028 HOH A O     1 
HETATM 1347 O  O     . HOH M 8 .   ? 1.907   14.411  -19.267 1.00 27.46 ? 2029 HOH A O     1 
HETATM 1348 O  O     . HOH M 8 .   ? -2.378  12.891  -17.893 1.00 42.51 ? 2030 HOH A O     1 
HETATM 1349 O  O     . HOH M 8 .   ? -0.511  18.590  -13.682 1.00 35.62 ? 2031 HOH A O     1 
HETATM 1350 O  O     . HOH M 8 .   ? -2.518  17.949  -11.364 1.00 38.07 ? 2032 HOH A O     1 
HETATM 1351 O  O     . HOH M 8 .   ? -2.728  16.862  -18.671 1.00 48.95 ? 2033 HOH A O     1 
HETATM 1352 O  O     . HOH M 8 .   ? 1.103   21.237  -19.740 1.00 43.78 ? 2034 HOH A O     1 
HETATM 1353 O  O     . HOH M 8 .   ? 1.010   18.913  -20.960 1.00 40.95 ? 2035 HOH A O     1 
HETATM 1354 O  O     . HOH M 8 .   ? 5.463   14.699  -22.828 1.00 51.78 ? 2036 HOH A O     1 
HETATM 1355 O  O     . HOH M 8 .   ? 2.445   16.968  -21.013 1.00 46.63 ? 2037 HOH A O     1 
HETATM 1356 O  O     . HOH M 8 .   ? -10.568 18.930  3.291   1.00 41.58 ? 2038 HOH A O     1 
HETATM 1357 O  O     . HOH M 8 .   ? -8.930  18.243  6.920   1.00 37.80 ? 2039 HOH A O     1 
HETATM 1358 O  O     . HOH M 8 .   ? 9.084   28.662  -12.564 1.00 45.47 ? 2040 HOH A O     1 
HETATM 1359 O  O     . HOH M 8 .   ? 13.051  27.487  -13.667 1.00 32.67 ? 2041 HOH A O     1 
HETATM 1360 O  O     . HOH M 8 .   ? 3.444   31.477  -19.197 0.33 39.27 ? 2042 HOH A O     1 
HETATM 1361 O  O     . HOH M 8 .   ? 10.533  28.736  -14.712 1.00 45.62 ? 2043 HOH A O     1 
HETATM 1362 O  O     . HOH M 8 .   ? 3.820   27.421  -20.334 1.00 45.82 ? 2044 HOH A O     1 
HETATM 1363 O  O     . HOH M 8 .   ? -8.480  13.683  12.463  1.00 57.66 ? 2045 HOH A O     1 
HETATM 1364 O  O     . HOH M 8 .   ? 16.554  23.535  -15.015 1.00 41.63 ? 2046 HOH A O     1 
HETATM 1365 O  O     . HOH M 8 .   ? 13.657  25.515  -15.303 1.00 43.50 ? 2047 HOH A O     1 
HETATM 1366 O  O     . HOH M 8 .   ? 14.706  26.015  -18.234 1.00 35.53 ? 2048 HOH A O     1 
HETATM 1367 O  O     . HOH M 8 .   ? 0.581   -4.217  14.693  1.00 49.34 ? 2049 HOH A O     1 
HETATM 1368 O  O     . HOH M 8 .   ? -0.717  9.255   13.705  1.00 42.63 ? 2050 HOH A O     1 
HETATM 1369 O  O     . HOH M 8 .   ? 18.321  22.207  -17.285 1.00 40.60 ? 2051 HOH A O     1 
HETATM 1370 O  O     . HOH M 8 .   ? 17.603  19.471  -8.168  1.00 25.16 ? 2052 HOH A O     1 
HETATM 1371 O  O     . HOH M 8 .   ? 10.661  20.157  -3.950  1.00 37.11 ? 2053 HOH A O     1 
HETATM 1372 O  O     . HOH M 8 .   ? 12.111  26.751  -10.651 1.00 27.90 ? 2054 HOH A O     1 
HETATM 1373 O  O     . HOH M 8 .   ? 13.339  27.309  -8.441  1.00 49.68 ? 2055 HOH A O     1 
HETATM 1374 O  O     . HOH M 8 .   ? 8.086   28.142  -3.880  1.00 37.25 ? 2056 HOH A O     1 
HETATM 1375 O  O     . HOH M 8 .   ? 6.076   -21.973 13.020  1.00 46.56 ? 2057 HOH A O     1 
HETATM 1376 O  O     . HOH M 8 .   ? 9.403   30.467  -8.188  1.00 52.29 ? 2058 HOH A O     1 
HETATM 1377 O  O     . HOH M 8 .   ? 6.125   -19.009 24.219  1.00 51.94 ? 2059 HOH A O     1 
HETATM 1378 O  O     . HOH M 8 .   ? 11.251  26.968  -4.123  1.00 47.24 ? 2060 HOH A O     1 
HETATM 1379 O  O     . HOH M 8 .   ? 6.749   26.017  -2.122  1.00 38.31 ? 2061 HOH A O     1 
HETATM 1380 O  O     . HOH M 8 .   ? 0.110   28.361  -4.720  1.00 35.88 ? 2062 HOH A O     1 
HETATM 1381 O  O     . HOH M 8 .   ? -2.049  27.874  -5.943  1.00 41.79 ? 2063 HOH A O     1 
HETATM 1382 O  O     . HOH M 8 .   ? 11.732  17.474  -2.532  1.00 27.31 ? 2064 HOH A O     1 
HETATM 1383 O  O     . HOH M 8 .   ? 9.288   8.940   -3.445  1.00 25.28 ? 2065 HOH A O     1 
HETATM 1384 O  O     . HOH M 8 .   ? 7.218   3.858   -6.025  1.00 28.20 ? 2066 HOH A O     1 
HETATM 1385 O  O     . HOH M 8 .   ? 6.145   5.885   -8.273  1.00 26.41 ? 2067 HOH A O     1 
HETATM 1386 O  O     . HOH M 8 .   ? 9.940   6.616   -4.150  1.00 32.02 ? 2068 HOH A O     1 
HETATM 1387 O  O     . HOH M 8 .   ? 9.588   12.392  0.642   1.00 41.63 ? 2069 HOH A O     1 
HETATM 1388 O  O     . HOH M 8 .   ? 10.892  9.554   -1.192  1.00 33.59 ? 2070 HOH A O     1 
HETATM 1389 O  O     . HOH M 8 .   ? -5.425  -17.566 4.290   1.00 43.75 ? 2071 HOH A O     1 
HETATM 1390 O  O     . HOH M 8 .   ? -2.489  -17.133 8.415   1.00 28.51 ? 2072 HOH A O     1 
HETATM 1391 O  O     . HOH M 8 .   ? -14.271 -16.236 2.616   1.00 45.79 ? 2073 HOH A O     1 
HETATM 1392 O  O     . HOH M 8 .   ? -8.357  -15.772 0.680   1.00 31.64 ? 2074 HOH A O     1 
HETATM 1393 O  O     . HOH M 8 .   ? -7.855  -14.692 -6.768  1.00 24.02 ? 2075 HOH A O     1 
HETATM 1394 O  O     . HOH M 8 .   ? -11.003 -14.150 -1.193  1.00 30.72 ? 2076 HOH A O     1 
HETATM 1395 O  O     . HOH M 8 .   ? -14.683 -9.060  0.162   1.00 51.50 ? 2077 HOH A O     1 
HETATM 1396 O  O     . HOH M 8 .   ? -11.748 2.704   -6.318  1.00 47.22 ? 2078 HOH A O     1 
HETATM 1397 O  O     . HOH M 8 .   ? -11.011 5.804   -0.308  1.00 32.51 ? 2079 HOH A O     1 
HETATM 1398 O  O     . HOH M 8 .   ? 0.939   4.975   -2.450  1.00 15.99 ? 2080 HOH A O     1 
HETATM 1399 O  O     . HOH M 8 .   ? -8.293  4.251   -8.681  1.00 45.99 ? 2081 HOH A O     1 
HETATM 1400 O  O     . HOH M 8 .   ? -9.409  15.518  -3.336  1.00 31.96 ? 2082 HOH A O     1 
HETATM 1401 O  O     . HOH M 8 .   ? -11.301 12.219  1.970   1.00 32.45 ? 2083 HOH A O     1 
HETATM 1402 O  O     . HOH M 8 .   ? -6.199  18.804  -8.419  1.00 30.49 ? 2084 HOH A O     1 
HETATM 1403 O  O     . HOH M 8 .   ? -11.739 11.791  -7.127  1.00 46.75 ? 2085 HOH A O     1 
HETATM 1404 O  O     . HOH M 8 .   ? -11.529 12.275  -10.779 1.00 60.69 ? 2086 HOH A O     1 
HETATM 1405 O  O     . HOH M 8 .   ? -0.922  22.532  -8.362  1.00 38.19 ? 2087 HOH A O     1 
HETATM 1406 O  O     . HOH M 8 .   ? -13.519 22.697  -2.142  1.00 55.08 ? 2088 HOH A O     1 
HETATM 1407 O  O     . HOH M 8 .   ? -5.967  25.462  -6.516  1.00 40.98 ? 2089 HOH A O     1 
HETATM 1408 O  O     . HOH M 8 .   ? -7.520  24.643  0.847   0.50 17.68 ? 2090 HOH A O     1 
HETATM 1409 O  O     . HOH M 8 .   ? -10.701 21.940  3.547   1.00 30.52 ? 2091 HOH A O     1 
HETATM 1410 O  O     . HOH M 8 .   ? -8.173  18.381  4.171   1.00 26.59 ? 2092 HOH A O     1 
HETATM 1411 O  O     . HOH M 8 .   ? -9.561  17.321  0.230   1.00 23.56 ? 2093 HOH A O     1 
HETATM 1412 O  O     . HOH M 8 .   ? -8.431  16.267  12.272  1.00 47.54 ? 2094 HOH A O     1 
HETATM 1413 O  O     . HOH M 8 .   ? -5.836  12.121  12.488  1.00 51.79 ? 2095 HOH A O     1 
HETATM 1414 O  O     . HOH M 8 .   ? -10.450 5.037   4.579   1.00 35.64 ? 2096 HOH A O     1 
HETATM 1415 O  O     . HOH M 8 .   ? -0.727  6.599   3.398   1.00 30.94 ? 2097 HOH A O     1 
HETATM 1416 O  O     . HOH M 8 .   ? -10.358 11.526  6.512   1.00 30.70 ? 2098 HOH A O     1 
HETATM 1417 O  O     . HOH M 8 .   ? -2.029  -1.969  14.060  1.00 48.45 ? 2099 HOH A O     1 
HETATM 1418 O  O     . HOH M 8 .   ? -0.869  6.800   14.693  1.00 38.42 ? 2100 HOH A O     1 
HETATM 1419 O  O     . HOH M 8 .   ? -4.028  -6.254  15.704  1.00 43.72 ? 2101 HOH A O     1 
HETATM 1420 O  O     . HOH M 8 .   ? 1.307   -22.699 14.195  1.00 34.44 ? 2102 HOH A O     1 
HETATM 1421 O  O     . HOH M 8 .   ? 6.454   -21.148 9.008   1.00 40.48 ? 2103 HOH A O     1 
HETATM 1422 O  O     . HOH M 8 .   ? 5.842   -20.746 15.448  1.00 30.94 ? 2104 HOH A O     1 
HETATM 1423 O  O     . HOH M 8 .   ? 4.945   -26.937 18.057  1.00 38.33 ? 2105 HOH A O     1 
HETATM 1424 O  O     . HOH M 8 .   ? 8.116   -21.545 21.761  1.00 39.06 ? 2106 HOH A O     1 
HETATM 1425 O  O     . HOH M 8 .   ? 4.831   -18.065 22.716  1.00 40.66 ? 2107 HOH A O     1 
HETATM 1426 O  O     . HOH M 8 .   ? 9.173   -28.012 22.977  1.00 46.32 ? 2108 HOH A O     1 
HETATM 1427 O  O     . HOH M 8 .   ? 8.558   -24.177 27.984  1.00 47.19 ? 2109 HOH A O     1 
HETATM 1428 O  O     . HOH M 8 .   ? 6.678   -34.220 26.386  1.00 54.04 ? 2110 HOH A O     1 
HETATM 1429 O  O     . HOH M 8 .   ? 9.492   -31.967 23.854  1.00 51.34 ? 2111 HOH A O     1 
HETATM 1430 O  O     . HOH M 8 .   ? 7.994   -34.345 24.764  1.00 60.67 ? 2112 HOH A O     1 
HETATM 1431 O  O     . HOH M 8 .   ? 11.920  -25.900 31.610  1.00 53.11 ? 2113 HOH A O     1 
HETATM 1432 O  O     . HOH M 8 .   ? 2.795   -23.201 31.777  1.00 55.24 ? 2114 HOH A O     1 
HETATM 1433 O  O     . HOH M 8 .   ? 2.559   -35.804 32.192  1.00 38.19 ? 2115 HOH A O     1 
HETATM 1434 O  O     . HOH M 8 .   ? 8.302   -32.023 29.065  1.00 48.46 ? 2116 HOH A O     1 
HETATM 1435 O  O     . HOH M 8 .   ? 2.851   -30.761 34.576  1.00 50.12 ? 2117 HOH A O     1 
HETATM 1436 O  O     . HOH M 8 .   ? 9.688   -37.933 35.402  1.00 58.95 ? 2118 HOH A O     1 
HETATM 1437 O  O     . HOH M 8 .   ? 3.458   21.349  10.617  1.00 56.74 ? 2119 HOH A O     1 
HETATM 1438 O  O     . HOH M 8 .   ? -4.649  -15.897 -0.904  1.00 44.50 ? 2120 HOH A O     1 
HETATM 1439 O  O     . HOH M 8 .   ? -2.172  25.290  4.805   1.00 27.95 ? 2121 HOH A O     1 
HETATM 1440 O  O     . HOH M 8 .   ? 0.184   29.163  1.741   1.00 52.43 ? 2122 HOH A O     1 
# 
